data_6JSS
#
_entry.id   6JSS
#
_cell.length_a   51.491
_cell.length_b   51.648
_cell.length_c   135.291
_cell.angle_alpha   91.830
_cell.angle_beta   91.490
_cell.angle_gamma   95.780
#
_symmetry.space_group_name_H-M   'P 1'
#
loop_
_entity.id
_entity.type
_entity.pdbx_description
1 polymer Phosphotriesterase
2 non-polymer 'FE (III) ION'
3 non-polymer 'ZINC ION'
4 non-polymer 'HYDROXIDE ION'
5 water water
#
_entity_poly.entity_id   1
_entity_poly.type   'polypeptide(L)'
_entity_poly.pdbx_seq_one_letter_code
;GSHNMAEMVETVCGPVPVEQLGKTLIHEHFLFGYPGFQGDVTRGTFREDESLRVAVEAAEKMKRHGIQTVVDPTPNDCGR
NPAFLRRVAEETGLNIICATGYPYEGEGAPPYFQFRRLLGTAEDDIYDMFMAELTEGIADTGIKAGVI(KCX)LASSKGR
ITEYEKMFFRAAARAQKETGAVIITHTQEGTMGPEQAAYLLEHGADPKKIVIGHMCGNTDPDYHRKTLAYGVYIAFDRFG
IQGMVGAPTDEERVRTLLALLRDGYEKQIMLSHDTVNVWLGRPFTLPEPFAEMMKNWHVEHLFVNIIPALKNEGIRDEVL
EQMFIGNPAALFSA
;
_entity_poly.pdbx_strand_id   A,B,C,D
#
loop_
_chem_comp.id
_chem_comp.type
_chem_comp.name
_chem_comp.formula
FE non-polymer 'FE (III) ION' 'Fe 3'
OH non-polymer 'HYDROXIDE ION' 'H O -1'
ZN non-polymer 'ZINC ION' 'Zn 2'
#
# COMPACT_ATOMS: atom_id res chain seq x y z
N GLU A 7 18.62 31.13 16.98
CA GLU A 7 19.46 30.99 15.79
C GLU A 7 19.97 29.56 15.63
N MET A 8 20.43 28.92 16.71
CA MET A 8 20.86 27.52 16.69
C MET A 8 19.89 26.61 17.44
N VAL A 9 19.85 25.35 17.02
CA VAL A 9 19.22 24.28 17.79
C VAL A 9 20.23 23.14 17.90
N GLU A 10 20.23 22.47 19.05
CA GLU A 10 21.08 21.29 19.23
C GLU A 10 20.46 20.07 18.57
N THR A 11 21.23 19.42 17.71
CA THR A 11 20.87 18.16 17.09
C THR A 11 21.83 17.07 17.55
N VAL A 12 21.63 15.86 17.04
CA VAL A 12 22.54 14.77 17.34
C VAL A 12 23.89 14.95 16.67
N CYS A 13 23.99 15.92 15.77
CA CYS A 13 25.24 16.32 15.14
C CYS A 13 25.66 17.73 15.56
N GLY A 14 25.25 18.15 16.75
CA GLY A 14 25.62 19.46 17.24
C GLY A 14 24.75 20.58 16.73
N PRO A 15 25.15 21.81 17.02
CA PRO A 15 24.34 22.98 16.63
C PRO A 15 24.11 23.07 15.13
N VAL A 16 22.85 23.25 14.75
CA VAL A 16 22.48 23.54 13.37
C VAL A 16 21.66 24.82 13.37
N PRO A 17 21.88 25.75 12.43
CA PRO A 17 21.03 26.94 12.36
C PRO A 17 19.57 26.59 12.10
N VAL A 18 18.68 27.31 12.78
CA VAL A 18 17.25 27.01 12.69
C VAL A 18 16.74 27.24 11.26
N GLU A 19 17.26 28.27 10.59
CA GLU A 19 16.87 28.56 9.21
C GLU A 19 17.19 27.41 8.25
N GLN A 20 18.10 26.50 8.61
CA GLN A 20 18.46 25.37 7.77
C GLN A 20 17.70 24.08 8.12
N LEU A 21 16.76 24.12 9.09
CA LEU A 21 15.97 22.93 9.39
C LEU A 21 15.11 22.49 8.22
N GLY A 22 14.54 23.43 7.48
CA GLY A 22 13.74 23.02 6.32
C GLY A 22 12.51 22.20 6.70
N LYS A 23 12.05 21.42 5.72
CA LYS A 23 10.87 20.57 5.89
C LYS A 23 11.10 19.58 7.03
N THR A 24 10.15 19.53 7.97
CA THR A 24 10.40 18.90 9.27
C THR A 24 9.23 18.01 9.68
N LEU A 25 9.53 16.80 10.14
CA LEU A 25 8.53 15.97 10.79
C LEU A 25 8.74 16.11 12.30
N ILE A 26 7.69 16.59 12.98
CA ILE A 26 7.84 17.02 14.37
C ILE A 26 7.83 15.87 15.37
N HIS A 27 7.41 14.68 14.98
CA HIS A 27 7.29 13.55 15.96
C HIS A 27 7.42 12.18 15.30
N GLU A 28 8.63 11.61 15.30
CA GLU A 28 8.89 10.28 14.70
C GLU A 28 9.90 9.53 15.57
N HIS A 29 9.73 8.21 15.71
CA HIS A 29 10.63 7.39 16.54
C HIS A 29 11.46 6.42 15.69
N PHE A 30 12.75 6.66 15.58
CA PHE A 30 13.58 5.66 14.90
C PHE A 30 13.63 4.37 15.72
N LEU A 31 13.88 4.47 17.02
CA LEU A 31 13.81 3.36 17.96
C LEU A 31 12.75 3.66 19.01
N PHE A 32 12.06 2.63 19.47
CA PHE A 32 11.17 2.82 20.61
C PHE A 32 10.92 1.46 21.26
N GLY A 33 10.91 1.46 22.58
CA GLY A 33 10.53 0.27 23.33
C GLY A 33 9.65 0.66 24.50
N TYR A 34 8.61 -0.11 24.75
CA TYR A 34 7.76 0.14 25.91
C TYR A 34 8.52 -0.22 27.18
N PRO A 35 8.45 0.63 28.22
CA PRO A 35 9.13 0.32 29.47
C PRO A 35 8.80 -1.08 29.97
N GLY A 36 9.82 -1.77 30.43
CA GLY A 36 9.74 -3.20 30.63
C GLY A 36 10.42 -3.98 29.54
N PHE A 37 10.63 -3.37 28.36
CA PHE A 37 11.34 -4.07 27.30
C PHE A 37 12.72 -4.49 27.75
N GLN A 38 13.33 -3.74 28.69
CA GLN A 38 14.70 -4.03 29.10
C GLN A 38 14.80 -5.36 29.82
N GLY A 39 13.70 -5.87 30.35
CA GLY A 39 13.74 -7.14 31.05
C GLY A 39 13.69 -8.35 30.15
N ASP A 40 13.36 -8.16 28.87
CA ASP A 40 13.21 -9.26 27.91
C ASP A 40 14.43 -9.31 26.96
N VAL A 41 15.62 -9.12 27.52
CA VAL A 41 16.82 -8.94 26.71
C VAL A 41 17.21 -10.24 26.00
N THR A 42 16.91 -11.40 26.59
CA THR A 42 17.37 -12.66 26.01
C THR A 42 16.65 -12.96 24.70
N ARG A 43 15.35 -12.72 24.63
CA ARG A 43 14.60 -12.97 23.41
C ARG A 43 14.39 -11.72 22.59
N GLY A 44 14.80 -10.56 23.10
CA GLY A 44 14.54 -9.34 22.39
C GLY A 44 15.72 -8.42 22.41
N THR A 45 16.90 -8.97 22.13
CA THR A 45 18.11 -8.18 22.16
C THR A 45 18.15 -7.22 20.97
N PHE A 46 18.88 -6.12 21.15
CA PHE A 46 18.94 -5.05 20.16
C PHE A 46 19.90 -5.43 19.03
N ARG A 47 19.37 -5.58 17.81
CA ARG A 47 20.15 -5.89 16.60
C ARG A 47 20.68 -4.57 16.01
N GLU A 48 21.88 -4.18 16.43
CA GLU A 48 22.37 -2.83 16.15
C GLU A 48 22.40 -2.53 14.65
N ASP A 49 23.07 -3.38 13.88
CA ASP A 49 23.33 -3.04 12.48
C ASP A 49 22.12 -3.27 11.58
N GLU A 50 21.30 -4.28 11.87
CA GLU A 50 20.06 -4.36 11.12
C GLU A 50 19.13 -3.21 11.48
N SER A 51 19.20 -2.75 12.73
CA SER A 51 18.38 -1.60 13.12
C SER A 51 18.84 -0.33 12.44
N LEU A 52 20.16 -0.18 12.27
CA LEU A 52 20.68 0.97 11.55
C LEU A 52 20.17 0.98 10.11
N ARG A 53 20.28 -0.17 9.44
CA ARG A 53 19.82 -0.26 8.05
C ARG A 53 18.34 0.11 7.94
N VAL A 54 17.52 -0.32 8.90
CA VAL A 54 16.12 0.05 8.88
C VAL A 54 15.96 1.55 9.16
N ALA A 55 16.66 2.07 10.16
CA ALA A 55 16.56 3.50 10.45
C ALA A 55 16.99 4.33 9.24
N VAL A 56 18.15 3.98 8.66
CA VAL A 56 18.67 4.70 7.51
C VAL A 56 17.68 4.65 6.36
N GLU A 57 17.09 3.49 6.11
CA GLU A 57 16.13 3.37 5.02
C GLU A 57 14.90 4.22 5.28
N ALA A 58 14.49 4.35 6.55
CA ALA A 58 13.38 5.23 6.86
C ALA A 58 13.74 6.69 6.57
N ALA A 59 14.95 7.11 6.97
CA ALA A 59 15.41 8.46 6.66
C ALA A 59 15.38 8.73 5.17
N GLU A 60 15.74 7.71 4.37
CA GLU A 60 15.78 7.88 2.92
C GLU A 60 14.37 7.98 2.33
N LYS A 61 13.43 7.21 2.85
CA LYS A 61 12.05 7.38 2.45
C LYS A 61 11.59 8.80 2.73
N MET A 62 11.88 9.28 3.94
CA MET A 62 11.53 10.65 4.31
C MET A 62 12.23 11.66 3.41
N LYS A 63 13.51 11.44 3.07
CA LYS A 63 14.21 12.40 2.23
C LYS A 63 13.60 12.49 0.84
N ARG A 64 13.08 11.38 0.30
CA ARG A 64 12.46 11.37 -1.02
C ARG A 64 11.21 12.25 -1.09
N HIS A 65 10.65 12.66 0.05
CA HIS A 65 9.58 13.65 0.09
C HIS A 65 10.04 14.99 0.61
N GLY A 66 11.35 15.20 0.69
CA GLY A 66 11.90 16.50 1.01
C GLY A 66 12.17 16.74 2.49
N ILE A 67 11.93 15.77 3.36
CA ILE A 67 12.17 15.99 4.78
C ILE A 67 13.66 16.23 4.99
N GLN A 68 13.99 17.29 5.73
CA GLN A 68 15.37 17.55 6.10
C GLN A 68 15.63 17.38 7.58
N THR A 69 14.59 17.36 8.40
CA THR A 69 14.75 17.32 9.85
C THR A 69 13.65 16.45 10.43
N VAL A 70 14.01 15.68 11.45
CA VAL A 70 13.07 14.88 12.21
C VAL A 70 13.30 15.16 13.69
N VAL A 71 12.22 15.49 14.41
CA VAL A 71 12.24 15.52 15.87
C VAL A 71 11.85 14.13 16.35
N ASP A 72 12.74 13.51 17.13
CA ASP A 72 12.53 12.19 17.70
C ASP A 72 12.38 12.35 19.20
N PRO A 73 11.18 12.35 19.72
CA PRO A 73 10.99 12.64 21.14
C PRO A 73 10.90 11.37 21.98
N THR A 74 11.70 10.36 21.66
CA THR A 74 11.67 9.12 22.43
C THR A 74 12.06 9.37 23.88
N PRO A 75 11.21 9.04 24.85
CA PRO A 75 11.56 9.26 26.26
C PRO A 75 12.83 8.53 26.67
N ASN A 76 13.40 8.99 27.78
CA ASN A 76 14.71 8.54 28.25
C ASN A 76 14.75 7.03 28.49
N ASP A 77 13.68 6.46 29.02
CA ASP A 77 13.67 5.05 29.38
C ASP A 77 12.88 4.22 28.38
N CYS A 78 12.65 4.76 27.19
CA CYS A 78 11.93 4.07 26.13
C CYS A 78 12.83 3.73 24.96
N GLY A 79 14.14 3.70 25.20
CA GLY A 79 15.10 3.35 24.17
C GLY A 79 15.80 4.51 23.52
N ARG A 80 15.62 5.74 24.02
CA ARG A 80 16.37 6.88 23.51
C ARG A 80 17.85 6.53 23.42
N ASN A 81 18.44 6.74 22.25
CA ASN A 81 19.81 6.29 21.97
C ASN A 81 20.47 7.31 21.05
N PRO A 82 21.02 8.38 21.63
CA PRO A 82 21.49 9.49 20.79
C PRO A 82 22.67 9.16 19.91
N ALA A 83 23.61 8.33 20.40
CA ALA A 83 24.70 7.88 19.55
C ALA A 83 24.17 7.11 18.35
N PHE A 84 23.13 6.29 18.55
CA PHE A 84 22.50 5.61 17.42
C PHE A 84 21.91 6.62 16.45
N LEU A 85 21.19 7.62 16.96
CA LEU A 85 20.59 8.60 16.05
C LEU A 85 21.67 9.40 15.32
N ARG A 86 22.79 9.70 15.99
CA ARG A 86 23.90 10.35 15.32
C ARG A 86 24.39 9.53 14.13
N ARG A 87 24.51 8.21 14.30
CA ARG A 87 24.91 7.36 13.18
C ARG A 87 23.90 7.44 12.01
N VAL A 88 22.60 7.52 12.31
CA VAL A 88 21.60 7.72 11.26
C VAL A 88 21.86 9.03 10.52
N ALA A 89 22.00 10.11 11.28
CA ALA A 89 22.12 11.44 10.69
C ALA A 89 23.43 11.61 9.90
N GLU A 90 24.52 11.04 10.39
CA GLU A 90 25.79 11.09 9.66
C GLU A 90 25.68 10.37 8.33
N GLU A 91 25.10 9.17 8.35
CA GLU A 91 24.90 8.40 7.14
C GLU A 91 23.98 9.11 6.15
N THR A 92 22.87 9.69 6.62
CA THR A 92 21.86 10.22 5.69
C THR A 92 21.92 11.72 5.48
N GLY A 93 22.67 12.46 6.30
CA GLY A 93 22.63 13.90 6.23
C GLY A 93 21.33 14.51 6.73
N LEU A 94 20.49 13.74 7.41
CA LEU A 94 19.25 14.27 7.98
C LEU A 94 19.56 14.93 9.32
N ASN A 95 18.93 16.06 9.61
CA ASN A 95 18.98 16.61 10.96
C ASN A 95 18.05 15.81 11.85
N ILE A 96 18.55 15.37 13.00
CA ILE A 96 17.72 14.66 13.97
C ILE A 96 17.84 15.37 15.31
N ILE A 97 16.71 15.75 15.88
CA ILE A 97 16.64 16.38 17.18
C ILE A 97 16.05 15.37 18.15
N CYS A 98 16.73 15.12 19.27
CA CYS A 98 16.23 14.19 20.28
C CYS A 98 15.82 14.97 21.52
N ALA A 99 15.31 14.24 22.51
CA ALA A 99 14.57 14.84 23.61
C ALA A 99 15.13 14.39 24.95
N THR A 100 14.72 15.10 25.99
CA THR A 100 14.90 14.68 27.38
C THR A 100 13.51 14.65 28.01
N GLY A 101 13.18 13.58 28.72
CA GLY A 101 11.86 13.48 29.31
C GLY A 101 11.44 12.05 29.57
N TYR A 102 10.31 11.91 30.24
CA TYR A 102 9.79 10.62 30.69
C TYR A 102 8.36 10.42 30.20
N PRO A 103 7.92 9.17 30.10
CA PRO A 103 6.57 8.90 29.60
C PRO A 103 5.54 9.07 30.70
N TYR A 104 4.26 9.08 30.30
CA TYR A 104 3.18 9.22 31.29
C TYR A 104 3.06 7.94 32.12
N GLU A 105 2.36 8.06 33.24
CA GLU A 105 2.28 7.00 34.24
C GLU A 105 1.90 5.63 33.65
N GLY A 106 0.81 5.57 32.88
CA GLY A 106 0.25 4.29 32.46
C GLY A 106 1.00 3.57 31.35
N GLU A 107 2.00 4.20 30.72
CA GLU A 107 2.83 3.53 29.72
C GLU A 107 4.30 3.80 29.99
N GLY A 108 4.66 3.82 31.27
CA GLY A 108 6.01 4.13 31.67
C GLY A 108 6.43 3.29 32.84
N ALA A 109 7.50 3.72 33.50
CA ALA A 109 8.02 3.07 34.70
C ALA A 109 8.01 4.11 35.82
N PRO A 110 6.92 4.24 36.57
CA PRO A 110 6.84 5.28 37.62
C PRO A 110 7.73 5.03 38.84
N PRO A 111 8.04 3.77 39.24
CA PRO A 111 8.68 3.58 40.58
C PRO A 111 9.88 4.47 40.89
N TYR A 112 10.81 4.65 39.95
CA TYR A 112 12.08 5.29 40.28
C TYR A 112 11.88 6.71 40.77
N PHE A 113 11.19 7.55 40.01
CA PHE A 113 10.99 8.91 40.47
C PHE A 113 9.85 9.04 41.48
N GLN A 114 8.98 8.03 41.58
CA GLN A 114 8.07 7.98 42.72
C GLN A 114 8.84 7.87 44.02
N PHE A 115 9.94 7.10 44.02
CA PHE A 115 10.75 6.94 45.24
C PHE A 115 11.40 8.25 45.63
N ARG A 116 11.84 9.03 44.64
CA ARG A 116 12.52 10.29 44.90
C ARG A 116 11.57 11.38 45.33
N ARG A 117 10.30 11.28 44.95
CA ARG A 117 9.30 12.18 45.51
C ARG A 117 9.11 11.90 46.99
N LEU A 118 9.16 10.62 47.38
CA LEU A 118 9.10 10.28 48.79
C LEU A 118 10.29 10.84 49.54
N LEU A 119 11.47 10.84 48.92
CA LEU A 119 12.63 11.49 49.52
C LEU A 119 12.58 13.01 49.44
N GLY A 120 11.65 13.57 48.66
CA GLY A 120 11.52 15.01 48.53
C GLY A 120 12.46 15.70 47.54
N THR A 121 13.16 14.96 46.67
CA THR A 121 14.06 15.59 45.69
C THR A 121 13.67 15.33 44.24
N ALA A 122 12.52 14.68 43.99
CA ALA A 122 12.20 14.27 42.63
C ALA A 122 12.15 15.46 41.67
N GLU A 123 11.32 16.47 41.97
CA GLU A 123 11.18 17.60 41.03
C GLU A 123 12.51 18.29 40.76
N ASP A 124 13.33 18.47 41.81
CA ASP A 124 14.66 19.03 41.61
C ASP A 124 15.54 18.09 40.82
N ASP A 125 15.40 16.77 41.06
CA ASP A 125 16.21 15.83 40.29
C ASP A 125 15.81 15.84 38.81
N ILE A 126 14.49 15.95 38.53
CA ILE A 126 14.05 15.98 37.13
C ILE A 126 14.60 17.22 36.44
N TYR A 127 14.45 18.37 37.10
CA TYR A 127 14.95 19.62 36.57
C TYR A 127 16.44 19.53 36.29
N ASP A 128 17.21 18.96 37.24
CA ASP A 128 18.65 18.80 37.02
C ASP A 128 18.95 17.90 35.81
N MET A 129 18.24 16.78 35.68
CA MET A 129 18.37 15.96 34.48
C MET A 129 18.10 16.78 33.23
N PHE A 130 16.98 17.50 33.20
CA PHE A 130 16.61 18.31 32.04
C PHE A 130 17.73 19.29 31.73
N MET A 131 18.23 19.99 32.75
CA MET A 131 19.27 20.99 32.51
C MET A 131 20.55 20.33 32.00
N ALA A 132 20.93 19.20 32.59
CA ALA A 132 22.16 18.54 32.14
C ALA A 132 22.05 18.10 30.68
N GLU A 133 20.92 17.49 30.32
CA GLU A 133 20.82 16.91 28.99
C GLU A 133 20.54 17.98 27.95
N LEU A 134 20.12 19.17 28.35
CA LEU A 134 19.92 20.28 27.42
C LEU A 134 21.17 21.09 27.18
N THR A 135 22.05 21.22 28.19
CA THR A 135 23.14 22.17 28.16
C THR A 135 24.53 21.55 28.28
N GLU A 136 24.64 20.27 28.56
CA GLU A 136 25.93 19.60 28.69
C GLU A 136 26.02 18.39 27.78
N GLY A 137 25.13 17.42 27.94
CA GLY A 137 25.06 16.31 27.02
C GLY A 137 24.46 15.11 27.70
N ILE A 138 23.95 14.20 26.87
CA ILE A 138 23.35 12.96 27.35
C ILE A 138 24.44 11.92 27.55
N ALA A 139 24.44 11.29 28.72
CA ALA A 139 25.50 10.38 29.15
C ALA A 139 26.88 10.88 28.70
N ASP A 140 27.65 10.04 28.01
CA ASP A 140 28.92 10.47 27.44
C ASP A 140 28.85 10.68 25.93
N THR A 141 27.65 10.87 25.36
CA THR A 141 27.52 10.96 23.92
C THR A 141 27.97 12.30 23.35
N GLY A 142 28.06 13.34 24.18
CA GLY A 142 28.31 14.68 23.68
C GLY A 142 27.12 15.32 23.01
N ILE A 143 25.96 14.67 23.03
CA ILE A 143 24.77 15.12 22.32
C ILE A 143 23.81 15.72 23.32
N LYS A 144 23.39 16.97 23.07
CA LYS A 144 22.36 17.65 23.87
C LYS A 144 20.98 17.37 23.30
N ALA A 145 19.98 17.24 24.18
CA ALA A 145 18.61 17.17 23.68
C ALA A 145 18.19 18.55 23.19
N GLY A 146 17.42 18.56 22.10
CA GLY A 146 16.85 19.80 21.59
C GLY A 146 15.43 20.11 22.09
N VAL A 147 14.75 19.14 22.68
CA VAL A 147 13.42 19.39 23.23
C VAL A 147 13.27 18.64 24.54
N ILE A 148 12.42 19.20 25.41
CA ILE A 148 11.85 18.51 26.57
C ILE A 148 10.55 17.83 26.19
N KCX A 149 10.48 16.53 26.45
CA KCX A 149 9.29 15.74 26.17
CB KCX A 149 9.69 14.36 25.62
CG KCX A 149 8.51 13.40 25.39
CD KCX A 149 7.49 14.02 24.45
CE KCX A 149 6.37 13.04 24.12
NZ KCX A 149 6.90 11.86 23.35
C KCX A 149 8.47 15.57 27.45
O KCX A 149 9.00 15.20 28.50
CX KCX A 149 6.05 11.07 22.71
OQ1 KCX A 149 4.82 11.33 22.76
OQ2 KCX A 149 6.47 10.09 22.06
N LEU A 150 7.19 15.90 27.36
CA LEU A 150 6.24 15.76 28.48
C LEU A 150 5.09 14.85 28.12
N ALA A 151 4.51 14.16 29.09
CA ALA A 151 3.37 13.30 28.78
C ALA A 151 2.34 13.29 29.93
N SER A 152 1.06 13.19 29.59
CA SER A 152 0.05 13.09 30.62
C SER A 152 -0.90 11.92 30.37
N SER A 153 -1.61 11.52 31.44
CA SER A 153 -2.44 10.33 31.43
C SER A 153 -3.82 10.63 30.82
N LYS A 154 -4.66 9.62 30.70
CA LYS A 154 -6.00 9.84 30.18
C LYS A 154 -6.86 10.61 31.19
N GLY A 155 -7.38 11.76 30.77
CA GLY A 155 -8.22 12.59 31.61
C GLY A 155 -7.59 13.18 32.85
N ARG A 156 -6.26 13.12 32.97
CA ARG A 156 -5.61 13.54 34.21
C ARG A 156 -4.15 13.85 33.96
N ILE A 157 -3.69 14.97 34.52
CA ILE A 157 -2.28 15.19 34.74
C ILE A 157 -2.02 14.81 36.20
N THR A 158 -1.55 13.59 36.42
CA THR A 158 -1.37 13.06 37.77
C THR A 158 -0.34 13.90 38.52
N GLU A 159 -0.27 13.71 39.84
CA GLU A 159 0.70 14.48 40.61
C GLU A 159 2.12 14.10 40.21
N TYR A 160 2.34 12.82 39.93
CA TYR A 160 3.62 12.37 39.41
C TYR A 160 3.97 13.13 38.13
N GLU A 161 3.09 13.06 37.13
CA GLU A 161 3.34 13.74 35.86
C GLU A 161 3.58 15.24 36.04
N LYS A 162 2.90 15.88 36.99
CA LYS A 162 3.06 17.33 37.16
C LYS A 162 4.46 17.73 37.58
N MET A 163 5.18 16.87 38.32
CA MET A 163 6.58 17.18 38.63
C MET A 163 7.37 17.45 37.36
N PHE A 164 7.17 16.64 36.33
CA PHE A 164 7.89 16.84 35.09
C PHE A 164 7.45 18.13 34.40
N PHE A 165 6.14 18.41 34.39
CA PHE A 165 5.64 19.66 33.81
C PHE A 165 6.27 20.86 34.51
N ARG A 166 6.34 20.80 35.84
CA ARG A 166 6.92 21.91 36.57
C ARG A 166 8.41 22.02 36.33
N ALA A 167 9.14 20.90 36.38
CA ALA A 167 10.56 20.93 36.07
C ALA A 167 10.80 21.42 34.66
N ALA A 168 9.94 21.02 33.72
CA ALA A 168 10.08 21.44 32.33
C ALA A 168 9.93 22.95 32.17
N ALA A 169 8.89 23.51 32.81
CA ALA A 169 8.71 24.96 32.79
C ALA A 169 9.93 25.68 33.34
N ARG A 170 10.48 25.20 34.47
CA ARG A 170 11.67 25.84 35.04
C ARG A 170 12.87 25.75 34.11
N ALA A 171 13.05 24.61 33.45
CA ALA A 171 14.19 24.46 32.55
C ALA A 171 14.00 25.28 31.28
N GLN A 172 12.75 25.44 30.83
CA GLN A 172 12.55 26.27 29.66
C GLN A 172 12.82 27.73 29.98
N LYS A 173 12.45 28.18 31.18
CA LYS A 173 12.82 29.54 31.57
C LYS A 173 14.33 29.74 31.52
N GLU A 174 15.10 28.71 31.85
CA GLU A 174 16.55 28.85 31.87
C GLU A 174 17.19 28.69 30.49
N THR A 175 16.59 27.90 29.61
CA THR A 175 17.24 27.52 28.36
C THR A 175 16.54 28.01 27.11
N GLY A 176 15.27 28.34 27.18
CA GLY A 176 14.51 28.55 25.96
C GLY A 176 14.16 27.28 25.21
N ALA A 177 14.40 26.10 25.78
CA ALA A 177 14.16 24.85 25.05
C ALA A 177 12.68 24.70 24.70
N VAL A 178 12.43 24.03 23.57
CA VAL A 178 11.08 23.74 23.13
C VAL A 178 10.52 22.60 23.95
N ILE A 179 9.23 22.66 24.28
CA ILE A 179 8.54 21.58 24.96
C ILE A 179 7.61 20.90 23.96
N ILE A 180 7.72 19.57 23.86
CA ILE A 180 6.85 18.76 23.02
C ILE A 180 6.09 17.82 23.95
N THR A 181 4.77 17.71 23.78
CA THR A 181 4.00 16.90 24.72
C THR A 181 3.28 15.75 24.04
N HIS A 182 2.89 14.79 24.87
CA HIS A 182 2.05 13.66 24.53
C HIS A 182 0.72 13.82 25.27
N THR A 183 -0.41 13.73 24.56
CA THR A 183 -1.72 13.64 25.21
C THR A 183 -2.29 12.25 25.00
N GLN A 184 -2.93 11.72 26.04
CA GLN A 184 -3.42 10.35 26.00
C GLN A 184 -4.90 10.36 25.62
N GLU A 185 -5.23 9.71 24.50
CA GLU A 185 -6.61 9.51 24.06
C GLU A 185 -7.38 10.84 23.97
N GLY A 186 -6.77 11.83 23.36
CA GLY A 186 -7.45 13.08 23.09
C GLY A 186 -7.91 13.84 24.33
N THR A 187 -7.18 13.73 25.45
CA THR A 187 -7.52 14.45 26.67
C THR A 187 -6.36 15.30 27.15
N MET A 188 -6.71 16.33 27.93
CA MET A 188 -5.84 17.22 28.70
C MET A 188 -5.08 18.27 27.86
N GLY A 189 -5.37 18.38 26.57
CA GLY A 189 -4.76 19.40 25.76
C GLY A 189 -4.83 20.81 26.34
N PRO A 190 -6.04 21.30 26.63
CA PRO A 190 -6.12 22.64 27.24
C PRO A 190 -5.51 22.68 28.62
N GLU A 191 -5.70 21.63 29.42
CA GLU A 191 -5.09 21.57 30.74
C GLU A 191 -3.57 21.64 30.64
N GLN A 192 -2.98 20.91 29.70
CA GLN A 192 -1.54 20.93 29.52
C GLN A 192 -1.04 22.36 29.28
N ALA A 193 -1.66 23.05 28.31
CA ALA A 193 -1.25 24.42 28.00
C ALA A 193 -1.42 25.33 29.21
N ALA A 194 -2.58 25.24 29.89
CA ALA A 194 -2.84 26.12 31.03
C ALA A 194 -1.88 25.88 32.19
N TYR A 195 -1.60 24.62 32.51
CA TYR A 195 -0.71 24.31 33.62
C TYR A 195 0.73 24.72 33.32
N LEU A 196 1.18 24.49 32.09
CA LEU A 196 2.52 24.95 31.72
C LEU A 196 2.60 26.48 31.79
N LEU A 197 1.56 27.17 31.33
CA LEU A 197 1.60 28.62 31.31
C LEU A 197 1.52 29.20 32.71
N GLU A 198 0.65 28.64 33.55
CA GLU A 198 0.60 28.93 34.99
C GLU A 198 2.00 28.98 35.59
N HIS A 199 2.86 28.05 35.19
CA HIS A 199 4.21 27.98 35.73
C HIS A 199 5.24 28.67 34.83
N GLY A 200 4.79 29.54 33.94
CA GLY A 200 5.71 30.44 33.28
C GLY A 200 6.31 29.94 32.00
N ALA A 201 5.86 28.81 31.48
CA ALA A 201 6.35 28.40 30.18
C ALA A 201 5.86 29.36 29.10
N ASP A 202 6.51 29.28 27.95
CA ASP A 202 6.28 30.19 26.84
C ASP A 202 5.41 29.48 25.82
N PRO A 203 4.20 29.94 25.55
CA PRO A 203 3.33 29.18 24.63
C PRO A 203 3.92 29.08 23.23
N LYS A 204 4.77 30.03 22.85
CA LYS A 204 5.42 30.00 21.54
C LYS A 204 6.47 28.88 21.43
N LYS A 205 6.88 28.29 22.54
CA LYS A 205 7.82 27.17 22.52
C LYS A 205 7.18 25.85 22.94
N ILE A 206 5.84 25.72 22.86
CA ILE A 206 5.14 24.53 23.29
C ILE A 206 4.45 23.87 22.10
N VAL A 207 4.59 22.55 21.99
CA VAL A 207 3.82 21.77 21.03
C VAL A 207 2.99 20.79 21.84
N ILE A 208 1.66 20.97 21.84
CA ILE A 208 0.79 19.98 22.47
C ILE A 208 0.51 18.88 21.46
N GLY A 209 0.92 17.70 21.85
CA GLY A 209 0.90 16.56 20.94
C GLY A 209 -0.32 15.69 21.06
N HIS A 210 -0.46 14.84 20.05
CA HIS A 210 -1.51 13.83 19.86
C HIS A 210 -2.88 14.52 19.86
N MET A 211 -2.97 15.69 19.26
CA MET A 211 -4.22 16.47 19.23
C MET A 211 -5.16 15.83 18.23
N CYS A 212 -4.61 15.14 17.24
CA CYS A 212 -5.47 14.40 16.35
C CYS A 212 -6.26 13.31 17.06
N GLY A 213 -5.93 13.04 18.33
CA GLY A 213 -6.69 12.05 19.09
C GLY A 213 -8.07 12.53 19.53
N ASN A 214 -8.39 13.81 19.32
CA ASN A 214 -9.68 14.38 19.68
C ASN A 214 -10.33 14.93 18.42
N THR A 215 -11.58 14.52 18.14
CA THR A 215 -12.23 14.87 16.89
C THR A 215 -13.20 16.05 17.03
N ASP A 216 -13.15 16.78 18.15
CA ASP A 216 -14.07 17.87 18.45
C ASP A 216 -13.34 19.20 18.27
N PRO A 217 -13.55 19.89 17.14
CA PRO A 217 -12.78 21.12 16.86
C PRO A 217 -12.90 22.19 17.93
N ASP A 218 -13.95 22.18 18.76
CA ASP A 218 -13.98 23.05 19.94
C ASP A 218 -12.83 22.74 20.90
N TYR A 219 -12.50 21.46 21.06
CA TYR A 219 -11.40 21.08 21.95
C TYR A 219 -10.08 21.69 21.47
N HIS A 220 -9.79 21.54 20.17
CA HIS A 220 -8.57 22.10 19.61
C HIS A 220 -8.54 23.62 19.75
N ARG A 221 -9.68 24.28 19.51
CA ARG A 221 -9.72 25.73 19.64
C ARG A 221 -9.46 26.15 21.09
N LYS A 222 -9.98 25.39 22.05
CA LYS A 222 -9.63 25.61 23.45
C LYS A 222 -8.12 25.57 23.65
N THR A 223 -7.45 24.62 23.02
CA THR A 223 -6.00 24.51 23.12
C THR A 223 -5.30 25.63 22.36
N LEU A 224 -5.81 25.96 21.16
CA LEU A 224 -5.15 26.97 20.32
C LEU A 224 -5.20 28.35 20.95
N ALA A 225 -6.22 28.63 21.78
CA ALA A 225 -6.36 29.95 22.36
C ALA A 225 -5.20 30.33 23.26
N TYR A 226 -4.48 29.35 23.79
CA TYR A 226 -3.32 29.65 24.62
C TYR A 226 -2.11 30.12 23.81
N GLY A 227 -2.21 30.12 22.49
CA GLY A 227 -1.07 30.45 21.65
C GLY A 227 -0.11 29.31 21.35
N VAL A 228 -0.34 28.11 21.90
CA VAL A 228 0.59 26.99 21.73
C VAL A 228 0.51 26.44 20.31
N TYR A 229 1.45 25.57 19.95
CA TYR A 229 1.30 24.72 18.78
C TYR A 229 0.54 23.47 19.18
N ILE A 230 -0.22 22.93 18.24
CA ILE A 230 -0.81 21.61 18.37
C ILE A 230 -0.25 20.70 17.26
N ALA A 231 -0.28 19.39 17.52
CA ALA A 231 0.27 18.43 16.57
C ALA A 231 -0.76 17.37 16.21
N PHE A 232 -1.09 17.29 14.92
CA PHE A 232 -1.76 16.12 14.34
C PHE A 232 -0.64 15.16 13.93
N ASP A 233 -0.17 14.39 14.92
CA ASP A 233 1.10 13.70 14.76
C ASP A 233 0.95 12.17 14.78
N ARG A 234 -0.26 11.64 14.67
CA ARG A 234 -0.43 10.19 14.65
C ARG A 234 -1.20 9.72 13.42
N PHE A 235 -0.99 10.38 12.28
CA PHE A 235 -1.56 9.91 11.02
C PHE A 235 -1.14 8.47 10.73
N GLY A 236 -2.13 7.62 10.46
CA GLY A 236 -1.88 6.21 10.19
C GLY A 236 -2.08 5.28 11.38
N ILE A 237 -2.16 5.81 12.59
CA ILE A 237 -2.54 4.99 13.74
C ILE A 237 -4.07 4.97 13.80
N GLN A 238 -4.67 3.80 13.57
CA GLN A 238 -6.10 3.64 13.69
C GLN A 238 -6.44 2.32 14.37
N GLY A 239 -7.44 2.34 15.23
CA GLY A 239 -7.96 1.13 15.85
C GLY A 239 -7.20 0.67 17.07
N MET A 240 -6.17 1.40 17.49
CA MET A 240 -5.40 1.09 18.70
C MET A 240 -5.17 2.39 19.46
N VAL A 241 -4.70 2.25 20.71
CA VAL A 241 -4.55 3.34 21.69
C VAL A 241 -5.68 4.38 21.58
N GLY A 242 -6.91 3.90 21.42
CA GLY A 242 -8.09 4.75 21.34
C GLY A 242 -8.17 5.66 20.12
N ALA A 243 -7.22 5.51 19.19
CA ALA A 243 -7.05 6.49 18.14
C ALA A 243 -8.27 6.51 17.21
N PRO A 244 -8.67 7.69 16.75
CA PRO A 244 -9.73 7.79 15.74
C PRO A 244 -9.19 7.40 14.37
N THR A 245 -10.07 7.38 13.38
CA THR A 245 -9.66 7.04 12.03
C THR A 245 -8.95 8.21 11.37
N ASP A 246 -8.13 7.89 10.37
CA ASP A 246 -7.50 8.94 9.56
C ASP A 246 -8.55 9.90 8.97
N GLU A 247 -9.70 9.38 8.52
CA GLU A 247 -10.71 10.26 7.94
C GLU A 247 -11.22 11.27 8.97
N GLU A 248 -11.35 10.85 10.23
CA GLU A 248 -11.70 11.80 11.28
C GLU A 248 -10.57 12.82 11.49
N ARG A 249 -9.32 12.37 11.42
CA ARG A 249 -8.19 13.30 11.51
C ARG A 249 -8.25 14.34 10.41
N VAL A 250 -8.48 13.91 9.18
CA VAL A 250 -8.56 14.83 8.05
C VAL A 250 -9.71 15.82 8.23
N ARG A 251 -10.88 15.34 8.67
CA ARG A 251 -12.02 16.24 8.83
C ARG A 251 -11.74 17.30 9.88
N THR A 252 -11.20 16.90 11.04
CA THR A 252 -10.89 17.88 12.08
C THR A 252 -9.84 18.87 11.61
N LEU A 253 -8.85 18.40 10.86
CA LEU A 253 -7.78 19.27 10.41
C LEU A 253 -8.29 20.30 9.42
N LEU A 254 -9.03 19.86 8.41
CA LEU A 254 -9.63 20.80 7.46
C LEU A 254 -10.44 21.86 8.19
N ALA A 255 -11.19 21.47 9.22
CA ALA A 255 -11.99 22.44 9.96
C ALA A 255 -11.12 23.57 10.50
N LEU A 256 -10.07 23.20 11.25
CA LEU A 256 -9.17 24.21 11.79
C LEU A 256 -8.46 25.00 10.69
N LEU A 257 -8.06 24.32 9.63
CA LEU A 257 -7.34 25.03 8.57
C LEU A 257 -8.27 26.02 7.87
N ARG A 258 -9.53 25.64 7.68
CA ARG A 258 -10.48 26.58 7.10
C ARG A 258 -10.83 27.71 8.05
N ASP A 259 -10.43 27.59 9.32
CA ASP A 259 -10.60 28.64 10.33
C ASP A 259 -9.39 29.56 10.46
N GLY A 260 -8.32 29.31 9.72
CA GLY A 260 -7.14 30.15 9.80
C GLY A 260 -6.13 29.79 10.85
N TYR A 261 -5.96 28.50 11.15
CA TYR A 261 -5.05 28.08 12.21
C TYR A 261 -3.80 27.38 11.67
N GLU A 262 -3.33 27.75 10.47
CA GLU A 262 -2.19 27.04 9.87
C GLU A 262 -0.89 27.30 10.62
N LYS A 263 -0.68 28.53 11.08
CA LYS A 263 0.55 28.90 11.77
C LYS A 263 0.71 28.26 13.16
N GLN A 264 -0.16 27.32 13.54
CA GLN A 264 -0.07 26.67 14.84
C GLN A 264 -0.17 25.15 14.75
N ILE A 265 -0.30 24.57 13.56
CA ILE A 265 -0.56 23.15 13.37
C ILE A 265 0.63 22.51 12.70
N MET A 266 1.10 21.39 13.24
CA MET A 266 2.14 20.59 12.61
C MET A 266 1.66 19.15 12.47
N LEU A 267 2.23 18.44 11.50
CA LEU A 267 1.74 17.11 11.13
C LEU A 267 2.87 16.09 11.27
N SER A 268 2.53 14.86 11.68
CA SER A 268 3.52 13.77 11.74
C SER A 268 2.76 12.45 11.89
N HIS A 269 3.52 11.35 12.02
CA HIS A 269 2.95 10.01 12.15
C HIS A 269 3.21 9.33 13.48
N ASP A 270 4.24 9.72 14.23
CA ASP A 270 4.58 9.02 15.47
C ASP A 270 4.95 7.56 15.16
N THR A 271 5.73 7.36 14.10
CA THR A 271 6.09 5.99 13.74
C THR A 271 7.08 5.43 14.74
N VAL A 272 7.08 4.10 14.86
CA VAL A 272 8.17 3.37 15.48
C VAL A 272 8.82 2.54 14.39
N ASN A 273 10.03 2.95 14.01
CA ASN A 273 10.64 2.34 12.86
C ASN A 273 11.38 1.06 13.22
N VAL A 274 11.93 0.98 14.44
CA VAL A 274 12.47 -0.26 14.97
C VAL A 274 11.93 -0.45 16.38
N TRP A 275 11.24 -1.55 16.61
CA TRP A 275 10.68 -1.88 17.92
C TRP A 275 11.74 -2.52 18.81
N LEU A 276 11.97 -1.95 19.99
CA LEU A 276 12.85 -2.57 20.97
C LEU A 276 12.13 -3.68 21.72
N GLY A 277 12.91 -4.61 22.23
CA GLY A 277 12.35 -5.82 22.78
C GLY A 277 12.17 -6.85 21.69
N ARG A 278 11.25 -7.78 21.88
CA ARG A 278 10.99 -8.97 21.08
C ARG A 278 10.07 -8.63 19.91
N PRO A 279 10.40 -9.13 18.71
CA PRO A 279 9.54 -8.88 17.54
C PRO A 279 8.11 -9.34 17.76
N PHE A 280 7.22 -8.76 16.97
CA PHE A 280 5.81 -9.09 17.05
C PHE A 280 5.13 -8.68 15.75
N THR A 281 3.95 -9.24 15.52
CA THR A 281 3.12 -8.92 14.38
C THR A 281 1.70 -8.76 14.87
N LEU A 282 1.05 -7.66 14.50
CA LEU A 282 -0.28 -7.41 15.03
C LEU A 282 -1.28 -8.42 14.46
N PRO A 283 -2.18 -8.93 15.30
CA PRO A 283 -3.18 -9.89 14.82
C PRO A 283 -4.14 -9.27 13.82
N GLU A 284 -4.99 -10.14 13.30
CA GLU A 284 -5.78 -9.92 12.07
C GLU A 284 -6.54 -8.60 12.02
N PRO A 285 -7.23 -8.11 13.07
CA PRO A 285 -7.96 -6.85 12.94
C PRO A 285 -7.15 -5.56 12.94
N PHE A 286 -6.30 -5.35 13.94
CA PHE A 286 -5.54 -4.08 13.97
C PHE A 286 -4.61 -4.05 12.77
N ALA A 287 -4.00 -5.18 12.47
CA ALA A 287 -3.04 -5.26 11.37
C ALA A 287 -3.56 -4.51 10.16
N GLU A 288 -4.83 -4.73 9.84
CA GLU A 288 -5.44 -4.04 8.70
C GLU A 288 -5.55 -2.55 8.97
N MET A 289 -6.10 -2.16 10.11
CA MET A 289 -6.27 -0.75 10.41
C MET A 289 -4.93 0.00 10.43
N MET A 290 -3.85 -0.67 10.79
CA MET A 290 -2.56 -0.01 11.00
C MET A 290 -1.65 -0.01 9.78
N LYS A 291 -2.12 -0.52 8.64
CA LYS A 291 -1.26 -0.73 7.48
C LYS A 291 -0.66 0.55 6.89
N ASN A 292 -1.19 1.73 7.22
CA ASN A 292 -0.66 2.99 6.72
C ASN A 292 0.21 3.69 7.74
N TRP A 293 0.64 2.97 8.78
CA TRP A 293 1.47 3.57 9.83
C TRP A 293 2.94 3.48 9.41
N HIS A 294 3.33 4.35 8.48
CA HIS A 294 4.72 4.44 8.04
C HIS A 294 5.01 5.86 7.60
N VAL A 295 6.30 6.18 7.45
CA VAL A 295 6.72 7.58 7.32
C VAL A 295 6.40 8.18 5.95
N GLU A 296 5.97 7.39 4.98
CA GLU A 296 5.54 7.95 3.70
C GLU A 296 4.06 8.31 3.66
N HIS A 297 3.29 7.90 4.67
CA HIS A 297 1.82 7.98 4.64
C HIS A 297 1.34 9.41 4.37
N LEU A 298 1.88 10.38 5.10
CA LEU A 298 1.40 11.76 4.95
C LEU A 298 1.55 12.24 3.52
N PHE A 299 2.63 11.86 2.85
CA PHE A 299 2.93 12.41 1.53
C PHE A 299 2.33 11.59 0.41
N VAL A 300 2.18 10.29 0.60
CA VAL A 300 1.58 9.43 -0.41
C VAL A 300 0.06 9.46 -0.33
N ASN A 301 -0.53 9.50 0.88
CA ASN A 301 -1.98 9.38 1.02
C ASN A 301 -2.62 10.65 1.57
N ILE A 302 -2.19 11.12 2.75
CA ILE A 302 -2.93 12.18 3.43
C ILE A 302 -2.89 13.49 2.63
N ILE A 303 -1.72 13.86 2.12
CA ILE A 303 -1.57 15.22 1.61
C ILE A 303 -2.23 15.33 0.24
N PRO A 304 -2.12 14.33 -0.65
CA PRO A 304 -3.00 14.33 -1.83
C PRO A 304 -4.47 14.52 -1.49
N ALA A 305 -4.97 13.89 -0.41
CA ALA A 305 -6.37 14.08 -0.06
C ALA A 305 -6.62 15.52 0.39
N LEU A 306 -5.68 16.11 1.13
CA LEU A 306 -5.86 17.50 1.53
C LEU A 306 -5.86 18.42 0.31
N LYS A 307 -4.98 18.17 -0.64
CA LYS A 307 -4.96 18.97 -1.87
C LYS A 307 -6.34 18.96 -2.54
N ASN A 308 -6.97 17.77 -2.61
CA ASN A 308 -8.24 17.64 -3.30
C ASN A 308 -9.33 18.41 -2.56
N GLU A 309 -9.16 18.59 -1.27
CA GLU A 309 -10.06 19.38 -0.45
C GLU A 309 -9.70 20.85 -0.46
N GLY A 310 -8.76 21.27 -1.31
CA GLY A 310 -8.45 22.68 -1.48
C GLY A 310 -7.34 23.26 -0.63
N ILE A 311 -6.57 22.44 0.08
CA ILE A 311 -5.45 22.96 0.86
C ILE A 311 -4.30 23.31 -0.08
N ARG A 312 -3.82 24.54 0.01
CA ARG A 312 -2.80 25.04 -0.92
C ARG A 312 -1.39 24.78 -0.40
N ASP A 313 -0.45 24.70 -1.36
CA ASP A 313 0.94 24.40 -1.06
C ASP A 313 1.53 25.35 -0.02
N GLU A 314 1.15 26.63 -0.07
CA GLU A 314 1.66 27.58 0.91
C GLU A 314 1.24 27.21 2.33
N VAL A 315 0.04 26.66 2.50
CA VAL A 315 -0.41 26.25 3.82
C VAL A 315 0.39 25.05 4.30
N LEU A 316 0.47 24.00 3.47
CA LEU A 316 1.33 22.87 3.77
C LEU A 316 2.74 23.32 4.13
N GLU A 317 3.34 24.16 3.27
CA GLU A 317 4.68 24.65 3.54
C GLU A 317 4.72 25.41 4.86
N GLN A 318 3.67 26.16 5.16
CA GLN A 318 3.60 26.81 6.48
C GLN A 318 3.72 25.78 7.59
N MET A 319 3.06 24.63 7.44
CA MET A 319 3.03 23.64 8.51
C MET A 319 4.33 22.84 8.59
N PHE A 320 4.96 22.57 7.45
CA PHE A 320 6.13 21.71 7.44
C PHE A 320 7.44 22.49 7.59
N ILE A 321 7.49 23.73 7.12
CA ILE A 321 8.71 24.53 7.16
C ILE A 321 8.57 25.71 8.10
N GLY A 322 7.60 26.59 7.84
CA GLY A 322 7.50 27.82 8.62
C GLY A 322 7.32 27.57 10.11
N ASN A 323 6.41 26.64 10.46
CA ASN A 323 6.11 26.43 11.89
C ASN A 323 7.31 25.88 12.65
N PRO A 324 8.00 24.82 12.20
CA PRO A 324 9.17 24.37 12.95
C PRO A 324 10.22 25.46 13.08
N ALA A 325 10.42 26.26 12.02
CA ALA A 325 11.40 27.33 12.05
C ALA A 325 11.04 28.37 13.11
N ALA A 326 9.76 28.75 13.20
CA ALA A 326 9.35 29.68 14.24
C ALA A 326 9.44 29.03 15.61
N LEU A 327 9.07 27.75 15.69
CA LEU A 327 9.09 27.03 16.96
C LEU A 327 10.49 27.04 17.58
N PHE A 328 11.52 26.78 16.79
CA PHE A 328 12.86 26.67 17.34
C PHE A 328 13.63 28.00 17.35
N SER A 329 13.01 29.10 16.97
CA SER A 329 13.75 30.35 16.96
C SER A 329 13.19 31.37 17.95
N GLU B 7 20.71 -32.54 42.11
CA GLU B 7 22.12 -32.70 42.43
C GLU B 7 22.92 -31.45 42.06
N MET B 8 22.55 -30.80 40.95
CA MET B 8 23.19 -29.56 40.50
C MET B 8 22.19 -28.40 40.47
N VAL B 9 22.64 -27.21 40.88
CA VAL B 9 21.95 -25.94 40.64
C VAL B 9 22.85 -25.04 39.79
N GLU B 10 22.25 -24.29 38.86
CA GLU B 10 23.02 -23.39 38.00
C GLU B 10 23.29 -22.09 38.76
N THR B 11 24.56 -21.71 38.77
CA THR B 11 25.03 -20.46 39.32
C THR B 11 25.65 -19.61 38.20
N VAL B 12 26.17 -18.45 38.59
CA VAL B 12 26.71 -17.50 37.64
C VAL B 12 28.11 -17.97 37.26
N CYS B 13 28.55 -19.08 37.83
CA CYS B 13 29.77 -19.77 37.45
C CYS B 13 29.46 -21.22 37.08
N GLY B 14 28.35 -21.42 36.39
CA GLY B 14 27.98 -22.74 35.93
C GLY B 14 27.42 -23.64 37.02
N PRO B 15 27.32 -24.94 36.74
CA PRO B 15 26.68 -25.86 37.67
C PRO B 15 27.48 -26.05 38.96
N VAL B 16 26.75 -26.13 40.07
CA VAL B 16 27.34 -26.37 41.38
C VAL B 16 26.53 -27.45 42.08
N PRO B 17 27.17 -28.44 42.71
CA PRO B 17 26.41 -29.46 43.44
C PRO B 17 25.63 -28.85 44.60
N VAL B 18 24.38 -29.29 44.75
CA VAL B 18 23.54 -28.76 45.82
C VAL B 18 24.14 -29.10 47.18
N GLU B 19 24.86 -30.22 47.29
CA GLU B 19 25.53 -30.59 48.53
C GLU B 19 26.63 -29.60 48.91
N GLN B 20 27.06 -28.73 47.99
CA GLN B 20 28.14 -27.79 48.24
C GLN B 20 27.68 -26.36 48.44
N LEU B 21 26.36 -26.12 48.56
CA LEU B 21 25.87 -24.75 48.73
C LEU B 21 26.17 -24.21 50.13
N GLY B 22 26.02 -25.04 51.18
CA GLY B 22 26.38 -24.61 52.51
C GLY B 22 25.47 -23.51 53.07
N LYS B 23 26.05 -22.72 53.99
CA LYS B 23 25.33 -21.61 54.60
C LYS B 23 24.92 -20.60 53.54
N THR B 24 23.61 -20.37 53.41
CA THR B 24 23.05 -19.63 52.27
C THR B 24 22.15 -18.50 52.75
N LEU B 25 22.33 -17.33 52.14
CA LEU B 25 21.34 -16.26 52.28
C LEU B 25 20.41 -16.35 51.06
N ILE B 26 19.11 -16.51 51.33
CA ILE B 26 18.15 -16.80 50.27
C ILE B 26 17.68 -15.58 49.49
N HIS B 27 17.96 -14.36 49.95
CA HIS B 27 17.46 -13.14 49.26
C HIS B 27 18.31 -11.90 49.58
N GLU B 28 19.25 -11.57 48.69
CA GLU B 28 20.12 -10.37 48.84
C GLU B 28 20.41 -9.80 47.44
N HIS B 29 20.32 -8.47 47.28
CA HIS B 29 20.58 -7.85 45.95
C HIS B 29 21.96 -7.19 45.92
N PHE B 30 22.88 -7.68 45.09
CA PHE B 30 24.13 -6.94 44.90
C PHE B 30 23.86 -5.62 44.18
N LEU B 31 23.17 -5.65 43.05
CA LEU B 31 22.69 -4.45 42.38
C LEU B 31 21.17 -4.44 42.37
N PHE B 32 20.59 -3.25 42.41
CA PHE B 32 19.14 -3.10 42.26
C PHE B 32 18.83 -1.66 41.92
N GLY B 33 17.94 -1.49 40.94
CA GLY B 33 17.38 -0.19 40.63
C GLY B 33 15.88 -0.27 40.42
N TYR B 34 15.15 0.72 40.91
CA TYR B 34 13.73 0.76 40.67
C TYR B 34 13.49 0.97 39.18
N PRO B 35 12.55 0.25 38.56
CA PRO B 35 12.24 0.50 37.15
C PRO B 35 11.96 1.97 36.91
N GLY B 36 12.51 2.48 35.80
CA GLY B 36 12.63 3.89 35.55
C GLY B 36 14.02 4.44 35.76
N PHE B 37 14.88 3.72 36.50
CA PHE B 37 16.25 4.15 36.70
C PHE B 37 17.01 4.27 35.38
N GLN B 38 16.56 3.54 34.35
CA GLN B 38 17.27 3.54 33.07
C GLN B 38 17.22 4.91 32.40
N GLY B 39 16.22 5.74 32.71
CA GLY B 39 16.12 7.04 32.09
C GLY B 39 16.88 8.14 32.78
N ASP B 40 17.50 7.86 33.94
CA ASP B 40 18.33 8.82 34.66
C ASP B 40 19.81 8.58 34.38
N VAL B 41 20.15 8.25 33.13
CA VAL B 41 21.49 7.72 32.85
C VAL B 41 22.54 8.81 32.96
N THR B 42 22.21 10.04 32.58
CA THR B 42 23.22 11.11 32.57
C THR B 42 23.70 11.40 33.99
N ARG B 43 22.77 11.52 34.94
CA ARG B 43 23.11 11.86 36.32
C ARG B 43 23.22 10.64 37.24
N GLY B 44 22.82 9.47 36.78
CA GLY B 44 22.89 8.28 37.60
C GLY B 44 23.54 7.12 36.88
N THR B 45 24.73 7.35 36.31
CA THR B 45 25.43 6.31 35.59
C THR B 45 25.86 5.20 36.53
N PHE B 46 26.02 4.00 35.97
CA PHE B 46 26.56 2.84 36.66
C PHE B 46 28.08 2.96 36.73
N ARG B 47 28.64 3.11 37.94
CA ARG B 47 30.09 3.21 38.14
C ARG B 47 30.64 1.81 38.40
N GLU B 48 31.10 1.14 37.35
CA GLU B 48 31.42 -0.28 37.43
C GLU B 48 32.49 -0.58 38.47
N ASP B 49 33.66 0.06 38.37
CA ASP B 49 34.77 -0.25 39.26
C ASP B 49 34.37 -0.16 40.72
N GLU B 50 33.83 1.00 41.10
CA GLU B 50 33.40 1.19 42.48
C GLU B 50 32.26 0.24 42.85
N SER B 51 31.34 0.00 41.92
CA SER B 51 30.26 -0.93 42.24
C SER B 51 30.82 -2.31 42.52
N LEU B 52 31.74 -2.77 41.68
CA LEU B 52 32.36 -4.07 41.91
C LEU B 52 33.03 -4.09 43.28
N ARG B 53 33.85 -3.07 43.58
CA ARG B 53 34.47 -2.97 44.89
C ARG B 53 33.45 -3.10 46.03
N VAL B 54 32.33 -2.39 45.92
CA VAL B 54 31.34 -2.43 47.00
C VAL B 54 30.74 -3.83 47.11
N ALA B 55 30.34 -4.42 45.98
CA ALA B 55 29.78 -5.76 45.98
C ALA B 55 30.77 -6.78 46.54
N VAL B 56 32.01 -6.77 46.04
CA VAL B 56 33.02 -7.70 46.52
C VAL B 56 33.15 -7.59 48.04
N GLU B 57 33.13 -6.36 48.56
CA GLU B 57 33.18 -6.17 50.00
C GLU B 57 31.96 -6.79 50.69
N ALA B 58 30.77 -6.62 50.11
CA ALA B 58 29.60 -7.28 50.69
C ALA B 58 29.76 -8.79 50.68
N ALA B 59 30.36 -9.32 49.61
CA ALA B 59 30.55 -10.76 49.55
C ALA B 59 31.51 -11.24 50.64
N GLU B 60 32.54 -10.44 50.96
CA GLU B 60 33.48 -10.84 52.01
C GLU B 60 32.88 -10.69 53.40
N LYS B 61 32.12 -9.61 53.64
CA LYS B 61 31.39 -9.45 54.90
C LYS B 61 30.47 -10.64 55.15
N MET B 62 29.81 -11.13 54.10
CA MET B 62 29.00 -12.34 54.24
C MET B 62 29.88 -13.55 54.49
N LYS B 63 31.02 -13.61 53.81
CA LYS B 63 31.94 -14.73 53.96
C LYS B 63 32.45 -14.88 55.39
N ARG B 64 32.66 -13.77 56.10
CA ARG B 64 33.19 -13.87 57.44
C ARG B 64 32.21 -14.50 58.42
N HIS B 65 30.92 -14.57 58.08
CA HIS B 65 29.96 -15.27 58.92
C HIS B 65 29.59 -16.63 58.34
N GLY B 66 30.45 -17.21 57.50
CA GLY B 66 30.22 -18.54 56.98
C GLY B 66 29.37 -18.65 55.71
N ILE B 67 28.86 -17.55 55.17
CA ILE B 67 28.01 -17.66 53.99
C ILE B 67 28.84 -18.13 52.80
N GLN B 68 28.41 -19.23 52.17
CA GLN B 68 29.06 -19.71 50.94
C GLN B 68 28.21 -19.53 49.69
N THR B 69 26.94 -19.17 49.82
CA THR B 69 26.02 -19.06 48.69
C THR B 69 25.06 -17.93 48.98
N VAL B 70 24.71 -17.18 47.93
CA VAL B 70 23.69 -16.09 47.98
C VAL B 70 22.73 -16.27 46.82
N VAL B 71 21.43 -16.22 47.10
CA VAL B 71 20.43 -16.18 46.01
C VAL B 71 20.18 -14.69 45.75
N ASP B 72 20.50 -14.23 44.57
CA ASP B 72 20.27 -12.83 44.19
C ASP B 72 19.07 -12.83 43.23
N PRO B 73 17.87 -12.46 43.71
CA PRO B 73 16.64 -12.51 42.92
C PRO B 73 16.20 -11.19 42.27
N THR B 74 17.16 -10.35 41.90
CA THR B 74 16.86 -9.09 41.22
C THR B 74 16.07 -9.37 39.94
N PRO B 75 14.92 -8.71 39.70
CA PRO B 75 14.16 -8.91 38.48
C PRO B 75 14.88 -8.45 37.21
N ASN B 76 14.42 -8.96 36.08
CA ASN B 76 15.13 -8.76 34.82
C ASN B 76 15.30 -7.28 34.49
N ASP B 77 14.32 -6.45 34.82
CA ASP B 77 14.39 -5.04 34.44
C ASP B 77 14.79 -4.16 35.60
N CYS B 78 15.30 -4.74 36.68
CA CYS B 78 15.66 -4.01 37.88
C CYS B 78 17.16 -3.98 38.09
N GLY B 79 17.92 -4.20 37.02
CA GLY B 79 19.35 -4.15 37.07
C GLY B 79 20.07 -5.49 37.15
N ARG B 80 19.34 -6.62 37.08
CA ARG B 80 19.99 -7.93 37.04
C ARG B 80 21.11 -7.93 36.01
N ASN B 81 22.31 -8.33 36.45
CA ASN B 81 23.51 -8.21 35.64
C ASN B 81 24.37 -9.45 35.91
N PRO B 82 24.09 -10.54 35.19
CA PRO B 82 24.75 -11.82 35.54
C PRO B 82 26.25 -11.81 35.29
N ALA B 83 26.73 -11.13 34.24
CA ALA B 83 28.18 -11.04 34.05
C ALA B 83 28.85 -10.32 35.23
N PHE B 84 28.23 -9.23 35.71
CA PHE B 84 28.76 -8.54 36.87
C PHE B 84 28.77 -9.44 38.11
N LEU B 85 27.64 -10.11 38.38
CA LEU B 85 27.60 -11.06 39.50
C LEU B 85 28.68 -12.12 39.36
N ARG B 86 28.91 -12.60 38.13
CA ARG B 86 29.97 -13.59 37.93
C ARG B 86 31.34 -13.04 38.32
N ARG B 87 31.57 -11.75 38.07
CA ARG B 87 32.85 -11.16 38.48
C ARG B 87 33.00 -11.19 39.99
N VAL B 88 31.90 -10.93 40.72
CA VAL B 88 31.93 -10.96 42.17
C VAL B 88 32.24 -12.36 42.67
N ALA B 89 31.55 -13.35 42.13
CA ALA B 89 31.75 -14.73 42.58
C ALA B 89 33.15 -15.22 42.26
N GLU B 90 33.64 -14.97 41.04
CA GLU B 90 34.99 -15.39 40.69
C GLU B 90 36.02 -14.74 41.59
N GLU B 91 35.84 -13.47 41.92
CA GLU B 91 36.76 -12.78 42.81
C GLU B 91 36.70 -13.34 44.24
N THR B 92 35.51 -13.70 44.72
CA THR B 92 35.32 -13.98 46.13
C THR B 92 35.12 -15.46 46.46
N GLY B 93 34.87 -16.31 45.46
CA GLY B 93 34.56 -17.71 45.71
C GLY B 93 33.15 -18.00 46.21
N LEU B 94 32.37 -16.97 46.55
CA LEU B 94 30.95 -17.14 46.83
C LEU B 94 30.23 -17.72 45.62
N ASN B 95 29.27 -18.62 45.85
CA ASN B 95 28.31 -18.96 44.81
C ASN B 95 27.19 -17.93 44.83
N ILE B 96 26.78 -17.51 43.64
CA ILE B 96 25.65 -16.60 43.48
C ILE B 96 24.70 -17.25 42.50
N ILE B 97 23.45 -17.41 42.93
CA ILE B 97 22.36 -17.90 42.10
C ILE B 97 21.48 -16.70 41.75
N CYS B 98 21.19 -16.51 40.46
CA CYS B 98 20.35 -15.38 40.06
C CYS B 98 18.99 -15.88 39.56
N ALA B 99 18.17 -14.94 39.11
CA ALA B 99 16.76 -15.20 38.85
C ALA B 99 16.38 -14.83 37.42
N THR B 100 15.24 -15.37 36.98
CA THR B 100 14.49 -14.83 35.85
C THR B 100 13.08 -14.51 36.33
N GLY B 101 12.61 -13.28 36.07
CA GLY B 101 11.33 -12.82 36.58
C GLY B 101 11.20 -11.32 36.51
N TYR B 102 9.97 -10.85 36.64
CA TYR B 102 9.61 -9.44 36.58
C TYR B 102 9.03 -8.98 37.92
N PRO B 103 9.06 -7.69 38.21
CA PRO B 103 8.52 -7.21 39.48
C PRO B 103 7.00 -7.05 39.41
N TYR B 104 6.40 -6.83 40.59
CA TYR B 104 4.96 -6.63 40.61
C TYR B 104 4.61 -5.26 40.05
N GLU B 105 3.31 -5.03 39.78
CA GLU B 105 2.88 -3.85 39.02
C GLU B 105 3.35 -2.55 39.66
N GLY B 106 2.94 -2.29 40.91
CA GLY B 106 3.22 -0.99 41.54
C GLY B 106 4.69 -0.64 41.71
N GLU B 107 5.61 -1.58 41.49
CA GLU B 107 7.03 -1.30 41.59
C GLU B 107 7.77 -1.77 40.34
N GLY B 108 7.07 -1.81 39.21
CA GLY B 108 7.67 -2.31 38.00
C GLY B 108 7.30 -1.48 36.80
N ALA B 109 7.56 -2.05 35.63
CA ALA B 109 7.23 -1.44 34.34
C ALA B 109 6.33 -2.43 33.61
N PRO B 110 5.01 -2.37 33.82
CA PRO B 110 4.09 -3.31 33.14
C PRO B 110 3.85 -3.02 31.66
N PRO B 111 4.05 -1.79 31.13
CA PRO B 111 3.56 -1.54 29.75
C PRO B 111 4.02 -2.56 28.71
N TYR B 112 5.26 -3.04 28.82
CA TYR B 112 5.78 -3.95 27.80
C TYR B 112 4.99 -5.25 27.75
N PHE B 113 4.86 -5.95 28.88
CA PHE B 113 4.12 -7.19 28.80
C PHE B 113 2.61 -7.00 28.79
N GLN B 114 2.10 -5.86 29.28
CA GLN B 114 0.70 -5.51 29.06
C GLN B 114 0.40 -5.43 27.57
N PHE B 115 1.33 -4.89 26.80
CA PHE B 115 1.09 -4.75 25.37
C PHE B 115 1.05 -6.11 24.70
N ARG B 116 1.92 -7.02 25.13
CA ARG B 116 1.93 -8.34 24.53
C ARG B 116 0.71 -9.15 24.94
N ARG B 117 0.10 -8.83 26.07
CA ARG B 117 -1.16 -9.49 26.42
C ARG B 117 -2.27 -9.08 25.45
N LEU B 118 -2.27 -7.81 25.01
CA LEU B 118 -3.20 -7.39 23.96
C LEU B 118 -3.04 -8.22 22.71
N LEU B 119 -1.79 -8.53 22.33
CA LEU B 119 -1.56 -9.37 21.17
C LEU B 119 -1.89 -10.84 21.40
N GLY B 120 -2.22 -11.25 22.64
CA GLY B 120 -2.49 -12.64 22.95
C GLY B 120 -1.27 -13.51 23.22
N THR B 121 -0.05 -12.95 23.22
CA THR B 121 1.16 -13.75 23.33
C THR B 121 1.88 -13.64 24.67
N ALA B 122 1.39 -12.83 25.61
CA ALA B 122 2.19 -12.48 26.79
C ALA B 122 2.58 -13.71 27.60
N GLU B 123 1.60 -14.47 28.08
CA GLU B 123 1.90 -15.57 28.99
C GLU B 123 2.85 -16.56 28.34
N ASP B 124 2.63 -16.87 27.06
CA ASP B 124 3.55 -17.72 26.32
C ASP B 124 4.92 -17.09 26.22
N ASP B 125 4.97 -15.77 26.00
CA ASP B 125 6.26 -15.10 25.87
C ASP B 125 7.04 -15.16 27.18
N ILE B 126 6.32 -15.08 28.31
CA ILE B 126 6.95 -15.13 29.62
C ILE B 126 7.50 -16.52 29.89
N TYR B 127 6.72 -17.56 29.57
CA TYR B 127 7.21 -18.92 29.70
C TYR B 127 8.46 -19.11 28.82
N ASP B 128 8.39 -18.67 27.56
CA ASP B 128 9.54 -18.76 26.66
C ASP B 128 10.77 -18.08 27.26
N MET B 129 10.58 -16.94 27.93
CA MET B 129 11.68 -16.24 28.55
C MET B 129 12.24 -17.02 29.74
N PHE B 130 11.36 -17.48 30.63
CA PHE B 130 11.76 -18.32 31.75
C PHE B 130 12.54 -19.53 31.26
N MET B 131 12.02 -20.23 30.25
CA MET B 131 12.66 -21.45 29.77
C MET B 131 14.06 -21.16 29.23
N ALA B 132 14.18 -20.12 28.39
CA ALA B 132 15.47 -19.83 27.76
C ALA B 132 16.51 -19.45 28.81
N GLU B 133 16.11 -18.67 29.81
CA GLU B 133 17.05 -18.19 30.81
C GLU B 133 17.40 -19.28 31.82
N LEU B 134 16.59 -20.33 31.91
CA LEU B 134 16.86 -21.38 32.86
C LEU B 134 17.61 -22.54 32.23
N THR B 135 17.45 -22.74 30.92
CA THR B 135 18.01 -23.88 30.21
C THR B 135 19.05 -23.51 29.15
N GLU B 136 19.19 -22.23 28.79
CA GLU B 136 20.16 -21.86 27.76
C GLU B 136 21.08 -20.76 28.25
N GLY B 137 20.57 -19.57 28.49
CA GLY B 137 21.36 -18.55 29.15
C GLY B 137 20.76 -17.17 29.09
N ILE B 138 21.20 -16.29 29.98
CA ILE B 138 20.74 -14.91 29.98
C ILE B 138 21.59 -14.12 28.99
N ALA B 139 20.93 -13.60 27.96
CA ALA B 139 21.58 -12.76 26.92
C ALA B 139 22.70 -13.59 26.30
N ASP B 140 23.92 -13.06 26.17
CA ASP B 140 25.08 -13.79 25.68
C ASP B 140 26.06 -14.13 26.79
N THR B 141 25.60 -14.08 28.05
CA THR B 141 26.47 -14.29 29.20
C THR B 141 26.83 -15.75 29.43
N GLY B 142 26.04 -16.68 28.91
CA GLY B 142 26.18 -18.09 29.21
C GLY B 142 25.81 -18.50 30.63
N ILE B 143 25.17 -17.61 31.38
CA ILE B 143 24.74 -17.89 32.74
C ILE B 143 23.25 -18.19 32.71
N LYS B 144 22.85 -19.33 33.26
CA LYS B 144 21.44 -19.66 33.45
C LYS B 144 20.95 -19.18 34.81
N ALA B 145 19.69 -18.73 34.86
CA ALA B 145 19.09 -18.40 36.14
C ALA B 145 18.91 -19.67 36.94
N GLY B 146 19.08 -19.57 38.24
CA GLY B 146 18.82 -20.70 39.10
C GLY B 146 17.43 -20.72 39.70
N VAL B 147 16.73 -19.59 39.69
CA VAL B 147 15.40 -19.49 40.29
C VAL B 147 14.49 -18.61 39.43
N ILE B 148 13.19 -18.87 39.54
CA ILE B 148 12.17 -18.00 38.96
C ILE B 148 11.69 -17.04 40.04
N KCX B 149 11.74 -15.75 39.76
CA KCX B 149 11.31 -14.72 40.71
CB KCX B 149 12.28 -13.53 40.67
CG KCX B 149 11.91 -12.34 41.57
CD KCX B 149 11.59 -12.81 42.99
CE KCX B 149 11.29 -11.61 43.87
NZ KCX B 149 12.47 -10.67 43.87
C KCX B 149 9.88 -14.27 40.39
O KCX B 149 9.57 -13.95 39.23
CX KCX B 149 12.47 -9.74 44.82
OQ1 KCX B 149 13.43 -8.93 44.88
OQ2 KCX B 149 11.50 -9.70 45.64
N LEU B 150 9.02 -14.28 41.41
CA LEU B 150 7.61 -13.87 41.25
C LEU B 150 7.26 -12.74 42.22
N ALA B 151 6.32 -11.87 41.84
CA ALA B 151 5.91 -10.82 42.77
C ALA B 151 4.44 -10.49 42.59
N SER B 152 3.76 -10.14 43.69
CA SER B 152 2.39 -9.65 43.62
C SER B 152 2.23 -8.33 44.38
N SER B 153 1.11 -7.65 44.09
CA SER B 153 0.77 -6.35 44.66
C SER B 153 0.11 -6.51 46.04
N LYS B 154 -0.19 -5.37 46.67
CA LYS B 154 -0.79 -5.38 48.00
C LYS B 154 -2.26 -5.80 47.91
N GLY B 155 -2.59 -6.89 48.59
CA GLY B 155 -3.95 -7.36 48.63
C GLY B 155 -4.45 -7.97 47.34
N ARG B 156 -3.62 -8.08 46.31
CA ARG B 156 -4.08 -8.60 45.04
C ARG B 156 -2.93 -9.31 44.34
N ILE B 157 -3.22 -10.42 43.70
CA ILE B 157 -2.42 -10.94 42.60
C ILE B 157 -3.14 -10.51 41.33
N THR B 158 -2.68 -9.43 40.71
CA THR B 158 -3.43 -8.87 39.58
C THR B 158 -3.46 -9.83 38.39
N GLU B 159 -4.32 -9.53 37.42
CA GLU B 159 -4.34 -10.36 36.21
C GLU B 159 -3.01 -10.27 35.46
N TYR B 160 -2.35 -9.12 35.51
CA TYR B 160 -1.01 -9.03 34.92
C TYR B 160 -0.04 -9.96 35.64
N GLU B 161 -0.02 -9.89 36.97
CA GLU B 161 0.85 -10.78 37.76
C GLU B 161 0.54 -12.25 37.52
N LYS B 162 -0.75 -12.60 37.41
CA LYS B 162 -1.11 -14.00 37.24
C LYS B 162 -0.51 -14.61 35.98
N MET B 163 -0.27 -13.81 34.94
CA MET B 163 0.43 -14.34 33.78
C MET B 163 1.77 -14.92 34.15
N PHE B 164 2.52 -14.21 35.00
CA PHE B 164 3.84 -14.72 35.37
C PHE B 164 3.74 -15.91 36.30
N PHE B 165 2.74 -15.90 37.20
CA PHE B 165 2.48 -17.05 38.07
C PHE B 165 2.22 -18.31 37.25
N ARG B 166 1.35 -18.22 36.24
CA ARG B 166 1.05 -19.40 35.44
C ARG B 166 2.25 -19.81 34.58
N ALA B 167 2.97 -18.84 34.01
CA ALA B 167 4.15 -19.20 33.24
C ALA B 167 5.21 -19.85 34.12
N ALA B 168 5.38 -19.34 35.35
CA ALA B 168 6.35 -19.94 36.26
C ALA B 168 5.97 -21.37 36.62
N ALA B 169 4.69 -21.62 36.90
CA ALA B 169 4.29 -23.00 37.19
C ALA B 169 4.56 -23.90 36.00
N ARG B 170 4.23 -23.43 34.80
CA ARG B 170 4.50 -24.20 33.59
C ARG B 170 5.97 -24.52 33.46
N ALA B 171 6.82 -23.52 33.67
CA ALA B 171 8.26 -23.69 33.45
C ALA B 171 8.84 -24.61 34.48
N GLN B 172 8.38 -24.51 35.72
CA GLN B 172 8.86 -25.40 36.77
C GLN B 172 8.50 -26.86 36.48
N LYS B 173 7.28 -27.12 36.02
CA LYS B 173 6.94 -28.46 35.60
C LYS B 173 7.92 -29.01 34.56
N GLU B 174 8.53 -28.13 33.75
CA GLU B 174 9.47 -28.58 32.74
C GLU B 174 10.90 -28.70 33.24
N THR B 175 11.28 -27.90 34.23
CA THR B 175 12.67 -27.76 34.63
C THR B 175 12.95 -28.15 36.06
N GLY B 176 11.92 -28.24 36.92
CA GLY B 176 12.17 -28.41 38.33
C GLY B 176 12.80 -27.20 39.00
N ALA B 177 12.76 -26.03 38.36
CA ALA B 177 13.39 -24.84 38.91
C ALA B 177 12.69 -24.38 40.20
N VAL B 178 13.47 -23.76 41.09
CA VAL B 178 12.95 -23.17 42.31
C VAL B 178 12.25 -21.86 42.01
N ILE B 179 11.08 -21.64 42.64
CA ILE B 179 10.37 -20.36 42.59
C ILE B 179 10.59 -19.60 43.88
N ILE B 180 10.92 -18.31 43.77
CA ILE B 180 11.08 -17.41 44.90
C ILE B 180 10.08 -16.27 44.71
N THR B 181 9.35 -15.90 45.77
CA THR B 181 8.36 -14.86 45.54
C THR B 181 8.60 -13.63 46.42
N HIS B 182 7.96 -12.55 46.01
CA HIS B 182 7.87 -11.31 46.75
C HIS B 182 6.40 -11.11 47.12
N THR B 183 6.11 -10.94 48.43
CA THR B 183 4.77 -10.51 48.85
C THR B 183 4.82 -9.05 49.26
N GLN B 184 3.76 -8.31 48.94
CA GLN B 184 3.72 -6.88 49.20
C GLN B 184 3.01 -6.61 50.52
N GLU B 185 3.73 -5.98 51.47
CA GLU B 185 3.14 -5.44 52.69
C GLU B 185 2.36 -6.50 53.47
N GLY B 186 2.94 -7.70 53.55
CA GLY B 186 2.38 -8.79 54.31
C GLY B 186 1.09 -9.35 53.79
N THR B 187 0.80 -9.22 52.50
CA THR B 187 -0.43 -9.77 51.94
C THR B 187 -0.13 -10.84 50.90
N MET B 188 -1.08 -11.77 50.76
CA MET B 188 -1.23 -12.69 49.63
C MET B 188 -0.33 -13.91 49.72
N GLY B 189 0.32 -14.17 50.85
CA GLY B 189 1.11 -15.37 51.02
C GLY B 189 0.33 -16.66 50.79
N PRO B 190 -0.79 -16.85 51.50
CA PRO B 190 -1.62 -18.04 51.23
C PRO B 190 -2.17 -18.08 49.81
N GLU B 191 -2.54 -16.92 49.26
CA GLU B 191 -3.07 -16.87 47.90
C GLU B 191 -2.02 -17.24 46.86
N GLN B 192 -0.77 -16.84 47.09
CA GLN B 192 0.32 -17.20 46.16
C GLN B 192 0.51 -18.71 46.11
N ALA B 193 0.69 -19.34 47.27
CA ALA B 193 0.85 -20.79 47.35
C ALA B 193 -0.35 -21.52 46.75
N ALA B 194 -1.56 -21.17 47.18
CA ALA B 194 -2.74 -21.81 46.63
C ALA B 194 -2.82 -21.65 45.12
N TYR B 195 -2.57 -20.44 44.62
CA TYR B 195 -2.66 -20.24 43.17
C TYR B 195 -1.54 -20.98 42.43
N LEU B 196 -0.36 -21.08 43.03
CA LEU B 196 0.71 -21.79 42.34
C LEU B 196 0.44 -23.29 42.30
N LEU B 197 -0.09 -23.84 43.40
CA LEU B 197 -0.37 -25.28 43.45
C LEU B 197 -1.56 -25.63 42.57
N GLU B 198 -2.57 -24.75 42.53
CA GLU B 198 -3.66 -24.88 41.56
C GLU B 198 -3.14 -25.18 40.16
N HIS B 199 -2.06 -24.51 39.76
CA HIS B 199 -1.55 -24.66 38.40
C HIS B 199 -0.37 -25.62 38.29
N GLY B 200 -0.20 -26.51 39.28
CA GLY B 200 0.73 -27.62 39.13
C GLY B 200 2.12 -27.41 39.71
N ALA B 201 2.37 -26.27 40.35
CA ALA B 201 3.70 -26.01 40.90
C ALA B 201 3.96 -26.91 42.09
N ASP B 202 5.24 -27.14 42.37
CA ASP B 202 5.62 -28.07 43.43
C ASP B 202 5.87 -27.33 44.73
N PRO B 203 5.15 -27.62 45.80
CA PRO B 203 5.35 -26.90 47.07
C PRO B 203 6.75 -27.03 47.63
N LYS B 204 7.45 -28.13 47.35
CA LYS B 204 8.81 -28.30 47.85
C LYS B 204 9.81 -27.42 47.12
N LYS B 205 9.41 -26.78 46.01
CA LYS B 205 10.30 -25.94 45.22
C LYS B 205 9.92 -24.47 45.27
N ILE B 206 9.03 -24.08 46.18
CA ILE B 206 8.52 -22.73 46.29
C ILE B 206 9.02 -22.09 47.58
N VAL B 207 9.46 -20.83 47.48
CA VAL B 207 9.73 -19.98 48.64
C VAL B 207 8.81 -18.76 48.55
N ILE B 208 7.87 -18.65 49.47
CA ILE B 208 7.05 -17.45 49.62
C ILE B 208 7.82 -16.44 50.44
N GLY B 209 8.13 -15.28 49.85
CA GLY B 209 9.03 -14.32 50.44
C GLY B 209 8.33 -13.18 51.14
N HIS B 210 9.16 -12.40 51.86
CA HIS B 210 8.73 -11.23 52.65
C HIS B 210 7.58 -11.61 53.59
N MET B 211 7.58 -12.86 54.03
CA MET B 211 6.55 -13.30 54.96
C MET B 211 6.73 -12.65 56.32
N CYS B 212 7.93 -12.14 56.60
CA CYS B 212 8.16 -11.36 57.80
C CYS B 212 7.41 -10.05 57.79
N GLY B 213 6.85 -9.64 56.65
CA GLY B 213 6.03 -8.45 56.60
C GLY B 213 4.69 -8.59 57.30
N ASN B 214 4.34 -9.79 57.73
CA ASN B 214 3.08 -10.08 58.39
C ASN B 214 3.37 -10.61 59.78
N THR B 215 2.73 -10.02 60.79
CA THR B 215 3.02 -10.36 62.18
C THR B 215 1.97 -11.25 62.82
N ASP B 216 1.09 -11.88 62.05
CA ASP B 216 0.05 -12.72 62.62
C ASP B 216 0.36 -14.18 62.34
N PRO B 217 0.75 -14.96 63.36
CA PRO B 217 1.16 -16.35 63.10
C PRO B 217 0.12 -17.20 62.42
N ASP B 218 -1.16 -16.82 62.42
CA ASP B 218 -2.16 -17.60 61.69
C ASP B 218 -1.98 -17.45 60.19
N TYR B 219 -1.72 -16.21 59.74
CA TYR B 219 -1.37 -15.99 58.34
C TYR B 219 -0.20 -16.88 57.93
N HIS B 220 0.87 -16.87 58.73
CA HIS B 220 2.01 -17.72 58.43
C HIS B 220 1.62 -19.19 58.41
N ARG B 221 0.83 -19.61 59.40
CA ARG B 221 0.46 -21.03 59.45
C ARG B 221 -0.40 -21.41 58.25
N LYS B 222 -1.30 -20.50 57.84
CA LYS B 222 -2.07 -20.69 56.61
C LYS B 222 -1.15 -20.94 55.42
N THR B 223 -0.07 -20.17 55.30
CA THR B 223 0.85 -20.34 54.17
C THR B 223 1.64 -21.62 54.32
N LEU B 224 2.13 -21.88 55.55
CA LEU B 224 2.88 -23.10 55.83
C LEU B 224 2.05 -24.34 55.52
N ALA B 225 0.74 -24.30 55.78
CA ALA B 225 -0.07 -25.50 55.54
C ALA B 225 0.05 -26.02 54.12
N TYR B 226 0.43 -25.16 53.16
CA TYR B 226 0.58 -25.63 51.79
C TYR B 226 1.85 -26.45 51.55
N GLY B 227 2.72 -26.61 52.54
CA GLY B 227 3.97 -27.32 52.33
C GLY B 227 5.12 -26.48 51.78
N VAL B 228 4.92 -25.20 51.53
CA VAL B 228 5.94 -24.38 50.90
C VAL B 228 6.89 -23.81 51.96
N TYR B 229 8.05 -23.34 51.50
CA TYR B 229 8.93 -22.57 52.36
C TYR B 229 8.41 -21.13 52.49
N ILE B 230 8.79 -20.47 53.57
CA ILE B 230 8.51 -19.05 53.79
C ILE B 230 9.79 -18.39 54.27
N ALA B 231 9.97 -17.12 53.89
CA ALA B 231 11.20 -16.42 54.16
C ALA B 231 10.93 -15.18 55.02
N PHE B 232 11.60 -15.12 56.17
CA PHE B 232 11.74 -13.87 56.91
C PHE B 232 12.99 -13.21 56.34
N ASP B 233 12.82 -12.56 55.18
CA ASP B 233 13.96 -12.14 54.37
C ASP B 233 14.17 -10.63 54.38
N ARG B 234 13.55 -9.90 55.33
CA ARG B 234 13.71 -8.45 55.36
C ARG B 234 14.20 -7.94 56.72
N PHE B 235 14.98 -8.73 57.45
CA PHE B 235 15.54 -8.26 58.71
C PHE B 235 16.34 -6.98 58.49
N GLY B 236 16.04 -5.95 59.28
CA GLY B 236 16.69 -4.67 59.18
C GLY B 236 15.89 -3.59 58.46
N ILE B 237 14.81 -3.94 57.75
CA ILE B 237 13.98 -2.94 57.09
C ILE B 237 12.86 -2.57 58.05
N GLN B 238 12.83 -1.30 58.46
CA GLN B 238 11.84 -0.81 59.41
C GLN B 238 11.43 0.61 59.04
N GLY B 239 10.14 0.91 59.14
CA GLY B 239 9.64 2.24 58.89
C GLY B 239 9.48 2.61 57.42
N MET B 240 9.60 1.64 56.51
CA MET B 240 9.47 1.90 55.08
C MET B 240 8.82 0.70 54.41
N VAL B 241 8.06 0.98 53.34
CA VAL B 241 7.40 -0.04 52.53
C VAL B 241 6.45 -0.85 53.41
N GLY B 242 5.81 -0.17 54.38
CA GLY B 242 4.90 -0.81 55.31
C GLY B 242 5.53 -1.80 56.27
N ALA B 243 6.86 -1.83 56.36
CA ALA B 243 7.54 -2.85 57.16
C ALA B 243 7.23 -2.68 58.64
N PRO B 244 7.04 -3.77 59.37
CA PRO B 244 7.05 -3.73 60.83
C PRO B 244 8.49 -3.73 61.34
N THR B 245 8.63 -3.76 62.65
CA THR B 245 9.95 -3.68 63.23
C THR B 245 10.63 -5.05 63.28
N ASP B 246 11.95 -5.04 63.38
CA ASP B 246 12.67 -6.28 63.64
C ASP B 246 12.14 -6.97 64.90
N GLU B 247 11.83 -6.19 65.94
CA GLU B 247 11.25 -6.75 67.16
C GLU B 247 10.01 -7.57 66.82
N GLU B 248 9.14 -7.01 65.99
CA GLU B 248 7.94 -7.74 65.57
C GLU B 248 8.31 -8.97 64.75
N ARG B 249 9.30 -8.85 63.86
CA ARG B 249 9.79 -10.00 63.12
C ARG B 249 10.20 -11.13 64.05
N VAL B 250 11.10 -10.84 64.99
CA VAL B 250 11.60 -11.86 65.92
C VAL B 250 10.44 -12.52 66.66
N ARG B 251 9.51 -11.72 67.18
CA ARG B 251 8.41 -12.29 67.96
C ARG B 251 7.60 -13.27 67.13
N THR B 252 7.31 -12.91 65.87
CA THR B 252 6.62 -13.85 64.99
C THR B 252 7.46 -15.09 64.73
N LEU B 253 8.77 -14.91 64.48
CA LEU B 253 9.62 -16.04 64.12
C LEU B 253 9.76 -17.04 65.28
N LEU B 254 10.02 -16.54 66.49
CA LEU B 254 10.06 -17.40 67.67
C LEU B 254 8.79 -18.22 67.80
N ALA B 255 7.62 -17.60 67.62
CA ALA B 255 6.37 -18.35 67.75
C ALA B 255 6.30 -19.52 66.77
N LEU B 256 6.73 -19.30 65.52
CA LEU B 256 6.70 -20.39 64.54
C LEU B 256 7.75 -21.44 64.86
N LEU B 257 8.94 -21.02 65.28
CA LEU B 257 9.99 -21.97 65.60
C LEU B 257 9.60 -22.83 66.79
N ARG B 258 8.91 -22.22 67.77
CA ARG B 258 8.44 -22.97 68.92
C ARG B 258 7.34 -23.96 68.55
N ASP B 259 6.70 -23.81 67.39
CA ASP B 259 5.71 -24.76 66.92
C ASP B 259 6.29 -25.79 65.95
N GLY B 260 7.62 -25.87 65.83
CA GLY B 260 8.25 -26.88 64.99
C GLY B 260 8.34 -26.59 63.50
N TYR B 261 8.32 -25.34 63.09
CA TYR B 261 8.27 -25.03 61.66
C TYR B 261 9.64 -24.74 61.02
N GLU B 262 10.74 -25.16 61.66
CA GLU B 262 12.05 -24.69 61.21
C GLU B 262 12.43 -25.24 59.84
N LYS B 263 11.89 -26.40 59.45
CA LYS B 263 12.21 -26.98 58.14
C LYS B 263 11.52 -26.27 56.98
N GLN B 264 10.78 -25.19 57.24
CA GLN B 264 10.10 -24.44 56.20
C GLN B 264 10.46 -22.95 56.21
N ILE B 265 11.38 -22.52 57.08
CA ILE B 265 11.66 -21.09 57.27
C ILE B 265 13.10 -20.79 56.85
N MET B 266 13.29 -19.68 56.12
CA MET B 266 14.61 -19.19 55.75
C MET B 266 14.72 -17.69 56.03
N LEU B 267 15.96 -17.22 56.24
CA LEU B 267 16.19 -15.86 56.73
C LEU B 267 17.11 -15.09 55.78
N SER B 268 16.92 -13.76 55.72
CA SER B 268 17.73 -12.88 54.87
C SER B 268 17.38 -11.43 55.21
N HIS B 269 18.07 -10.49 54.55
CA HIS B 269 17.84 -9.06 54.76
C HIS B 269 17.24 -8.33 53.58
N ASP B 270 17.36 -8.86 52.36
CA ASP B 270 16.89 -8.14 51.16
C ASP B 270 17.66 -6.83 50.99
N THR B 271 18.98 -6.90 51.17
CA THR B 271 19.81 -5.72 50.98
C THR B 271 19.86 -5.28 49.53
N VAL B 272 20.10 -4.00 49.36
CA VAL B 272 20.53 -3.44 48.09
C VAL B 272 21.91 -2.84 48.34
N ASN B 273 22.95 -3.51 47.85
CA ASN B 273 24.29 -3.07 48.19
C ASN B 273 24.79 -1.97 47.25
N VAL B 274 24.32 -1.94 46.01
CA VAL B 274 24.62 -0.85 45.11
C VAL B 274 23.32 -0.43 44.45
N TRP B 275 22.85 0.78 44.76
CA TRP B 275 21.67 1.29 44.11
C TRP B 275 22.04 1.76 42.71
N LEU B 276 21.22 1.39 41.75
CA LEU B 276 21.40 1.91 40.40
C LEU B 276 20.65 3.23 40.27
N GLY B 277 20.95 3.96 39.19
CA GLY B 277 20.48 5.33 39.09
C GLY B 277 21.32 6.26 39.95
N ARG B 278 20.70 7.39 40.33
CA ARG B 278 21.34 8.49 41.05
C ARG B 278 21.49 8.14 42.54
N PRO B 279 22.56 8.57 43.18
CA PRO B 279 22.70 8.28 44.63
C PRO B 279 21.70 9.11 45.43
N PHE B 280 21.40 8.61 46.63
CA PHE B 280 20.47 9.29 47.51
C PHE B 280 20.89 9.10 48.96
N THR B 281 20.24 9.86 49.84
CA THR B 281 20.41 9.77 51.28
C THR B 281 19.03 9.79 51.92
N LEU B 282 18.79 8.88 52.84
CA LEU B 282 17.47 8.82 53.45
C LEU B 282 17.28 9.94 54.46
N PRO B 283 16.14 10.65 54.43
CA PRO B 283 15.80 11.59 55.52
C PRO B 283 15.94 10.98 56.91
N GLU B 284 16.09 11.84 57.93
CA GLU B 284 16.56 11.39 59.24
C GLU B 284 15.64 10.46 60.02
N PRO B 285 14.30 10.58 59.91
CA PRO B 285 13.45 9.55 60.53
C PRO B 285 13.73 8.15 60.00
N PHE B 286 13.64 7.99 58.67
CA PHE B 286 13.90 6.70 58.06
C PHE B 286 15.34 6.24 58.28
N ALA B 287 16.29 7.17 58.32
CA ALA B 287 17.71 6.81 58.27
C ALA B 287 18.13 6.00 59.49
N GLU B 288 17.73 6.43 60.70
CA GLU B 288 18.12 5.67 61.88
C GLU B 288 17.32 4.37 62.00
N MET B 289 16.05 4.39 61.59
CA MET B 289 15.27 3.15 61.61
C MET B 289 15.87 2.11 60.69
N MET B 290 16.44 2.53 59.56
CA MET B 290 17.00 1.61 58.57
C MET B 290 18.44 1.22 58.86
N LYS B 291 19.01 1.69 59.98
CA LYS B 291 20.47 1.66 60.12
C LYS B 291 21.05 0.26 60.17
N ASN B 292 20.23 -0.78 60.40
CA ASN B 292 20.75 -2.13 60.51
C ASN B 292 20.56 -2.94 59.24
N TRP B 293 20.06 -2.32 58.18
CA TRP B 293 19.87 -2.97 56.89
C TRP B 293 21.19 -3.24 56.17
N HIS B 294 21.95 -4.23 56.64
CA HIS B 294 23.19 -4.62 56.00
C HIS B 294 23.38 -6.13 56.18
N VAL B 295 24.35 -6.68 55.45
CA VAL B 295 24.42 -8.12 55.24
C VAL B 295 24.95 -8.86 56.46
N GLU B 296 25.37 -8.16 57.51
CA GLU B 296 25.81 -8.81 58.75
C GLU B 296 24.79 -8.73 59.88
N HIS B 297 23.65 -8.07 59.65
CA HIS B 297 22.70 -7.78 60.72
C HIS B 297 22.17 -9.06 61.36
N LEU B 298 21.77 -10.04 60.55
CA LEU B 298 21.37 -11.34 61.07
C LEU B 298 22.42 -11.88 62.05
N PHE B 299 23.67 -11.91 61.62
CA PHE B 299 24.68 -12.65 62.39
C PHE B 299 25.23 -11.86 63.56
N VAL B 300 25.23 -10.54 63.46
CA VAL B 300 25.69 -9.69 64.56
C VAL B 300 24.59 -9.45 65.58
N ASN B 301 23.34 -9.29 65.15
CA ASN B 301 22.28 -8.86 66.06
C ASN B 301 21.19 -9.91 66.23
N ILE B 302 20.54 -10.35 65.14
CA ILE B 302 19.34 -11.17 65.27
C ILE B 302 19.69 -12.57 65.77
N ILE B 303 20.64 -13.25 65.09
CA ILE B 303 20.94 -14.63 65.44
C ILE B 303 21.35 -14.77 66.90
N PRO B 304 22.19 -13.90 67.47
CA PRO B 304 22.54 -14.09 68.88
C PRO B 304 21.39 -13.82 69.84
N ALA B 305 20.47 -12.89 69.51
CA ALA B 305 19.32 -12.68 70.38
C ALA B 305 18.37 -13.88 70.33
N LEU B 306 18.24 -14.51 69.18
CA LEU B 306 17.47 -15.75 69.09
C LEU B 306 18.09 -16.83 69.97
N LYS B 307 19.42 -16.93 69.94
CA LYS B 307 20.12 -17.87 70.81
C LYS B 307 19.82 -17.58 72.28
N ASN B 308 19.85 -16.30 72.66
CA ASN B 308 19.52 -15.93 74.04
C ASN B 308 18.11 -16.38 74.41
N GLU B 309 17.21 -16.46 73.44
CA GLU B 309 15.84 -16.86 73.67
C GLU B 309 15.65 -18.37 73.61
N GLY B 310 16.74 -19.14 73.48
CA GLY B 310 16.69 -20.57 73.59
C GLY B 310 16.82 -21.33 72.28
N ILE B 311 16.87 -20.65 71.13
CA ILE B 311 16.96 -21.36 69.86
C ILE B 311 18.30 -22.08 69.78
N ARG B 312 18.27 -23.33 69.34
CA ARG B 312 19.46 -24.17 69.32
C ARG B 312 20.20 -24.11 67.99
N ASP B 313 21.52 -24.34 68.07
CA ASP B 313 22.37 -24.21 66.88
C ASP B 313 21.90 -25.10 65.75
N GLU B 314 21.36 -26.28 66.07
CA GLU B 314 20.92 -27.20 65.02
C GLU B 314 19.68 -26.67 64.29
N VAL B 315 18.87 -25.86 64.96
CA VAL B 315 17.72 -25.27 64.27
C VAL B 315 18.21 -24.21 63.27
N LEU B 316 19.12 -23.33 63.70
CA LEU B 316 19.67 -22.33 62.80
C LEU B 316 20.31 -22.98 61.57
N GLU B 317 21.13 -24.00 61.80
CA GLU B 317 21.77 -24.71 60.70
C GLU B 317 20.74 -25.31 59.75
N GLN B 318 19.61 -25.79 60.29
CA GLN B 318 18.54 -26.29 59.43
C GLN B 318 18.03 -25.19 58.50
N MET B 319 17.90 -23.97 59.01
CA MET B 319 17.40 -22.86 58.22
C MET B 319 18.43 -22.30 57.25
N PHE B 320 19.69 -22.25 57.65
CA PHE B 320 20.71 -21.69 56.77
C PHE B 320 21.33 -22.72 55.83
N ILE B 321 21.29 -24.00 56.16
CA ILE B 321 21.99 -25.02 55.39
C ILE B 321 21.05 -26.12 54.91
N GLY B 322 20.33 -26.75 55.85
CA GLY B 322 19.48 -27.87 55.48
C GLY B 322 18.40 -27.46 54.50
N ASN B 323 17.71 -26.34 54.78
CA ASN B 323 16.60 -25.92 53.93
C ASN B 323 17.05 -25.52 52.53
N PRO B 324 18.07 -24.67 52.35
CA PRO B 324 18.50 -24.41 50.96
C PRO B 324 18.89 -25.67 50.21
N ALA B 325 19.54 -26.62 50.90
CA ALA B 325 19.91 -27.88 50.26
C ALA B 325 18.67 -28.67 49.85
N ALA B 326 17.69 -28.77 50.75
CA ALA B 326 16.44 -29.43 50.40
C ALA B 326 15.75 -28.71 49.25
N LEU B 327 15.70 -27.38 49.31
CA LEU B 327 14.99 -26.60 48.30
C LEU B 327 15.52 -26.92 46.91
N PHE B 328 16.82 -26.80 46.72
CA PHE B 328 17.44 -26.90 45.40
C PHE B 328 17.65 -28.33 44.92
N SER B 329 17.31 -29.33 45.75
CA SER B 329 17.37 -30.72 45.30
C SER B 329 15.99 -31.34 45.13
N GLU C 7 23.36 8.63 -30.91
CA GLU C 7 23.74 9.81 -30.13
C GLU C 7 22.53 10.68 -29.74
N MET C 8 21.54 10.81 -30.65
CA MET C 8 20.25 11.44 -30.34
C MET C 8 19.13 10.40 -30.36
N VAL C 9 18.08 10.65 -29.59
CA VAL C 9 16.85 9.87 -29.67
C VAL C 9 15.68 10.85 -29.76
N GLU C 10 14.69 10.52 -30.58
CA GLU C 10 13.53 11.39 -30.77
C GLU C 10 12.52 11.14 -29.64
N THR C 11 12.33 12.15 -28.79
CA THR C 11 11.32 12.16 -27.75
C THR C 11 10.13 13.00 -28.20
N VAL C 12 9.11 13.07 -27.35
CA VAL C 12 7.95 13.91 -27.64
C VAL C 12 8.31 15.38 -27.67
N CYS C 13 9.49 15.74 -27.16
CA CYS C 13 9.95 17.13 -27.12
C CYS C 13 11.00 17.45 -28.19
N GLY C 14 11.36 16.49 -29.05
CA GLY C 14 12.40 16.68 -30.04
C GLY C 14 13.59 15.78 -29.74
N PRO C 15 14.65 15.87 -30.55
CA PRO C 15 15.88 15.13 -30.25
C PRO C 15 16.41 15.45 -28.86
N VAL C 16 16.81 14.40 -28.15
CA VAL C 16 17.50 14.50 -26.87
C VAL C 16 18.75 13.65 -27.00
N PRO C 17 19.90 14.05 -26.44
CA PRO C 17 21.07 13.16 -26.45
C PRO C 17 20.84 11.95 -25.56
N VAL C 18 21.25 10.78 -26.08
CA VAL C 18 21.03 9.52 -25.39
C VAL C 18 21.61 9.56 -23.98
N GLU C 19 22.74 10.26 -23.81
CA GLU C 19 23.40 10.34 -22.51
C GLU C 19 22.57 11.07 -21.45
N GLN C 20 21.57 11.86 -21.86
CA GLN C 20 20.68 12.50 -20.89
C GLN C 20 19.44 11.66 -20.56
N LEU C 21 19.22 10.54 -21.25
CA LEU C 21 18.09 9.67 -20.92
C LEU C 21 18.14 9.24 -19.45
N GLY C 22 19.32 8.90 -18.94
CA GLY C 22 19.40 8.57 -17.53
C GLY C 22 18.51 7.39 -17.15
N LYS C 23 18.04 7.40 -15.91
CA LYS C 23 17.27 6.28 -15.38
C LYS C 23 15.90 6.22 -16.07
N THR C 24 15.54 5.03 -16.58
CA THR C 24 14.49 4.91 -17.58
C THR C 24 13.51 3.79 -17.20
N LEU C 25 12.22 4.05 -17.41
CA LEU C 25 11.20 3.00 -17.45
C LEU C 25 10.90 2.73 -18.93
N ILE C 26 11.13 1.50 -19.36
CA ILE C 26 11.03 1.08 -20.79
C ILE C 26 9.61 0.82 -21.28
N HIS C 27 8.64 0.70 -20.40
CA HIS C 27 7.27 0.34 -20.85
C HIS C 27 6.22 0.78 -19.84
N GLU C 28 5.68 1.98 -20.04
CA GLU C 28 4.64 2.59 -19.17
C GLU C 28 3.68 3.39 -20.04
N HIS C 29 2.37 3.28 -19.81
CA HIS C 29 1.36 3.99 -20.62
C HIS C 29 0.75 5.13 -19.79
N PHE C 30 0.94 6.38 -20.22
CA PHE C 30 0.22 7.44 -19.55
C PHE C 30 -1.28 7.39 -19.88
N LEU C 31 -1.63 7.20 -21.16
CA LEU C 31 -3.00 6.96 -21.58
C LEU C 31 -3.08 5.61 -22.26
N PHE C 32 -4.21 4.91 -22.08
CA PHE C 32 -4.42 3.69 -22.85
C PHE C 32 -5.91 3.39 -22.94
N GLY C 33 -6.32 2.91 -24.11
CA GLY C 33 -7.68 2.41 -24.29
C GLY C 33 -7.66 1.18 -25.18
N TYR C 34 -8.46 0.19 -24.82
CA TYR C 34 -8.63 -0.98 -25.67
C TYR C 34 -9.34 -0.59 -26.97
N PRO C 35 -8.87 -1.04 -28.13
CA PRO C 35 -9.59 -0.75 -29.39
C PRO C 35 -11.07 -1.03 -29.21
N GLY C 36 -11.90 -0.10 -29.67
CA GLY C 36 -13.32 -0.08 -29.36
C GLY C 36 -13.73 1.03 -28.43
N PHE C 37 -12.80 1.53 -27.59
CA PHE C 37 -13.12 2.64 -26.68
C PHE C 37 -13.63 3.86 -27.44
N GLN C 38 -13.19 4.04 -28.68
CA GLN C 38 -13.65 5.18 -29.48
C GLN C 38 -15.18 5.20 -29.64
N GLY C 39 -15.82 4.03 -29.63
CA GLY C 39 -17.26 3.98 -29.77
C GLY C 39 -18.06 4.36 -28.54
N ASP C 40 -17.42 4.38 -27.37
CA ASP C 40 -18.06 4.68 -26.09
C ASP C 40 -17.83 6.14 -25.69
N VAL C 41 -17.95 7.05 -26.64
CA VAL C 41 -17.53 8.43 -26.38
C VAL C 41 -18.55 9.18 -25.53
N THR C 42 -19.87 8.91 -25.67
CA THR C 42 -20.80 9.75 -24.92
C THR C 42 -20.66 9.51 -23.42
N ARG C 43 -20.44 8.28 -23.00
CA ARG C 43 -20.24 7.99 -21.58
C ARG C 43 -18.80 7.68 -21.24
N GLY C 44 -17.88 7.84 -22.20
CA GLY C 44 -16.47 7.62 -21.93
C GLY C 44 -15.62 8.76 -22.44
N THR C 45 -16.13 9.99 -22.29
CA THR C 45 -15.45 11.14 -22.86
C THR C 45 -14.06 11.34 -22.24
N PHE C 46 -13.11 11.69 -23.10
CA PHE C 46 -11.75 12.01 -22.65
C PHE C 46 -11.75 13.35 -21.91
N ARG C 47 -11.38 13.31 -20.62
CA ARG C 47 -11.32 14.51 -19.78
C ARG C 47 -9.88 15.01 -19.75
N GLU C 48 -9.62 16.07 -20.49
CA GLU C 48 -8.24 16.50 -20.71
C GLU C 48 -7.57 16.91 -19.40
N ASP C 49 -8.26 17.71 -18.58
CA ASP C 49 -7.63 18.35 -17.43
C ASP C 49 -7.35 17.35 -16.32
N GLU C 50 -8.33 16.53 -15.98
CA GLU C 50 -8.10 15.55 -14.92
C GLU C 50 -7.06 14.51 -15.35
N SER C 51 -7.07 14.12 -16.63
CA SER C 51 -6.10 13.15 -17.12
C SER C 51 -4.67 13.70 -17.08
N LEU C 52 -4.51 14.98 -17.44
CA LEU C 52 -3.17 15.55 -17.36
C LEU C 52 -2.68 15.62 -15.91
N ARG C 53 -3.57 15.97 -14.97
CA ARG C 53 -3.17 16.01 -13.57
C ARG C 53 -2.75 14.63 -13.07
N VAL C 54 -3.47 13.59 -13.49
CA VAL C 54 -3.09 12.22 -13.10
C VAL C 54 -1.79 11.81 -13.78
N ALA C 55 -1.63 12.14 -15.08
CA ALA C 55 -0.40 11.85 -15.79
C ALA C 55 0.81 12.53 -15.12
N VAL C 56 0.65 13.81 -14.80
CA VAL C 56 1.72 14.54 -14.12
C VAL C 56 2.03 13.91 -12.78
N GLU C 57 0.99 13.59 -12.02
CA GLU C 57 1.19 13.02 -10.69
C GLU C 57 1.88 11.67 -10.79
N ALA C 58 1.53 10.88 -11.80
CA ALA C 58 2.28 9.66 -12.04
C ALA C 58 3.73 9.98 -12.36
N ALA C 59 3.97 11.05 -13.13
CA ALA C 59 5.32 11.46 -13.45
C ALA C 59 6.11 11.86 -12.21
N GLU C 60 5.48 12.58 -11.27
CA GLU C 60 6.18 13.00 -10.07
C GLU C 60 6.53 11.80 -9.20
N LYS C 61 5.64 10.81 -9.14
CA LYS C 61 5.95 9.58 -8.42
C LYS C 61 7.23 8.95 -8.94
N MET C 62 7.34 8.81 -10.26
CA MET C 62 8.53 8.21 -10.85
C MET C 62 9.76 9.07 -10.61
N LYS C 63 9.63 10.40 -10.74
CA LYS C 63 10.76 11.28 -10.55
C LYS C 63 11.35 11.12 -9.16
N ARG C 64 10.49 10.93 -8.14
CA ARG C 64 10.95 10.72 -6.77
C ARG C 64 11.91 9.56 -6.67
N HIS C 65 11.76 8.58 -7.54
CA HIS C 65 12.66 7.44 -7.55
C HIS C 65 13.73 7.57 -8.62
N GLY C 66 14.00 8.80 -9.06
CA GLY C 66 15.10 9.09 -9.96
C GLY C 66 14.84 8.81 -11.43
N ILE C 67 13.59 8.53 -11.81
CA ILE C 67 13.30 8.25 -13.20
C ILE C 67 13.37 9.54 -14.00
N GLN C 68 14.12 9.53 -15.10
CA GLN C 68 14.23 10.69 -15.96
C GLN C 68 13.55 10.53 -17.30
N THR C 69 13.40 9.30 -17.78
CA THR C 69 12.87 9.01 -19.09
C THR C 69 11.83 7.91 -18.95
N VAL C 70 10.80 7.95 -19.80
CA VAL C 70 9.83 6.88 -19.93
C VAL C 70 9.62 6.62 -21.41
N VAL C 71 9.64 5.34 -21.80
CA VAL C 71 9.20 4.95 -23.12
C VAL C 71 7.74 4.53 -23.03
N ASP C 72 6.88 5.17 -23.83
CA ASP C 72 5.45 4.91 -23.81
C ASP C 72 5.06 4.22 -25.10
N PRO C 73 4.98 2.90 -25.12
CA PRO C 73 4.68 2.16 -26.36
C PRO C 73 3.20 2.06 -26.75
N THR C 74 2.35 2.99 -26.38
CA THR C 74 0.93 2.85 -26.68
C THR C 74 0.70 2.79 -28.20
N PRO C 75 0.07 1.72 -28.72
CA PRO C 75 -0.13 1.63 -30.17
C PRO C 75 -1.01 2.76 -30.73
N ASN C 76 -0.95 2.89 -32.06
CA ASN C 76 -1.58 4.02 -32.75
C ASN C 76 -3.09 4.11 -32.50
N ASP C 77 -3.78 2.99 -32.45
CA ASP C 77 -5.23 2.98 -32.28
C ASP C 77 -5.66 2.76 -30.84
N CYS C 78 -4.74 2.86 -29.87
CA CYS C 78 -5.05 2.63 -28.47
C CYS C 78 -4.98 3.91 -27.65
N GLY C 79 -5.17 5.05 -28.32
CA GLY C 79 -5.19 6.31 -27.62
C GLY C 79 -3.87 7.03 -27.53
N ARG C 80 -2.85 6.58 -28.27
CA ARG C 80 -1.60 7.33 -28.36
C ARG C 80 -1.91 8.79 -28.70
N ASN C 81 -1.37 9.69 -27.90
CA ASN C 81 -1.70 11.11 -27.99
C ASN C 81 -0.40 11.88 -27.80
N PRO C 82 0.39 12.02 -28.86
CA PRO C 82 1.71 12.67 -28.70
C PRO C 82 1.62 14.08 -28.14
N ALA C 83 0.66 14.89 -28.60
CA ALA C 83 0.51 16.23 -28.03
C ALA C 83 0.35 16.19 -26.51
N PHE C 84 -0.46 15.26 -26.01
CA PHE C 84 -0.68 15.13 -24.57
C PHE C 84 0.61 14.72 -23.87
N LEU C 85 1.31 13.72 -24.42
CA LEU C 85 2.57 13.31 -23.84
C LEU C 85 3.55 14.47 -23.74
N ARG C 86 3.58 15.34 -24.76
CA ARG C 86 4.48 16.49 -24.71
C ARG C 86 4.07 17.47 -23.62
N ARG C 87 2.77 17.58 -23.34
CA ARG C 87 2.32 18.41 -22.23
C ARG C 87 2.85 17.89 -20.89
N VAL C 88 2.80 16.57 -20.69
CA VAL C 88 3.35 15.95 -19.48
C VAL C 88 4.85 16.20 -19.40
N ALA C 89 5.57 15.96 -20.50
CA ALA C 89 7.02 16.14 -20.49
C ALA C 89 7.40 17.60 -20.21
N GLU C 90 6.68 18.55 -20.84
CA GLU C 90 6.97 19.96 -20.61
C GLU C 90 6.66 20.39 -19.18
N GLU C 91 5.61 19.81 -18.59
CA GLU C 91 5.24 20.17 -17.23
C GLU C 91 6.18 19.55 -16.20
N THR C 92 6.68 18.34 -16.45
CA THR C 92 7.40 17.59 -15.44
C THR C 92 8.90 17.49 -15.67
N GLY C 93 9.39 17.87 -16.84
CA GLY C 93 10.80 17.70 -17.17
C GLY C 93 11.19 16.30 -17.58
N LEU C 94 10.29 15.33 -17.46
CA LEU C 94 10.54 13.96 -17.89
C LEU C 94 10.77 13.90 -19.40
N ASN C 95 11.71 13.04 -19.83
CA ASN C 95 11.76 12.65 -21.24
C ASN C 95 10.74 11.57 -21.52
N ILE C 96 9.95 11.72 -22.59
CA ILE C 96 9.00 10.68 -22.96
C ILE C 96 9.20 10.31 -24.41
N ILE C 97 9.29 9.01 -24.66
CA ILE C 97 9.48 8.49 -26.01
C ILE C 97 8.23 7.69 -26.35
N CYS C 98 7.56 8.08 -27.44
CA CYS C 98 6.34 7.40 -27.86
C CYS C 98 6.65 6.49 -29.04
N ALA C 99 5.67 5.67 -29.43
CA ALA C 99 5.88 4.60 -30.40
C ALA C 99 5.06 4.81 -31.67
N THR C 100 5.34 3.96 -32.65
CA THR C 100 4.47 3.76 -33.81
C THR C 100 4.27 2.27 -33.96
N GLY C 101 3.02 1.85 -34.07
CA GLY C 101 2.74 0.43 -34.14
C GLY C 101 1.32 0.13 -33.74
N TYR C 102 0.93 -1.10 -33.99
CA TYR C 102 -0.43 -1.61 -33.82
C TYR C 102 -0.41 -2.80 -32.86
N PRO C 103 -1.54 -3.10 -32.22
CA PRO C 103 -1.59 -4.21 -31.28
C PRO C 103 -1.74 -5.54 -32.00
N TYR C 104 -1.62 -6.62 -31.24
CA TYR C 104 -1.80 -7.93 -31.84
C TYR C 104 -3.30 -8.19 -32.04
N GLU C 105 -3.62 -9.16 -32.88
CA GLU C 105 -4.99 -9.39 -33.33
C GLU C 105 -5.98 -9.43 -32.16
N GLY C 106 -5.74 -10.32 -31.20
CA GLY C 106 -6.66 -10.50 -30.07
C GLY C 106 -6.97 -9.23 -29.29
N GLU C 107 -6.04 -8.26 -29.24
CA GLU C 107 -6.29 -7.03 -28.52
C GLU C 107 -6.32 -5.85 -29.47
N GLY C 108 -6.74 -6.07 -30.71
CA GLY C 108 -6.67 -4.99 -31.65
C GLY C 108 -7.89 -4.77 -32.50
N ALA C 109 -7.73 -3.95 -33.54
CA ALA C 109 -8.74 -3.75 -34.58
C ALA C 109 -8.04 -4.15 -35.87
N PRO C 110 -8.07 -5.42 -36.24
CA PRO C 110 -7.40 -5.87 -37.48
C PRO C 110 -8.15 -5.58 -38.77
N PRO C 111 -9.48 -5.29 -38.76
CA PRO C 111 -10.18 -5.14 -40.08
C PRO C 111 -9.54 -4.18 -41.08
N TYR C 112 -9.04 -3.03 -40.62
CA TYR C 112 -8.63 -1.97 -41.52
C TYR C 112 -7.45 -2.39 -42.38
N PHE C 113 -6.42 -2.98 -41.77
CA PHE C 113 -5.28 -3.45 -42.54
C PHE C 113 -5.46 -4.84 -43.11
N GLN C 114 -6.42 -5.62 -42.62
CA GLN C 114 -6.78 -6.84 -43.35
C GLN C 114 -7.36 -6.51 -44.71
N PHE C 115 -8.14 -5.41 -44.78
CA PHE C 115 -8.67 -4.96 -46.07
C PHE C 115 -7.54 -4.59 -47.01
N ARG C 116 -6.56 -3.85 -46.51
CA ARG C 116 -5.42 -3.46 -47.36
C ARG C 116 -4.54 -4.66 -47.72
N ARG C 117 -4.57 -5.72 -46.92
CA ARG C 117 -3.90 -6.96 -47.33
C ARG C 117 -4.56 -7.57 -48.55
N LEU C 118 -5.90 -7.52 -48.62
CA LEU C 118 -6.61 -8.00 -49.80
C LEU C 118 -6.26 -7.17 -51.03
N LEU C 119 -6.12 -5.84 -50.85
CA LEU C 119 -5.61 -4.99 -51.91
C LEU C 119 -4.12 -5.20 -52.16
N GLY C 120 -3.43 -5.95 -51.29
CA GLY C 120 -2.03 -6.24 -51.50
C GLY C 120 -1.09 -5.08 -51.28
N THR C 121 -1.49 -4.04 -50.56
CA THR C 121 -0.59 -2.93 -50.27
C THR C 121 -0.30 -2.80 -48.78
N ALA C 122 -0.74 -3.74 -47.95
CA ALA C 122 -0.76 -3.50 -46.51
C ALA C 122 0.66 -3.46 -45.94
N GLU C 123 1.50 -4.46 -46.26
CA GLU C 123 2.87 -4.44 -45.76
C GLU C 123 3.58 -3.13 -46.15
N ASP C 124 3.49 -2.75 -47.42
CA ASP C 124 4.08 -1.48 -47.84
C ASP C 124 3.45 -0.31 -47.12
N ASP C 125 2.13 -0.37 -46.89
CA ASP C 125 1.44 0.74 -46.24
C ASP C 125 1.90 0.91 -44.79
N ILE C 126 2.21 -0.20 -44.10
CA ILE C 126 2.69 -0.12 -42.72
C ILE C 126 4.12 0.43 -42.68
N TYR C 127 4.94 0.03 -43.65
CA TYR C 127 6.26 0.63 -43.81
C TYR C 127 6.16 2.15 -43.98
N ASP C 128 5.36 2.60 -44.96
CA ASP C 128 5.17 4.04 -45.14
C ASP C 128 4.75 4.74 -43.85
N MET C 129 3.84 4.13 -43.08
CA MET C 129 3.40 4.73 -41.82
C MET C 129 4.55 4.78 -40.80
N PHE C 130 5.26 3.67 -40.60
CA PHE C 130 6.41 3.67 -39.70
C PHE C 130 7.41 4.75 -40.08
N MET C 131 7.72 4.86 -41.37
CA MET C 131 8.75 5.82 -41.80
C MET C 131 8.30 7.25 -41.58
N ALA C 132 7.03 7.56 -41.91
CA ALA C 132 6.53 8.91 -41.73
C ALA C 132 6.56 9.33 -40.26
N GLU C 133 6.17 8.43 -39.37
CA GLU C 133 6.09 8.79 -37.96
C GLU C 133 7.45 8.74 -37.28
N LEU C 134 8.39 7.96 -37.81
CA LEU C 134 9.75 8.00 -37.29
C LEU C 134 10.52 9.23 -37.78
N THR C 135 10.29 9.65 -39.04
CA THR C 135 11.18 10.62 -39.68
C THR C 135 10.54 11.94 -40.04
N GLU C 136 9.22 12.06 -40.01
CA GLU C 136 8.58 13.33 -40.31
C GLU C 136 7.71 13.81 -39.15
N GLY C 137 6.77 12.99 -38.70
CA GLY C 137 5.92 13.35 -37.59
C GLY C 137 4.64 12.56 -37.59
N ILE C 138 3.95 12.60 -36.44
CA ILE C 138 2.66 11.92 -36.27
C ILE C 138 1.56 12.94 -36.52
N ALA C 139 0.62 12.60 -37.40
CA ALA C 139 -0.48 13.49 -37.80
C ALA C 139 0.13 14.83 -38.17
N ASP C 140 -0.38 15.96 -37.66
CA ASP C 140 0.22 17.25 -37.93
C ASP C 140 0.79 17.87 -36.65
N THR C 141 1.23 17.01 -35.73
CA THR C 141 1.78 17.46 -34.47
C THR C 141 3.26 17.83 -34.58
N GLY C 142 3.99 17.23 -35.51
CA GLY C 142 5.43 17.41 -35.60
C GLY C 142 6.23 16.53 -34.66
N ILE C 143 5.57 15.76 -33.79
CA ILE C 143 6.26 14.87 -32.86
C ILE C 143 6.52 13.54 -33.57
N LYS C 144 7.76 13.08 -33.51
CA LYS C 144 8.14 11.80 -34.08
C LYS C 144 8.12 10.72 -33.00
N ALA C 145 7.85 9.49 -33.43
CA ALA C 145 8.05 8.35 -32.55
C ALA C 145 9.51 7.95 -32.53
N GLY C 146 9.95 7.41 -31.40
CA GLY C 146 11.31 6.94 -31.28
C GLY C 146 11.46 5.44 -31.26
N VAL C 147 10.36 4.71 -31.06
CA VAL C 147 10.39 3.26 -31.09
C VAL C 147 9.29 2.75 -31.99
N ILE C 148 9.51 1.54 -32.49
CA ILE C 148 8.48 0.81 -33.23
C ILE C 148 7.91 -0.25 -32.30
N KCX C 149 6.60 -0.25 -32.15
CA KCX C 149 5.92 -1.21 -31.28
CB KCX C 149 4.82 -0.51 -30.47
CG KCX C 149 3.91 -1.42 -29.65
CD KCX C 149 4.70 -2.36 -28.74
CE KCX C 149 3.77 -3.07 -27.74
NZ KCX C 149 3.21 -2.11 -26.74
C KCX C 149 5.35 -2.37 -32.09
O KCX C 149 4.52 -2.15 -32.97
CX KCX C 149 2.63 -2.58 -25.64
OQ1 KCX C 149 2.18 -1.79 -24.80
OQ2 KCX C 149 2.54 -3.80 -25.46
N LEU C 150 5.83 -3.59 -31.81
CA LEU C 150 5.29 -4.82 -32.41
C LEU C 150 4.54 -5.69 -31.37
N ALA C 151 3.56 -6.48 -31.82
CA ALA C 151 2.84 -7.37 -30.92
C ALA C 151 2.47 -8.67 -31.63
N SER C 152 2.58 -9.80 -30.91
CA SER C 152 2.12 -11.09 -31.40
C SER C 152 1.08 -11.69 -30.47
N SER C 153 0.34 -12.67 -31.00
CA SER C 153 -0.73 -13.38 -30.30
C SER C 153 -0.17 -14.52 -29.45
N LYS C 154 -1.09 -15.27 -28.82
CA LYS C 154 -0.69 -16.36 -27.95
C LYS C 154 -0.31 -17.58 -28.78
N GLY C 155 0.95 -18.00 -28.66
CA GLY C 155 1.41 -19.18 -29.36
C GLY C 155 1.53 -19.02 -30.87
N ARG C 156 1.41 -17.80 -31.39
CA ARG C 156 1.41 -17.60 -32.83
C ARG C 156 1.71 -16.15 -33.18
N ILE C 157 2.60 -15.95 -34.14
CA ILE C 157 2.71 -14.69 -34.84
C ILE C 157 1.86 -14.86 -36.09
N THR C 158 0.63 -14.33 -36.06
CA THR C 158 -0.29 -14.56 -37.17
C THR C 158 0.25 -13.98 -38.47
N GLU C 159 -0.33 -14.42 -39.58
CA GLU C 159 0.06 -13.85 -40.87
C GLU C 159 -0.10 -12.34 -40.89
N TYR C 160 -1.22 -11.84 -40.35
CA TYR C 160 -1.43 -10.40 -40.23
C TYR C 160 -0.33 -9.74 -39.39
N GLU C 161 -0.03 -10.28 -38.21
CA GLU C 161 1.01 -9.69 -37.38
C GLU C 161 2.37 -9.70 -38.07
N LYS C 162 2.67 -10.74 -38.86
CA LYS C 162 3.95 -10.81 -39.57
C LYS C 162 4.18 -9.60 -40.47
N MET C 163 3.11 -9.06 -41.08
CA MET C 163 3.24 -7.88 -41.92
C MET C 163 3.93 -6.74 -41.19
N PHE C 164 3.53 -6.51 -39.94
CA PHE C 164 4.14 -5.46 -39.14
C PHE C 164 5.57 -5.82 -38.77
N PHE C 165 5.84 -7.10 -38.49
CA PHE C 165 7.21 -7.49 -38.12
C PHE C 165 8.17 -7.25 -39.28
N ARG C 166 7.73 -7.56 -40.50
CA ARG C 166 8.57 -7.38 -41.67
C ARG C 166 8.76 -5.91 -42.00
N ALA C 167 7.67 -5.15 -42.04
CA ALA C 167 7.77 -3.71 -42.26
C ALA C 167 8.66 -3.05 -41.20
N ALA C 168 8.57 -3.51 -39.96
CA ALA C 168 9.37 -2.91 -38.89
C ALA C 168 10.86 -3.14 -39.15
N ALA C 169 11.23 -4.35 -39.55
CA ALA C 169 12.62 -4.60 -39.93
C ALA C 169 13.04 -3.70 -41.09
N ARG C 170 12.20 -3.59 -42.13
CA ARG C 170 12.53 -2.69 -43.23
C ARG C 170 12.74 -1.28 -42.75
N ALA C 171 11.86 -0.81 -41.86
CA ALA C 171 11.98 0.55 -41.35
C ALA C 171 13.21 0.72 -40.47
N GLN C 172 13.63 -0.35 -39.76
CA GLN C 172 14.76 -0.21 -38.84
C GLN C 172 16.10 -0.19 -39.59
N LYS C 173 16.20 -0.95 -40.69
CA LYS C 173 17.34 -0.81 -41.59
C LYS C 173 17.50 0.62 -42.06
N GLU C 174 16.39 1.30 -42.37
CA GLU C 174 16.50 2.65 -42.92
C GLU C 174 16.72 3.72 -41.85
N THR C 175 16.25 3.51 -40.62
CA THR C 175 16.27 4.58 -39.63
C THR C 175 17.09 4.26 -38.38
N GLY C 176 17.47 3.00 -38.16
CA GLY C 176 18.07 2.61 -36.89
C GLY C 176 17.15 2.59 -35.69
N ALA C 177 15.83 2.80 -35.87
CA ALA C 177 14.92 2.96 -34.74
C ALA C 177 14.84 1.69 -33.89
N VAL C 178 14.63 1.88 -32.59
CA VAL C 178 14.46 0.78 -31.66
C VAL C 178 13.13 0.06 -31.92
N ILE C 179 13.12 -1.25 -31.73
CA ILE C 179 11.90 -2.06 -31.79
C ILE C 179 11.60 -2.53 -30.38
N ILE C 180 10.40 -2.23 -29.87
CA ILE C 180 9.91 -2.82 -28.62
C ILE C 180 8.69 -3.67 -28.95
N THR C 181 8.66 -4.87 -28.40
CA THR C 181 7.65 -5.84 -28.78
C THR C 181 6.79 -6.23 -27.59
N HIS C 182 5.69 -6.88 -27.93
CA HIS C 182 4.73 -7.39 -26.98
C HIS C 182 4.62 -8.90 -27.20
N THR C 183 4.75 -9.68 -26.13
CA THR C 183 4.48 -11.11 -26.18
C THR C 183 3.21 -11.37 -25.39
N GLN C 184 2.42 -12.33 -25.87
CA GLN C 184 1.13 -12.66 -25.27
C GLN C 184 1.29 -13.91 -24.41
N GLU C 185 1.14 -13.75 -23.10
CA GLU C 185 1.04 -14.86 -22.14
C GLU C 185 2.26 -15.77 -22.21
N GLY C 186 3.45 -15.17 -22.24
CA GLY C 186 4.69 -15.90 -22.14
C GLY C 186 5.03 -16.73 -23.36
N THR C 187 4.48 -16.40 -24.52
CA THR C 187 4.72 -17.16 -25.74
C THR C 187 5.35 -16.27 -26.81
N MET C 188 6.09 -16.92 -27.72
CA MET C 188 6.68 -16.39 -28.95
C MET C 188 7.92 -15.52 -28.75
N GLY C 189 8.53 -15.50 -27.56
CA GLY C 189 9.74 -14.74 -27.34
C GLY C 189 10.85 -15.08 -28.34
N PRO C 190 11.31 -16.33 -28.32
CA PRO C 190 12.31 -16.74 -29.32
C PRO C 190 11.85 -16.54 -30.77
N GLU C 191 10.59 -16.88 -31.08
CA GLU C 191 10.13 -16.79 -32.47
C GLU C 191 10.18 -15.36 -32.97
N GLN C 192 9.94 -14.38 -32.09
CA GLN C 192 9.97 -12.98 -32.49
C GLN C 192 11.38 -12.55 -32.88
N ALA C 193 12.36 -12.87 -32.03
CA ALA C 193 13.75 -12.53 -32.33
C ALA C 193 14.23 -13.22 -33.61
N ALA C 194 13.97 -14.53 -33.72
CA ALA C 194 14.36 -15.26 -34.91
C ALA C 194 13.76 -14.64 -36.17
N TYR C 195 12.44 -14.38 -36.16
CA TYR C 195 11.78 -13.84 -37.35
C TYR C 195 12.29 -12.44 -37.69
N LEU C 196 12.49 -11.60 -36.67
CA LEU C 196 13.00 -10.26 -36.92
C LEU C 196 14.43 -10.34 -37.45
N LEU C 197 15.27 -11.19 -36.85
CA LEU C 197 16.64 -11.37 -37.34
C LEU C 197 16.64 -11.92 -38.76
N GLU C 198 15.79 -12.91 -39.03
CA GLU C 198 15.55 -13.47 -40.37
C GLU C 198 15.48 -12.40 -41.44
N HIS C 199 14.85 -11.27 -41.13
CA HIS C 199 14.61 -10.21 -42.11
C HIS C 199 15.55 -9.02 -41.95
N GLY C 200 16.66 -9.15 -41.21
CA GLY C 200 17.69 -8.14 -41.17
C GLY C 200 17.67 -7.22 -39.97
N ALA C 201 16.68 -7.32 -39.10
CA ALA C 201 16.65 -6.47 -37.92
C ALA C 201 17.91 -6.71 -37.08
N ASP C 202 18.19 -5.73 -36.23
CA ASP C 202 19.43 -5.71 -35.45
C ASP C 202 19.12 -6.10 -34.02
N PRO C 203 19.69 -7.20 -33.51
CA PRO C 203 19.35 -7.63 -32.15
C PRO C 203 19.65 -6.59 -31.09
N LYS C 204 20.75 -5.85 -31.25
CA LYS C 204 21.10 -4.79 -30.32
C LYS C 204 20.05 -3.67 -30.28
N LYS C 205 19.08 -3.69 -31.20
CA LYS C 205 18.07 -2.64 -31.33
C LYS C 205 16.67 -3.18 -31.11
N ILE C 206 16.54 -4.27 -30.36
CA ILE C 206 15.27 -4.97 -30.19
C ILE C 206 15.06 -5.25 -28.70
N VAL C 207 13.86 -4.96 -28.21
CA VAL C 207 13.43 -5.37 -26.88
C VAL C 207 12.24 -6.30 -27.04
N ILE C 208 12.38 -7.53 -26.51
CA ILE C 208 11.28 -8.47 -26.46
C ILE C 208 10.57 -8.29 -25.12
N GLY C 209 9.33 -7.77 -25.16
CA GLY C 209 8.63 -7.40 -23.95
C GLY C 209 7.74 -8.48 -23.40
N HIS C 210 7.21 -8.21 -22.21
CA HIS C 210 6.35 -9.14 -21.46
C HIS C 210 7.02 -10.51 -21.28
N MET C 211 8.35 -10.53 -21.20
CA MET C 211 9.03 -11.80 -21.02
C MET C 211 8.80 -12.37 -19.61
N CYS C 212 8.55 -11.49 -18.63
CA CYS C 212 8.15 -11.93 -17.30
C CYS C 212 6.93 -12.85 -17.32
N GLY C 213 6.17 -12.84 -18.43
CA GLY C 213 5.03 -13.71 -18.59
C GLY C 213 5.36 -15.19 -18.66
N ASN C 214 6.62 -15.53 -18.92
CA ASN C 214 7.09 -16.92 -18.91
C ASN C 214 7.97 -17.13 -17.69
N THR C 215 7.66 -18.15 -16.89
CA THR C 215 8.36 -18.41 -15.63
C THR C 215 9.44 -19.48 -15.77
N ASP C 216 9.73 -19.95 -16.98
CA ASP C 216 10.77 -20.94 -17.23
C ASP C 216 12.03 -20.25 -17.75
N PRO C 217 13.11 -20.22 -16.96
CA PRO C 217 14.32 -19.49 -17.39
C PRO C 217 14.97 -20.01 -18.67
N ASP C 218 14.73 -21.25 -19.09
CA ASP C 218 15.30 -21.71 -20.35
C ASP C 218 14.63 -21.04 -21.54
N TYR C 219 13.35 -20.68 -21.41
CA TYR C 219 12.65 -19.90 -22.43
C TYR C 219 13.30 -18.54 -22.61
N HIS C 220 13.74 -17.93 -21.52
CA HIS C 220 14.45 -16.66 -21.58
C HIS C 220 15.81 -16.81 -22.26
N ARG C 221 16.53 -17.89 -21.95
CA ARG C 221 17.85 -18.07 -22.54
C ARG C 221 17.74 -18.37 -24.03
N LYS C 222 16.76 -19.18 -24.44
CA LYS C 222 16.49 -19.33 -25.88
C LYS C 222 16.36 -17.97 -26.56
N THR C 223 15.75 -17.00 -25.84
CA THR C 223 15.53 -15.67 -26.40
C THR C 223 16.77 -14.79 -26.29
N LEU C 224 17.41 -14.78 -25.12
CA LEU C 224 18.62 -14.00 -24.92
C LEU C 224 19.74 -14.41 -25.88
N ALA C 225 19.72 -15.64 -26.38
CA ALA C 225 20.80 -16.13 -27.22
C ALA C 225 20.86 -15.39 -28.57
N TYR C 226 19.76 -14.77 -28.99
CA TYR C 226 19.77 -13.98 -30.21
C TYR C 226 20.45 -12.63 -30.03
N GLY C 227 20.78 -12.26 -28.79
CA GLY C 227 21.43 -10.98 -28.52
C GLY C 227 20.49 -9.84 -28.25
N VAL C 228 19.17 -10.10 -28.17
CA VAL C 228 18.20 -9.04 -27.97
C VAL C 228 18.10 -8.71 -26.48
N TYR C 229 17.54 -7.54 -26.18
CA TYR C 229 17.11 -7.30 -24.81
C TYR C 229 15.82 -8.04 -24.53
N ILE C 230 15.57 -8.29 -23.23
CA ILE C 230 14.27 -8.77 -22.76
C ILE C 230 13.80 -7.84 -21.66
N ALA C 231 12.49 -7.82 -21.45
CA ALA C 231 11.90 -6.91 -20.48
C ALA C 231 10.99 -7.69 -19.54
N PHE C 232 11.25 -7.53 -18.24
CA PHE C 232 10.31 -7.86 -17.16
C PHE C 232 9.52 -6.59 -16.89
N ASP C 233 8.47 -6.39 -17.69
CA ASP C 233 7.83 -5.09 -17.79
C ASP C 233 6.38 -5.07 -17.32
N ARG C 234 5.90 -6.11 -16.64
CA ARG C 234 4.55 -6.16 -16.10
C ARG C 234 4.54 -6.42 -14.59
N PHE C 235 5.55 -5.93 -13.87
CA PHE C 235 5.54 -6.07 -12.42
C PHE C 235 4.28 -5.44 -11.83
N GLY C 236 3.59 -6.20 -10.98
CA GLY C 236 2.35 -5.75 -10.38
C GLY C 236 1.10 -6.24 -11.09
N ILE C 237 1.21 -6.71 -12.33
CA ILE C 237 0.07 -7.35 -12.98
C ILE C 237 0.04 -8.80 -12.56
N GLN C 238 -1.03 -9.21 -11.87
CA GLN C 238 -1.14 -10.57 -11.38
C GLN C 238 -2.55 -11.10 -11.57
N GLY C 239 -2.67 -12.29 -12.16
CA GLY C 239 -3.95 -12.97 -12.26
C GLY C 239 -4.75 -12.67 -13.51
N MET C 240 -4.53 -11.52 -14.13
CA MET C 240 -5.16 -11.13 -15.37
C MET C 240 -4.18 -11.28 -16.53
N VAL C 241 -4.72 -11.26 -17.75
CA VAL C 241 -4.04 -11.60 -19.00
C VAL C 241 -3.06 -12.76 -18.78
N GLY C 242 -3.49 -13.78 -18.03
CA GLY C 242 -2.73 -14.99 -17.79
C GLY C 242 -1.42 -14.77 -17.05
N ALA C 243 -1.30 -13.67 -16.33
CA ALA C 243 0.01 -13.28 -15.86
C ALA C 243 0.41 -14.06 -14.60
N PRO C 244 1.69 -14.31 -14.42
CA PRO C 244 2.14 -14.97 -13.20
C PRO C 244 2.08 -14.02 -12.00
N THR C 245 2.50 -14.49 -10.83
CA THR C 245 2.64 -13.58 -9.71
C THR C 245 4.01 -12.90 -9.73
N ASP C 246 4.09 -11.76 -9.03
CA ASP C 246 5.36 -11.07 -8.89
C ASP C 246 6.41 -11.99 -8.30
N GLU C 247 6.05 -12.75 -7.27
CA GLU C 247 6.98 -13.71 -6.69
C GLU C 247 7.55 -14.64 -7.75
N GLU C 248 6.73 -15.03 -8.73
CA GLU C 248 7.27 -15.83 -9.84
C GLU C 248 8.15 -15.00 -10.75
N ARG C 249 7.82 -13.72 -10.95
CA ARG C 249 8.66 -12.84 -11.76
C ARG C 249 10.06 -12.70 -11.13
N VAL C 250 10.09 -12.43 -9.83
CA VAL C 250 11.35 -12.29 -9.10
C VAL C 250 12.18 -13.56 -9.22
N ARG C 251 11.54 -14.72 -9.00
CA ARG C 251 12.25 -15.99 -9.07
C ARG C 251 12.95 -16.17 -10.41
N THR C 252 12.22 -16.01 -11.51
CA THR C 252 12.82 -16.04 -12.84
C THR C 252 13.95 -15.04 -12.97
N LEU C 253 13.71 -13.79 -12.53
CA LEU C 253 14.69 -12.72 -12.74
C LEU C 253 15.98 -12.99 -11.97
N LEU C 254 15.85 -13.54 -10.76
CA LEU C 254 17.03 -13.89 -9.98
C LEU C 254 17.84 -14.97 -10.70
N ALA C 255 17.16 -15.92 -11.34
CA ALA C 255 17.86 -16.94 -12.11
C ALA C 255 18.74 -16.32 -13.20
N LEU C 256 18.18 -15.39 -13.98
CA LEU C 256 18.90 -14.82 -15.11
C LEU C 256 20.03 -13.90 -14.67
N LEU C 257 19.79 -13.09 -13.64
CA LEU C 257 20.81 -12.16 -13.16
C LEU C 257 21.98 -12.93 -12.57
N ARG C 258 21.71 -13.96 -11.77
CA ARG C 258 22.78 -14.80 -11.22
C ARG C 258 23.51 -15.61 -12.29
N ASP C 259 22.93 -15.70 -13.50
CA ASP C 259 23.59 -16.31 -14.65
C ASP C 259 24.36 -15.29 -15.48
N GLY C 260 24.30 -14.01 -15.11
CA GLY C 260 25.10 -12.99 -15.75
C GLY C 260 24.44 -12.25 -16.91
N TYR C 261 23.10 -12.19 -16.97
CA TYR C 261 22.42 -11.59 -18.10
C TYR C 261 21.96 -10.15 -17.84
N GLU C 262 22.54 -9.48 -16.84
CA GLU C 262 22.13 -8.12 -16.50
C GLU C 262 22.13 -7.21 -17.71
N LYS C 263 23.11 -7.34 -18.59
CA LYS C 263 23.28 -6.39 -19.68
C LYS C 263 22.22 -6.53 -20.77
N GLN C 264 21.25 -7.42 -20.60
CA GLN C 264 20.18 -7.60 -21.58
C GLN C 264 18.77 -7.44 -20.98
N ILE C 265 18.65 -7.06 -19.71
CA ILE C 265 17.38 -7.14 -19.00
C ILE C 265 16.96 -5.75 -18.57
N MET C 266 15.70 -5.40 -18.85
CA MET C 266 15.10 -4.16 -18.36
C MET C 266 13.78 -4.46 -17.63
N LEU C 267 13.38 -3.53 -16.76
CA LEU C 267 12.24 -3.73 -15.87
C LEU C 267 11.21 -2.61 -16.03
N SER C 268 9.93 -2.96 -15.88
CA SER C 268 8.85 -1.96 -15.93
C SER C 268 7.59 -2.57 -15.33
N HIS C 269 6.51 -1.77 -15.34
CA HIS C 269 5.23 -2.20 -14.81
C HIS C 269 4.15 -2.33 -15.87
N ASP C 270 4.32 -1.68 -17.03
CA ASP C 270 3.29 -1.65 -18.05
C ASP C 270 2.02 -1.01 -17.49
N THR C 271 2.18 0.05 -16.69
CA THR C 271 1.02 0.69 -16.10
C THR C 271 0.14 1.32 -17.17
N VAL C 272 -1.13 1.51 -16.79
CA VAL C 272 -2.08 2.35 -17.51
C VAL C 272 -2.54 3.42 -16.52
N ASN C 273 -2.02 4.63 -16.67
CA ASN C 273 -2.23 5.65 -15.66
C ASN C 273 -3.56 6.37 -15.84
N VAL C 274 -4.03 6.52 -17.08
CA VAL C 274 -5.36 7.04 -17.37
C VAL C 274 -6.00 6.11 -18.39
N TRP C 275 -7.06 5.40 -17.97
CA TRP C 275 -7.84 4.54 -18.86
C TRP C 275 -8.72 5.39 -19.77
N LEU C 276 -8.66 5.13 -21.07
CA LEU C 276 -9.59 5.79 -21.97
C LEU C 276 -10.89 5.01 -22.02
N GLY C 277 -11.95 5.72 -22.42
CA GLY C 277 -13.27 5.16 -22.42
C GLY C 277 -13.92 5.31 -21.07
N ARG C 278 -14.86 4.44 -20.79
CA ARG C 278 -15.70 4.53 -19.63
C ARG C 278 -14.92 4.08 -18.40
N PRO C 279 -14.97 4.84 -17.30
CA PRO C 279 -14.32 4.42 -16.05
C PRO C 279 -14.89 3.12 -15.50
N PHE C 280 -14.09 2.47 -14.65
CA PHE C 280 -14.47 1.17 -14.09
C PHE C 280 -13.69 0.93 -12.82
N THR C 281 -14.14 -0.08 -12.06
CA THR C 281 -13.43 -0.58 -10.89
C THR C 281 -13.37 -2.09 -10.97
N LEU C 282 -12.19 -2.65 -10.68
CA LEU C 282 -11.99 -4.07 -10.86
C LEU C 282 -12.83 -4.86 -9.85
N PRO C 283 -13.38 -6.01 -10.25
CA PRO C 283 -14.17 -6.83 -9.32
C PRO C 283 -13.28 -7.64 -8.40
N GLU C 284 -13.92 -8.18 -7.34
CA GLU C 284 -13.39 -8.78 -6.11
C GLU C 284 -12.10 -9.57 -6.28
N PRO C 285 -12.07 -10.61 -7.13
CA PRO C 285 -10.81 -11.39 -7.22
C PRO C 285 -9.67 -10.57 -7.80
N PHE C 286 -9.97 -9.74 -8.81
CA PHE C 286 -8.93 -9.01 -9.52
C PHE C 286 -8.39 -7.84 -8.68
N ALA C 287 -9.26 -7.16 -7.93
CA ALA C 287 -8.87 -5.93 -7.26
C ALA C 287 -7.69 -6.13 -6.31
N GLU C 288 -7.70 -7.21 -5.54
CA GLU C 288 -6.60 -7.43 -4.61
C GLU C 288 -5.35 -7.93 -5.32
N MET C 289 -5.50 -8.84 -6.29
CA MET C 289 -4.35 -9.31 -7.05
C MET C 289 -3.61 -8.17 -7.72
N MET C 290 -4.31 -7.10 -8.11
CA MET C 290 -3.76 -6.04 -8.94
C MET C 290 -3.36 -4.80 -8.13
N LYS C 291 -3.41 -4.87 -6.80
CA LYS C 291 -3.28 -3.64 -6.02
C LYS C 291 -1.87 -3.06 -6.02
N ASN C 292 -0.86 -3.80 -6.50
CA ASN C 292 0.50 -3.29 -6.62
C ASN C 292 0.84 -2.76 -8.01
N TRP C 293 -0.14 -2.72 -8.93
CA TRP C 293 0.13 -2.35 -10.32
C TRP C 293 0.15 -0.83 -10.46
N HIS C 294 1.27 -0.23 -10.08
CA HIS C 294 1.43 1.22 -10.18
C HIS C 294 2.91 1.54 -10.34
N VAL C 295 3.19 2.78 -10.75
CA VAL C 295 4.54 3.11 -11.21
C VAL C 295 5.57 3.21 -10.09
N GLU C 296 5.16 3.09 -8.82
CA GLU C 296 6.10 3.07 -7.71
C GLU C 296 6.46 1.67 -7.26
N HIS C 297 5.72 0.66 -7.71
CA HIS C 297 5.84 -0.70 -7.22
C HIS C 297 7.28 -1.23 -7.30
N LEU C 298 7.94 -1.01 -8.43
CA LEU C 298 9.28 -1.53 -8.61
C LEU C 298 10.24 -1.03 -7.54
N PHE C 299 10.09 0.23 -7.14
CA PHE C 299 11.07 0.88 -6.28
C PHE C 299 10.72 0.76 -4.81
N VAL C 300 9.44 0.69 -4.48
CA VAL C 300 9.04 0.56 -3.10
C VAL C 300 8.95 -0.90 -2.65
N ASN C 301 8.69 -1.82 -3.57
CA ASN C 301 8.48 -3.21 -3.20
C ASN C 301 9.48 -4.16 -3.86
N ILE C 302 9.62 -4.11 -5.19
CA ILE C 302 10.38 -5.13 -5.90
C ILE C 302 11.88 -4.98 -5.66
N ILE C 303 12.43 -3.80 -5.91
CA ILE C 303 13.88 -3.61 -5.78
C ILE C 303 14.37 -3.91 -4.37
N PRO C 304 13.71 -3.45 -3.30
CA PRO C 304 14.10 -3.92 -1.95
C PRO C 304 14.24 -5.42 -1.82
N ALA C 305 13.32 -6.20 -2.42
CA ALA C 305 13.44 -7.65 -2.34
C ALA C 305 14.65 -8.15 -3.13
N LEU C 306 14.92 -7.56 -4.29
CA LEU C 306 16.11 -7.99 -5.05
C LEU C 306 17.39 -7.73 -4.26
N LYS C 307 17.48 -6.57 -3.61
CA LYS C 307 18.64 -6.26 -2.80
C LYS C 307 18.83 -7.29 -1.69
N ASN C 308 17.75 -7.60 -0.97
CA ASN C 308 17.80 -8.63 0.06
C ASN C 308 18.17 -10.00 -0.49
N GLU C 309 18.13 -10.19 -1.80
CA GLU C 309 18.56 -11.44 -2.41
C GLU C 309 19.91 -11.33 -3.10
N GLY C 310 20.66 -10.26 -2.84
CA GLY C 310 22.03 -10.14 -3.29
C GLY C 310 22.26 -9.31 -4.54
N ILE C 311 21.21 -8.67 -5.08
CA ILE C 311 21.37 -7.84 -6.27
C ILE C 311 21.96 -6.51 -5.87
N ARG C 312 23.12 -6.17 -6.44
CA ARG C 312 23.86 -4.97 -6.04
C ARG C 312 23.42 -3.76 -6.85
N ASP C 313 23.75 -2.58 -6.31
CA ASP C 313 23.33 -1.35 -6.96
C ASP C 313 23.89 -1.22 -8.37
N GLU C 314 25.09 -1.76 -8.64
CA GLU C 314 25.66 -1.62 -9.98
C GLU C 314 24.89 -2.43 -11.02
N VAL C 315 24.24 -3.51 -10.60
CA VAL C 315 23.41 -4.29 -11.51
C VAL C 315 22.11 -3.57 -11.82
N LEU C 316 21.45 -3.03 -10.79
CA LEU C 316 20.26 -2.21 -11.02
C LEU C 316 20.59 -1.01 -11.90
N GLU C 317 21.71 -0.34 -11.63
CA GLU C 317 22.11 0.76 -12.51
C GLU C 317 22.33 0.30 -13.94
N GLN C 318 22.78 -0.95 -14.13
CA GLN C 318 22.97 -1.48 -15.48
C GLN C 318 21.62 -1.68 -16.18
N MET C 319 20.59 -2.13 -15.46
CA MET C 319 19.30 -2.35 -16.10
C MET C 319 18.56 -1.04 -16.37
N PHE C 320 18.63 -0.11 -15.43
CA PHE C 320 17.85 1.12 -15.48
C PHE C 320 18.52 2.24 -16.27
N ILE C 321 19.85 2.25 -16.36
CA ILE C 321 20.55 3.36 -17.00
C ILE C 321 21.42 2.86 -18.14
N GLY C 322 22.34 1.94 -17.85
CA GLY C 322 23.25 1.47 -18.89
C GLY C 322 22.53 0.84 -20.06
N ASN C 323 21.52 -0.01 -19.77
CA ASN C 323 20.87 -0.75 -20.85
C ASN C 323 20.08 0.17 -21.77
N PRO C 324 19.23 1.08 -21.27
CA PRO C 324 18.58 2.02 -22.20
C PRO C 324 19.56 2.90 -22.96
N ALA C 325 20.67 3.32 -22.33
CA ALA C 325 21.65 4.14 -23.03
C ALA C 325 22.29 3.36 -24.18
N ALA C 326 22.67 2.11 -23.93
CA ALA C 326 23.17 1.25 -25.00
C ALA C 326 22.10 0.92 -26.03
N LEU C 327 20.84 0.82 -25.61
CA LEU C 327 19.79 0.45 -26.56
C LEU C 327 19.57 1.55 -27.59
N PHE C 328 19.53 2.80 -27.13
CA PHE C 328 19.25 3.93 -28.00
C PHE C 328 20.52 4.51 -28.64
N SER C 329 21.68 3.92 -28.38
CA SER C 329 22.92 4.36 -29.02
C SER C 329 23.52 3.25 -29.88
N GLU D 7 -45.16 9.91 -33.54
CA GLU D 7 -45.27 11.05 -34.43
C GLU D 7 -43.92 11.59 -34.93
N MET D 8 -42.91 11.60 -34.05
CA MET D 8 -41.59 12.16 -34.36
C MET D 8 -40.52 11.09 -34.35
N VAL D 9 -39.47 11.30 -35.14
CA VAL D 9 -38.21 10.57 -35.08
C VAL D 9 -37.08 11.58 -34.96
N GLU D 10 -36.03 11.20 -34.21
CA GLU D 10 -34.90 12.11 -34.05
C GLU D 10 -33.94 11.99 -35.22
N THR D 11 -33.56 13.13 -35.78
CA THR D 11 -32.63 13.22 -36.89
C THR D 11 -31.42 14.08 -36.48
N VAL D 12 -30.42 14.12 -37.35
CA VAL D 12 -29.25 14.96 -37.06
C VAL D 12 -29.64 16.43 -36.93
N CYS D 13 -30.84 16.81 -37.36
CA CYS D 13 -31.39 18.14 -37.15
C CYS D 13 -32.61 18.13 -36.25
N GLY D 14 -32.65 17.22 -35.27
CA GLY D 14 -33.69 17.21 -34.28
C GLY D 14 -34.97 16.49 -34.70
N PRO D 15 -36.03 16.66 -33.91
CA PRO D 15 -37.27 15.93 -34.19
C PRO D 15 -37.90 16.37 -35.51
N VAL D 16 -38.21 15.38 -36.35
CA VAL D 16 -38.93 15.60 -37.61
C VAL D 16 -40.16 14.70 -37.57
N PRO D 17 -41.33 15.15 -38.04
CA PRO D 17 -42.49 14.25 -38.09
C PRO D 17 -42.26 13.13 -39.08
N VAL D 18 -42.64 11.91 -38.69
CA VAL D 18 -42.45 10.74 -39.55
C VAL D 18 -43.18 10.90 -40.88
N GLU D 19 -44.32 11.60 -40.88
CA GLU D 19 -45.08 11.79 -42.10
C GLU D 19 -44.34 12.61 -43.13
N GLN D 20 -43.30 13.34 -42.71
CA GLN D 20 -42.49 14.13 -43.63
C GLN D 20 -41.20 13.44 -44.04
N LEU D 21 -40.96 12.19 -43.59
CA LEU D 21 -39.76 11.48 -44.04
C LEU D 21 -39.77 11.32 -45.56
N GLY D 22 -40.91 10.96 -46.13
CA GLY D 22 -41.01 10.82 -47.57
C GLY D 22 -40.16 9.69 -48.10
N LYS D 23 -39.68 9.88 -49.34
CA LYS D 23 -38.86 8.87 -49.99
C LYS D 23 -37.55 8.68 -49.23
N THR D 24 -37.27 7.44 -48.82
CA THR D 24 -36.21 7.17 -47.86
C THR D 24 -35.29 6.06 -48.36
N LEU D 25 -33.98 6.31 -48.30
CA LEU D 25 -32.98 5.26 -48.39
C LEU D 25 -32.66 4.80 -46.97
N ILE D 26 -32.84 3.50 -46.73
CA ILE D 26 -32.71 2.88 -45.38
C ILE D 26 -31.28 2.58 -44.93
N HIS D 27 -30.30 2.51 -45.82
CA HIS D 27 -28.94 2.12 -45.40
C HIS D 27 -27.86 2.69 -46.33
N GLU D 28 -27.36 3.88 -45.99
CA GLU D 28 -26.30 4.58 -46.77
C GLU D 28 -25.32 5.22 -45.78
N HIS D 29 -24.02 5.12 -46.06
CA HIS D 29 -22.99 5.69 -45.17
C HIS D 29 -22.34 6.87 -45.86
N PHE D 30 -22.49 8.05 -45.28
CA PHE D 30 -21.76 9.20 -45.79
C PHE D 30 -20.27 9.08 -45.49
N LEU D 31 -19.94 8.88 -44.22
CA LEU D 31 -18.58 8.57 -43.78
C LEU D 31 -18.51 7.12 -43.30
N PHE D 32 -17.42 6.44 -43.63
CA PHE D 32 -17.20 5.13 -43.04
C PHE D 32 -15.71 4.81 -43.00
N GLY D 33 -15.29 4.15 -41.94
CA GLY D 33 -13.96 3.60 -41.78
C GLY D 33 -13.97 2.26 -41.07
N TYR D 34 -13.18 1.31 -41.57
CA TYR D 34 -13.03 0.02 -40.90
C TYR D 34 -12.28 0.22 -39.59
N PRO D 35 -12.72 -0.41 -38.50
CA PRO D 35 -12.01 -0.26 -37.23
C PRO D 35 -10.54 -0.61 -37.41
N GLY D 36 -9.68 0.21 -36.79
CA GLY D 36 -8.26 0.24 -37.08
C GLY D 36 -7.84 1.51 -37.81
N PHE D 37 -8.76 2.10 -38.60
CA PHE D 37 -8.44 3.31 -39.37
C PHE D 37 -7.94 4.42 -38.47
N GLN D 38 -8.32 4.41 -37.18
CA GLN D 38 -7.88 5.46 -36.28
C GLN D 38 -6.37 5.48 -36.13
N GLY D 39 -5.72 4.34 -36.33
CA GLY D 39 -4.28 4.29 -36.15
C GLY D 39 -3.48 4.71 -37.35
N ASP D 40 -4.14 4.85 -38.51
CA ASP D 40 -3.52 5.31 -39.74
C ASP D 40 -3.78 6.78 -39.98
N VAL D 41 -3.77 7.60 -38.92
CA VAL D 41 -4.15 9.00 -39.07
C VAL D 41 -3.10 9.77 -39.87
N THR D 42 -1.83 9.47 -39.65
CA THR D 42 -0.75 10.24 -40.28
C THR D 42 -0.84 10.22 -41.80
N ARG D 43 -0.93 9.03 -42.38
CA ARG D 43 -1.04 8.91 -43.82
C ARG D 43 -2.49 8.86 -44.29
N GLY D 44 -3.45 8.87 -43.37
CA GLY D 44 -4.85 8.86 -43.73
C GLY D 44 -5.66 9.87 -42.96
N THR D 45 -5.31 11.15 -43.06
CA THR D 45 -5.97 12.19 -42.28
C THR D 45 -7.33 12.54 -42.89
N PHE D 46 -8.32 12.69 -42.02
CA PHE D 46 -9.63 13.15 -42.46
C PHE D 46 -9.54 14.59 -42.96
N ARG D 47 -9.99 14.82 -44.19
CA ARG D 47 -10.00 16.17 -44.77
C ARG D 47 -11.45 16.63 -44.80
N GLU D 48 -11.77 17.60 -43.95
CA GLU D 48 -13.15 18.00 -43.72
C GLU D 48 -13.77 18.64 -44.96
N ASP D 49 -13.09 19.63 -45.54
CA ASP D 49 -13.69 20.41 -46.61
C ASP D 49 -14.00 19.55 -47.82
N GLU D 50 -13.06 18.69 -48.23
CA GLU D 50 -13.35 17.81 -49.36
C GLU D 50 -14.40 16.76 -48.99
N SER D 51 -14.42 16.32 -47.73
CA SER D 51 -15.37 15.28 -47.37
C SER D 51 -16.79 15.82 -47.32
N LEU D 52 -16.96 17.03 -46.78
CA LEU D 52 -18.28 17.64 -46.75
C LEU D 52 -18.79 17.88 -48.17
N ARG D 53 -17.89 18.28 -49.07
CA ARG D 53 -18.26 18.53 -50.46
C ARG D 53 -18.70 17.26 -51.16
N VAL D 54 -17.94 16.17 -50.98
CA VAL D 54 -18.34 14.89 -51.58
C VAL D 54 -19.66 14.42 -50.98
N ALA D 55 -19.79 14.53 -49.66
CA ALA D 55 -21.03 14.14 -49.00
C ALA D 55 -22.21 14.98 -49.48
N VAL D 56 -22.00 16.29 -49.63
CA VAL D 56 -23.08 17.13 -50.13
C VAL D 56 -23.41 16.76 -51.58
N GLU D 57 -22.40 16.47 -52.39
CA GLU D 57 -22.66 16.06 -53.77
C GLU D 57 -23.44 14.74 -53.79
N ALA D 58 -23.15 13.82 -52.88
CA ALA D 58 -23.90 12.57 -52.82
C ALA D 58 -25.34 12.81 -52.39
N ALA D 59 -25.55 13.69 -51.41
CA ALA D 59 -26.92 14.01 -51.00
C ALA D 59 -27.69 14.66 -52.12
N GLU D 60 -27.02 15.47 -52.94
CA GLU D 60 -27.66 16.06 -54.10
C GLU D 60 -28.02 15.02 -55.15
N LYS D 61 -27.20 13.97 -55.28
CA LYS D 61 -27.50 12.92 -56.25
C LYS D 61 -28.73 12.12 -55.83
N MET D 62 -28.87 11.84 -54.53
CA MET D 62 -30.06 11.17 -54.06
C MET D 62 -31.30 12.05 -54.23
N LYS D 63 -31.16 13.35 -53.96
CA LYS D 63 -32.31 14.25 -54.01
C LYS D 63 -32.87 14.37 -55.42
N ARG D 64 -32.00 14.34 -56.43
CA ARG D 64 -32.43 14.37 -57.82
C ARG D 64 -33.49 13.32 -58.11
N HIS D 65 -33.33 12.13 -57.52
CA HIS D 65 -34.27 11.03 -57.70
C HIS D 65 -35.37 11.02 -56.66
N GLY D 66 -35.57 12.13 -55.96
CA GLY D 66 -36.66 12.24 -55.02
C GLY D 66 -36.39 11.78 -53.61
N ILE D 67 -35.16 11.39 -53.28
CA ILE D 67 -34.84 10.97 -51.91
C ILE D 67 -34.92 12.17 -50.99
N GLN D 68 -35.74 12.07 -49.95
CA GLN D 68 -35.85 13.10 -48.93
C GLN D 68 -35.21 12.72 -47.59
N THR D 69 -34.92 11.43 -47.36
CA THR D 69 -34.40 10.98 -46.08
C THR D 69 -33.44 9.81 -46.30
N VAL D 70 -32.35 9.79 -45.52
CA VAL D 70 -31.40 8.68 -45.51
C VAL D 70 -31.16 8.23 -44.08
N VAL D 71 -31.17 6.92 -43.85
CA VAL D 71 -30.69 6.36 -42.60
C VAL D 71 -29.22 6.00 -42.76
N ASP D 72 -28.36 6.66 -41.99
CA ASP D 72 -26.93 6.38 -41.94
C ASP D 72 -26.61 5.55 -40.71
N PRO D 73 -26.40 4.23 -40.84
CA PRO D 73 -26.25 3.39 -39.64
C PRO D 73 -24.81 3.10 -39.31
N THR D 74 -23.92 4.05 -39.59
CA THR D 74 -22.50 3.90 -39.33
C THR D 74 -22.24 3.58 -37.86
N PRO D 75 -21.58 2.47 -37.54
CA PRO D 75 -21.31 2.14 -36.13
C PRO D 75 -20.46 3.19 -35.42
N ASN D 76 -20.55 3.15 -34.08
CA ASN D 76 -19.94 4.18 -33.22
C ASN D 76 -18.43 4.34 -33.46
N ASP D 77 -17.69 3.24 -33.61
CA ASP D 77 -16.24 3.30 -33.79
C ASP D 77 -15.87 3.17 -35.26
N CYS D 78 -16.83 3.36 -36.16
CA CYS D 78 -16.61 3.17 -37.57
C CYS D 78 -16.60 4.50 -38.31
N GLY D 79 -16.43 5.58 -37.57
CA GLY D 79 -16.40 6.89 -38.15
C GLY D 79 -17.65 7.71 -37.95
N ARG D 80 -18.66 7.18 -37.25
CA ARG D 80 -19.90 7.93 -37.03
C ARG D 80 -19.60 9.33 -36.50
N ASN D 81 -20.20 10.33 -37.14
CA ASN D 81 -19.85 11.73 -36.89
C ASN D 81 -21.12 12.56 -37.00
N PRO D 82 -21.91 12.64 -35.92
CA PRO D 82 -23.20 13.33 -36.04
C PRO D 82 -23.08 14.80 -36.39
N ALA D 83 -22.11 15.52 -35.82
CA ALA D 83 -21.96 16.93 -36.17
C ALA D 83 -21.73 17.12 -37.67
N PHE D 84 -20.95 16.23 -38.29
CA PHE D 84 -20.71 16.29 -39.73
C PHE D 84 -21.98 15.99 -40.53
N LEU D 85 -22.72 14.94 -40.15
CA LEU D 85 -23.99 14.64 -40.83
C LEU D 85 -24.94 15.82 -40.74
N ARG D 86 -25.00 16.48 -39.58
CA ARG D 86 -25.82 17.67 -39.46
C ARG D 86 -25.36 18.75 -40.44
N ARG D 87 -24.05 18.93 -40.62
CA ARG D 87 -23.58 19.90 -41.60
C ARG D 87 -24.09 19.55 -42.99
N VAL D 88 -24.02 18.26 -43.35
CA VAL D 88 -24.58 17.79 -44.61
C VAL D 88 -26.07 18.10 -44.71
N ALA D 89 -26.81 17.90 -43.61
CA ALA D 89 -28.26 17.98 -43.68
C ALA D 89 -28.74 19.43 -43.78
N GLU D 90 -28.13 20.34 -43.01
CA GLU D 90 -28.52 21.74 -43.07
C GLU D 90 -28.21 22.36 -44.43
N GLU D 91 -27.16 21.89 -45.10
CA GLU D 91 -26.80 22.43 -46.40
C GLU D 91 -27.73 21.94 -47.50
N THR D 92 -28.18 20.68 -47.42
CA THR D 92 -28.93 20.03 -48.48
C THR D 92 -30.42 19.88 -48.20
N GLY D 93 -30.88 20.15 -46.97
CA GLY D 93 -32.26 19.93 -46.59
C GLY D 93 -32.66 18.48 -46.46
N LEU D 94 -31.75 17.55 -46.68
CA LEU D 94 -32.01 16.14 -46.47
C LEU D 94 -32.20 15.83 -44.99
N ASN D 95 -33.16 14.95 -44.68
CA ASN D 95 -33.23 14.37 -43.34
C ASN D 95 -32.24 13.21 -43.24
N ILE D 96 -31.40 13.24 -42.21
CA ILE D 96 -30.45 12.16 -41.94
C ILE D 96 -30.71 11.63 -40.54
N ILE D 97 -30.92 10.31 -40.44
CA ILE D 97 -31.10 9.63 -39.16
C ILE D 97 -29.87 8.77 -38.93
N CYS D 98 -29.26 8.90 -37.75
CA CYS D 98 -28.03 8.18 -37.45
C CYS D 98 -28.29 7.13 -36.36
N ALA D 99 -27.27 6.33 -36.11
CA ALA D 99 -27.41 5.11 -35.31
C ALA D 99 -26.59 5.19 -34.03
N THR D 100 -26.94 4.30 -33.10
CA THR D 100 -26.06 3.91 -32.01
C THR D 100 -25.87 2.41 -32.12
N GLY D 101 -24.62 1.96 -32.06
CA GLY D 101 -24.36 0.54 -32.24
C GLY D 101 -22.92 0.29 -32.61
N TYR D 102 -22.58 -1.00 -32.56
CA TYR D 102 -21.24 -1.51 -32.75
C TYR D 102 -21.23 -2.53 -33.87
N PRO D 103 -20.10 -2.66 -34.56
CA PRO D 103 -20.00 -3.64 -35.66
C PRO D 103 -19.90 -5.07 -35.14
N TYR D 104 -20.12 -6.02 -36.04
CA TYR D 104 -19.98 -7.41 -35.67
C TYR D 104 -18.50 -7.75 -35.47
N GLU D 105 -18.26 -8.89 -34.83
CA GLU D 105 -16.94 -9.21 -34.30
C GLU D 105 -15.87 -9.18 -35.39
N GLY D 106 -16.07 -9.93 -36.47
CA GLY D 106 -15.05 -10.11 -37.48
C GLY D 106 -14.65 -8.85 -38.26
N GLU D 107 -15.45 -7.79 -38.22
CA GLU D 107 -15.00 -6.52 -38.80
C GLU D 107 -15.21 -5.38 -37.81
N GLY D 108 -14.99 -5.68 -36.53
CA GLY D 108 -15.06 -4.67 -35.49
C GLY D 108 -13.85 -4.69 -34.59
N ALA D 109 -13.91 -3.89 -33.52
CA ALA D 109 -12.88 -3.83 -32.49
C ALA D 109 -13.48 -4.34 -31.18
N PRO D 110 -13.51 -5.66 -30.95
CA PRO D 110 -14.17 -6.22 -29.76
C PRO D 110 -13.42 -5.98 -28.44
N PRO D 111 -12.08 -5.76 -28.41
CA PRO D 111 -11.40 -5.83 -27.09
C PRO D 111 -12.03 -4.99 -25.99
N TYR D 112 -12.63 -3.86 -26.31
CA TYR D 112 -13.08 -2.93 -25.29
C TYR D 112 -14.32 -3.44 -24.56
N PHE D 113 -15.32 -3.94 -25.29
CA PHE D 113 -16.44 -4.50 -24.56
C PHE D 113 -16.23 -5.96 -24.18
N GLN D 114 -15.26 -6.65 -24.78
CA GLN D 114 -14.84 -7.94 -24.25
C GLN D 114 -14.23 -7.78 -22.86
N PHE D 115 -13.47 -6.70 -22.65
CA PHE D 115 -12.88 -6.45 -21.34
C PHE D 115 -13.95 -6.20 -20.29
N ARG D 116 -14.94 -5.37 -20.63
CA ARG D 116 -15.99 -5.05 -19.67
C ARG D 116 -16.89 -6.25 -19.41
N ARG D 117 -16.93 -7.20 -20.33
CA ARG D 117 -17.65 -8.43 -20.08
C ARG D 117 -16.95 -9.25 -19.02
N LEU D 118 -15.62 -9.15 -18.95
CA LEU D 118 -14.92 -9.81 -17.86
C LEU D 118 -15.22 -9.14 -16.52
N LEU D 119 -15.56 -7.86 -16.54
CA LEU D 119 -16.02 -7.17 -15.34
C LEU D 119 -17.53 -7.34 -15.08
N GLY D 120 -18.24 -8.08 -15.93
CA GLY D 120 -19.66 -8.31 -15.70
C GLY D 120 -20.57 -7.12 -15.88
N THR D 121 -20.11 -6.05 -16.54
CA THR D 121 -20.94 -4.87 -16.74
C THR D 121 -21.27 -4.59 -18.20
N ALA D 122 -20.78 -5.41 -19.14
CA ALA D 122 -20.82 -5.03 -20.55
C ALA D 122 -22.25 -4.82 -21.06
N GLU D 123 -23.13 -5.81 -20.87
CA GLU D 123 -24.49 -5.68 -21.39
C GLU D 123 -25.19 -4.46 -20.79
N ASP D 124 -25.05 -4.26 -19.48
CA ASP D 124 -25.60 -3.06 -18.86
C ASP D 124 -24.95 -1.80 -19.44
N ASP D 125 -23.63 -1.79 -19.61
CA ASP D 125 -22.99 -0.60 -20.18
C ASP D 125 -23.48 -0.34 -21.60
N ILE D 126 -23.66 -1.39 -22.40
CA ILE D 126 -24.17 -1.22 -23.76
C ILE D 126 -25.57 -0.62 -23.74
N TYR D 127 -26.45 -1.19 -22.90
CA TYR D 127 -27.80 -0.65 -22.75
C TYR D 127 -27.74 0.80 -22.35
N ASP D 128 -26.91 1.12 -21.34
CA ASP D 128 -26.76 2.49 -20.90
C ASP D 128 -26.28 3.40 -22.03
N MET D 129 -25.41 2.90 -22.90
CA MET D 129 -24.97 3.70 -24.04
C MET D 129 -26.13 3.94 -25.00
N PHE D 130 -26.86 2.88 -25.36
CA PHE D 130 -28.01 3.00 -26.24
C PHE D 130 -29.00 4.02 -25.70
N MET D 131 -29.31 3.95 -24.41
CA MET D 131 -30.29 4.85 -23.81
C MET D 131 -29.82 6.31 -23.85
N ALA D 132 -28.57 6.54 -23.43
CA ALA D 132 -28.02 7.89 -23.47
C ALA D 132 -28.11 8.48 -24.88
N GLU D 133 -27.70 7.70 -25.89
CA GLU D 133 -27.64 8.25 -27.24
C GLU D 133 -29.01 8.34 -27.91
N LEU D 134 -29.98 7.54 -27.47
CA LEU D 134 -31.32 7.61 -28.05
C LEU D 134 -32.16 8.73 -27.43
N THR D 135 -31.97 9.02 -26.13
CA THR D 135 -32.84 9.95 -25.42
C THR D 135 -32.16 11.24 -24.98
N GLU D 136 -30.83 11.26 -24.86
CA GLU D 136 -30.12 12.44 -24.39
C GLU D 136 -29.22 13.05 -25.45
N GLY D 137 -28.26 12.32 -25.97
CA GLY D 137 -27.45 12.85 -27.05
C GLY D 137 -26.15 12.14 -27.28
N ILE D 138 -25.64 12.22 -28.52
CA ILE D 138 -24.34 11.65 -28.85
C ILE D 138 -23.26 12.68 -28.54
N ALA D 139 -22.39 12.33 -27.60
CA ALA D 139 -21.31 13.19 -27.13
C ALA D 139 -21.89 14.54 -26.74
N ASP D 140 -21.25 15.63 -27.15
CA ASP D 140 -21.79 16.96 -26.91
C ASP D 140 -22.46 17.54 -28.15
N THR D 141 -22.78 16.72 -29.15
CA THR D 141 -23.36 17.23 -30.39
C THR D 141 -24.80 17.70 -30.23
N GLY D 142 -25.53 17.17 -29.25
CA GLY D 142 -26.93 17.49 -29.14
C GLY D 142 -27.83 16.69 -30.05
N ILE D 143 -27.26 15.76 -30.82
CA ILE D 143 -27.98 14.87 -31.72
C ILE D 143 -28.27 13.56 -31.00
N LYS D 144 -29.48 13.06 -31.17
CA LYS D 144 -29.82 11.71 -30.74
C LYS D 144 -29.80 10.78 -31.94
N ALA D 145 -29.52 9.51 -31.68
CA ALA D 145 -29.66 8.49 -32.70
C ALA D 145 -31.13 8.12 -32.85
N GLY D 146 -31.57 7.95 -34.09
CA GLY D 146 -32.91 7.47 -34.36
C GLY D 146 -33.04 5.97 -34.52
N VAL D 147 -31.93 5.22 -34.61
CA VAL D 147 -31.97 3.77 -34.75
C VAL D 147 -30.88 3.13 -33.90
N ILE D 148 -31.13 1.88 -33.52
CA ILE D 148 -30.09 1.02 -32.92
C ILE D 148 -29.56 0.10 -34.01
N KCX D 149 -28.24 0.11 -34.19
CA KCX D 149 -27.56 -0.74 -35.14
CB KCX D 149 -26.45 0.04 -35.87
CG KCX D 149 -25.57 -0.79 -36.82
CD KCX D 149 -26.37 -1.40 -37.98
CE KCX D 149 -25.48 -2.12 -38.99
NZ KCX D 149 -24.72 -1.15 -39.86
C KCX D 149 -26.97 -1.97 -34.45
O KCX D 149 -26.24 -1.86 -33.47
CX KCX D 149 -24.19 -1.51 -41.03
OQ1 KCX D 149 -23.58 -0.64 -41.67
OQ2 KCX D 149 -24.30 -2.66 -41.49
N LEU D 150 -27.30 -3.14 -34.99
CA LEU D 150 -26.73 -4.40 -34.50
C LEU D 150 -26.09 -5.10 -35.69
N ALA D 151 -25.20 -6.05 -35.42
CA ALA D 151 -24.53 -6.82 -36.46
C ALA D 151 -24.16 -8.18 -35.90
N SER D 152 -24.16 -9.20 -36.76
CA SER D 152 -23.76 -10.53 -36.35
C SER D 152 -22.76 -11.09 -37.36
N SER D 153 -22.04 -12.13 -36.94
CA SER D 153 -21.01 -12.76 -37.77
C SER D 153 -21.61 -13.79 -38.73
N LYS D 154 -20.77 -14.28 -39.62
CA LYS D 154 -21.19 -15.32 -40.55
C LYS D 154 -21.48 -16.62 -39.80
N GLY D 155 -22.66 -17.18 -40.00
CA GLY D 155 -23.00 -18.48 -39.45
C GLY D 155 -23.39 -18.51 -37.99
N ARG D 156 -23.14 -17.44 -37.24
CA ARG D 156 -23.33 -17.42 -35.80
C ARG D 156 -23.56 -15.99 -35.35
N ILE D 157 -24.41 -15.82 -34.35
CA ILE D 157 -24.40 -14.61 -33.53
C ILE D 157 -23.54 -14.94 -32.32
N THR D 158 -22.31 -14.40 -32.29
CA THR D 158 -21.36 -14.73 -31.24
C THR D 158 -21.88 -14.30 -29.87
N GLU D 159 -21.25 -14.84 -28.83
CA GLU D 159 -21.56 -14.41 -27.47
C GLU D 159 -21.39 -12.91 -27.31
N TYR D 160 -20.30 -12.36 -27.85
CA TYR D 160 -20.12 -10.91 -27.83
C TYR D 160 -21.31 -10.20 -28.46
N GLU D 161 -21.70 -10.63 -29.66
CA GLU D 161 -22.79 -9.97 -30.38
C GLU D 161 -24.11 -10.07 -29.64
N LYS D 162 -24.34 -11.17 -28.91
CA LYS D 162 -25.60 -11.36 -28.19
C LYS D 162 -25.80 -10.32 -27.07
N MET D 163 -24.72 -9.84 -26.45
CA MET D 163 -24.85 -8.75 -25.48
C MET D 163 -25.47 -7.51 -26.11
N PHE D 164 -24.98 -7.13 -27.30
CA PHE D 164 -25.57 -5.99 -28.00
C PHE D 164 -27.02 -6.27 -28.36
N PHE D 165 -27.34 -7.48 -28.83
CA PHE D 165 -28.72 -7.84 -29.15
C PHE D 165 -29.60 -7.77 -27.92
N ARG D 166 -29.14 -8.33 -26.79
CA ARG D 166 -29.92 -8.27 -25.55
C ARG D 166 -30.13 -6.83 -25.08
N ALA D 167 -29.09 -6.00 -25.18
CA ALA D 167 -29.20 -4.62 -24.73
C ALA D 167 -30.07 -3.77 -25.67
N ALA D 168 -30.03 -4.05 -26.97
CA ALA D 168 -30.89 -3.33 -27.90
C ALA D 168 -32.37 -3.65 -27.65
N ALA D 169 -32.67 -4.91 -27.34
CA ALA D 169 -34.05 -5.29 -27.05
C ALA D 169 -34.59 -4.53 -25.85
N ARG D 170 -33.79 -4.41 -24.79
CA ARG D 170 -34.20 -3.62 -23.63
C ARG D 170 -34.44 -2.17 -24.01
N ALA D 171 -33.43 -1.53 -24.61
CA ALA D 171 -33.58 -0.13 -24.99
C ALA D 171 -34.79 0.07 -25.91
N GLN D 172 -35.04 -0.88 -26.81
CA GLN D 172 -36.20 -0.75 -27.69
C GLN D 172 -37.52 -0.85 -26.93
N LYS D 173 -37.62 -1.76 -25.97
CA LYS D 173 -38.88 -1.86 -25.24
C LYS D 173 -39.17 -0.62 -24.41
N GLU D 174 -38.14 0.15 -24.07
CA GLU D 174 -38.28 1.36 -23.27
C GLU D 174 -38.36 2.63 -24.10
N THR D 175 -37.85 2.63 -25.32
CA THR D 175 -37.84 3.81 -26.17
C THR D 175 -38.73 3.68 -27.40
N GLY D 176 -39.12 2.46 -27.77
CA GLY D 176 -39.73 2.25 -29.07
C GLY D 176 -38.86 2.57 -30.27
N ALA D 177 -37.54 2.64 -30.11
CA ALA D 177 -36.66 2.99 -31.21
C ALA D 177 -36.62 1.88 -32.28
N VAL D 178 -36.20 2.25 -33.49
CA VAL D 178 -36.06 1.29 -34.58
C VAL D 178 -34.72 0.56 -34.44
N ILE D 179 -34.73 -0.74 -34.72
CA ILE D 179 -33.54 -1.59 -34.73
C ILE D 179 -33.21 -1.93 -36.18
N ILE D 180 -31.96 -1.68 -36.59
CA ILE D 180 -31.47 -2.01 -37.92
C ILE D 180 -30.26 -2.92 -37.77
N THR D 181 -30.23 -4.01 -38.54
CA THR D 181 -29.16 -5.00 -38.38
C THR D 181 -28.36 -5.21 -39.66
N HIS D 182 -27.23 -5.87 -39.44
CA HIS D 182 -26.31 -6.31 -40.47
C HIS D 182 -26.21 -7.82 -40.36
N THR D 183 -26.51 -8.52 -41.44
CA THR D 183 -26.22 -9.95 -41.52
C THR D 183 -24.98 -10.15 -42.38
N GLN D 184 -24.13 -11.08 -41.97
CA GLN D 184 -22.87 -11.33 -42.64
C GLN D 184 -23.07 -12.46 -43.66
N GLU D 185 -22.76 -12.16 -44.93
CA GLU D 185 -22.73 -13.16 -46.00
C GLU D 185 -24.01 -13.98 -46.06
N GLY D 186 -25.15 -13.32 -45.83
CA GLY D 186 -26.43 -13.96 -46.02
C GLY D 186 -26.79 -15.00 -44.99
N THR D 187 -26.27 -14.88 -43.76
CA THR D 187 -26.58 -15.84 -42.72
C THR D 187 -27.32 -15.15 -41.56
N MET D 188 -27.99 -15.98 -40.76
CA MET D 188 -28.50 -15.62 -39.43
C MET D 188 -29.68 -14.65 -39.48
N GLY D 189 -30.31 -14.47 -40.63
CA GLY D 189 -31.52 -13.68 -40.71
C GLY D 189 -32.64 -14.15 -39.78
N PRO D 190 -33.09 -15.40 -39.93
CA PRO D 190 -34.15 -15.89 -39.04
C PRO D 190 -33.77 -15.86 -37.57
N GLU D 191 -32.49 -16.10 -37.28
CA GLU D 191 -32.04 -16.17 -35.89
C GLU D 191 -31.90 -14.80 -35.25
N GLN D 192 -31.62 -13.75 -36.03
CA GLN D 192 -31.66 -12.38 -35.48
C GLN D 192 -33.08 -11.98 -35.12
N ALA D 193 -34.03 -12.24 -36.01
CA ALA D 193 -35.43 -12.00 -35.68
C ALA D 193 -35.85 -12.83 -34.48
N ALA D 194 -35.51 -14.12 -34.48
CA ALA D 194 -35.92 -14.98 -33.38
C ALA D 194 -35.30 -14.52 -32.06
N TYR D 195 -34.01 -14.18 -32.08
CA TYR D 195 -33.35 -13.82 -30.84
C TYR D 195 -33.81 -12.47 -30.30
N LEU D 196 -34.16 -11.54 -31.19
CA LEU D 196 -34.64 -10.26 -30.69
C LEU D 196 -36.04 -10.41 -30.10
N LEU D 197 -36.90 -11.22 -30.73
CA LEU D 197 -38.25 -11.37 -30.22
C LEU D 197 -38.28 -12.17 -28.93
N GLU D 198 -37.34 -13.11 -28.76
CA GLU D 198 -37.21 -13.79 -27.47
C GLU D 198 -37.09 -12.79 -26.32
N HIS D 199 -36.46 -11.63 -26.56
CA HIS D 199 -36.21 -10.65 -25.51
C HIS D 199 -37.14 -9.44 -25.60
N GLY D 200 -38.35 -9.63 -26.10
CA GLY D 200 -39.37 -8.61 -26.02
C GLY D 200 -39.32 -7.54 -27.08
N ALA D 201 -38.44 -7.67 -28.08
CA ALA D 201 -38.38 -6.66 -29.15
C ALA D 201 -39.61 -6.75 -30.05
N ASP D 202 -39.95 -5.60 -30.64
CA ASP D 202 -41.12 -5.47 -31.51
C ASP D 202 -40.72 -5.76 -32.95
N PRO D 203 -41.21 -6.84 -33.56
CA PRO D 203 -40.86 -7.10 -34.97
C PRO D 203 -41.21 -5.96 -35.90
N LYS D 204 -42.27 -5.21 -35.59
CA LYS D 204 -42.66 -4.08 -36.43
C LYS D 204 -41.70 -2.91 -36.31
N LYS D 205 -40.63 -3.06 -35.52
CA LYS D 205 -39.61 -2.04 -35.38
C LYS D 205 -38.23 -2.57 -35.74
N ILE D 206 -38.15 -3.75 -36.36
CA ILE D 206 -36.89 -4.43 -36.65
C ILE D 206 -36.74 -4.52 -38.16
N VAL D 207 -35.57 -4.10 -38.66
CA VAL D 207 -35.17 -4.30 -40.05
C VAL D 207 -33.98 -5.26 -40.08
N ILE D 208 -34.19 -6.44 -40.66
CA ILE D 208 -33.10 -7.40 -40.86
C ILE D 208 -32.39 -7.02 -42.17
N GLY D 209 -31.13 -6.56 -42.04
CA GLY D 209 -30.42 -5.99 -43.17
C GLY D 209 -29.57 -6.99 -43.95
N HIS D 210 -29.14 -6.56 -45.13
CA HIS D 210 -28.28 -7.35 -46.02
C HIS D 210 -28.92 -8.68 -46.38
N MET D 211 -30.26 -8.73 -46.36
CA MET D 211 -30.93 -9.98 -46.72
C MET D 211 -30.71 -10.30 -48.20
N CYS D 212 -30.41 -9.29 -49.00
CA CYS D 212 -30.05 -9.53 -50.39
C CYS D 212 -28.78 -10.36 -50.52
N GLY D 213 -28.05 -10.55 -49.42
CA GLY D 213 -26.91 -11.45 -49.45
C GLY D 213 -27.30 -12.90 -49.70
N ASN D 214 -28.54 -13.25 -49.42
CA ASN D 214 -29.02 -14.62 -49.58
C ASN D 214 -29.91 -14.73 -50.82
N THR D 215 -29.74 -15.82 -51.56
CA THR D 215 -30.43 -16.03 -52.83
C THR D 215 -31.44 -17.16 -52.76
N ASP D 216 -31.70 -17.70 -51.58
CA ASP D 216 -32.67 -18.78 -51.41
C ASP D 216 -33.97 -18.19 -50.87
N PRO D 217 -35.01 -18.04 -51.70
CA PRO D 217 -36.26 -17.43 -51.22
C PRO D 217 -36.88 -18.16 -50.04
N ASP D 218 -36.48 -19.40 -49.76
CA ASP D 218 -36.94 -20.05 -48.55
C ASP D 218 -36.41 -19.34 -47.31
N TYR D 219 -35.13 -18.95 -47.35
CA TYR D 219 -34.50 -18.23 -46.24
C TYR D 219 -35.19 -16.91 -45.98
N HIS D 220 -35.50 -16.17 -47.05
CA HIS D 220 -36.20 -14.90 -46.90
C HIS D 220 -37.56 -15.08 -46.27
N ARG D 221 -38.36 -16.01 -46.81
CA ARG D 221 -39.70 -16.24 -46.28
C ARG D 221 -39.64 -16.66 -44.82
N LYS D 222 -38.64 -17.46 -44.46
CA LYS D 222 -38.46 -17.81 -43.06
C LYS D 222 -38.24 -16.56 -42.21
N THR D 223 -37.44 -15.61 -42.70
CA THR D 223 -37.23 -14.36 -41.97
C THR D 223 -38.49 -13.52 -41.94
N LEU D 224 -39.26 -13.52 -43.04
CA LEU D 224 -40.43 -12.66 -43.12
C LEU D 224 -41.55 -13.16 -42.20
N ALA D 225 -41.61 -14.46 -41.95
CA ALA D 225 -42.64 -14.99 -41.06
C ALA D 225 -42.55 -14.43 -39.65
N TYR D 226 -41.36 -13.96 -39.23
CA TYR D 226 -41.27 -13.35 -37.91
C TYR D 226 -41.97 -11.98 -37.84
N GLY D 227 -42.45 -11.45 -38.96
CA GLY D 227 -43.11 -10.15 -38.98
C GLY D 227 -42.18 -8.95 -39.09
N VAL D 228 -40.87 -9.17 -39.22
CA VAL D 228 -39.92 -8.07 -39.30
C VAL D 228 -39.84 -7.55 -40.73
N TYR D 229 -39.26 -6.35 -40.88
CA TYR D 229 -38.86 -5.88 -42.19
C TYR D 229 -37.57 -6.58 -42.62
N ILE D 230 -37.34 -6.64 -43.94
CA ILE D 230 -36.03 -7.05 -44.45
C ILE D 230 -35.55 -6.01 -45.46
N ALA D 231 -34.23 -5.93 -45.63
CA ALA D 231 -33.61 -4.90 -46.45
C ALA D 231 -32.77 -5.55 -47.53
N PHE D 232 -33.12 -5.28 -48.80
CA PHE D 232 -32.26 -5.54 -49.95
C PHE D 232 -31.37 -4.32 -50.13
N ASP D 233 -30.34 -4.24 -49.28
CA ASP D 233 -29.69 -2.96 -49.03
C ASP D 233 -28.26 -2.88 -49.58
N ARG D 234 -27.84 -3.82 -50.42
CA ARG D 234 -26.48 -3.74 -50.95
C ARG D 234 -26.46 -3.81 -52.47
N PHE D 235 -27.46 -3.25 -53.13
CA PHE D 235 -27.47 -3.22 -54.58
C PHE D 235 -26.23 -2.50 -55.09
N GLY D 236 -25.51 -3.13 -56.02
CA GLY D 236 -24.28 -2.61 -56.57
C GLY D 236 -23.02 -3.27 -56.01
N ILE D 237 -23.10 -3.89 -54.82
CA ILE D 237 -21.98 -4.65 -54.29
C ILE D 237 -21.98 -6.03 -54.95
N GLN D 238 -20.93 -6.33 -55.73
CA GLN D 238 -20.83 -7.58 -56.45
C GLN D 238 -19.43 -8.18 -56.33
N GLY D 239 -19.36 -9.43 -55.89
CA GLY D 239 -18.10 -10.15 -55.79
C GLY D 239 -17.39 -10.09 -54.45
N MET D 240 -17.33 -8.91 -53.86
CA MET D 240 -16.64 -8.70 -52.60
C MET D 240 -17.53 -9.06 -51.42
N VAL D 241 -16.89 -9.48 -50.31
CA VAL D 241 -17.54 -9.89 -49.07
C VAL D 241 -18.63 -10.94 -49.41
N GLY D 242 -18.28 -11.83 -50.33
CA GLY D 242 -19.18 -12.90 -50.73
C GLY D 242 -20.51 -12.44 -51.28
N ALA D 243 -20.52 -11.32 -52.00
CA ALA D 243 -21.76 -10.78 -52.53
C ALA D 243 -22.29 -11.66 -53.66
N PRO D 244 -23.60 -11.78 -53.79
CA PRO D 244 -24.16 -12.23 -55.06
C PRO D 244 -24.17 -11.07 -56.04
N THR D 245 -24.48 -11.40 -57.30
CA THR D 245 -24.60 -10.33 -58.27
C THR D 245 -25.91 -9.58 -58.06
N ASP D 246 -26.00 -8.39 -58.67
CA ASP D 246 -27.27 -7.69 -58.67
C ASP D 246 -28.37 -8.52 -59.35
N GLU D 247 -28.00 -9.31 -60.35
CA GLU D 247 -29.02 -10.08 -61.06
C GLU D 247 -29.64 -11.12 -60.14
N GLU D 248 -28.84 -11.74 -59.27
CA GLU D 248 -29.38 -12.67 -58.28
C GLU D 248 -30.27 -11.94 -57.26
N ARG D 249 -29.88 -10.71 -56.87
CA ARG D 249 -30.75 -9.87 -56.04
C ARG D 249 -32.13 -9.71 -56.69
N VAL D 250 -32.14 -9.19 -57.93
CA VAL D 250 -33.41 -8.93 -58.60
C VAL D 250 -34.25 -10.20 -58.68
N ARG D 251 -33.60 -11.34 -58.96
CA ARG D 251 -34.33 -12.60 -59.06
C ARG D 251 -34.96 -13.00 -57.72
N THR D 252 -34.25 -12.77 -56.61
CA THR D 252 -34.85 -13.00 -55.29
C THR D 252 -35.94 -11.98 -55.00
N LEU D 253 -35.65 -10.70 -55.25
CA LEU D 253 -36.63 -9.66 -54.93
C LEU D 253 -37.89 -9.84 -55.75
N LEU D 254 -37.76 -10.27 -57.00
CA LEU D 254 -38.95 -10.46 -57.83
C LEU D 254 -39.80 -11.62 -57.32
N ALA D 255 -39.18 -12.65 -56.75
CA ALA D 255 -39.96 -13.74 -56.18
C ALA D 255 -40.77 -13.28 -54.97
N LEU D 256 -40.13 -12.49 -54.09
CA LEU D 256 -40.84 -12.05 -52.88
C LEU D 256 -41.95 -11.06 -53.21
N LEU D 257 -41.70 -10.16 -54.18
CA LEU D 257 -42.74 -9.19 -54.55
C LEU D 257 -43.93 -9.88 -55.17
N ARG D 258 -43.69 -10.85 -56.05
CA ARG D 258 -44.74 -11.66 -56.64
C ARG D 258 -45.42 -12.59 -55.65
N ASP D 259 -44.83 -12.79 -54.46
CA ASP D 259 -45.47 -13.48 -53.35
C ASP D 259 -46.19 -12.52 -52.40
N GLY D 260 -46.14 -11.22 -52.67
CA GLY D 260 -46.91 -10.25 -51.90
C GLY D 260 -46.26 -9.67 -50.67
N TYR D 261 -44.93 -9.78 -50.53
CA TYR D 261 -44.26 -9.38 -49.29
C TYR D 261 -43.82 -7.91 -49.31
N GLU D 262 -44.38 -7.09 -50.20
CA GLU D 262 -43.83 -5.76 -50.44
C GLU D 262 -43.97 -4.81 -49.26
N LYS D 263 -44.83 -5.11 -48.29
CA LYS D 263 -44.98 -4.27 -47.10
C LYS D 263 -43.91 -4.55 -46.04
N GLN D 264 -42.96 -5.45 -46.33
CA GLN D 264 -41.89 -5.77 -45.39
C GLN D 264 -40.49 -5.60 -46.00
N ILE D 265 -40.36 -4.95 -47.15
CA ILE D 265 -39.10 -4.91 -47.88
C ILE D 265 -38.68 -3.47 -48.14
N MET D 266 -37.41 -3.18 -47.92
CA MET D 266 -36.82 -1.89 -48.27
C MET D 266 -35.49 -2.10 -48.99
N LEU D 267 -35.12 -1.11 -49.81
CA LEU D 267 -33.97 -1.19 -50.72
C LEU D 267 -32.94 -0.10 -50.42
N SER D 268 -31.67 -0.44 -50.62
CA SER D 268 -30.56 0.51 -50.52
C SER D 268 -29.29 -0.08 -51.15
N HIS D 269 -28.21 0.69 -51.11
CA HIS D 269 -26.94 0.27 -51.70
C HIS D 269 -25.84 0.02 -50.67
N ASP D 270 -25.97 0.54 -49.45
CA ASP D 270 -24.89 0.42 -48.46
C ASP D 270 -23.63 1.10 -48.96
N THR D 271 -23.78 2.24 -49.64
CA THR D 271 -22.62 2.95 -50.15
C THR D 271 -21.73 3.47 -49.02
N VAL D 272 -20.46 3.67 -49.36
CA VAL D 272 -19.55 4.47 -48.53
C VAL D 272 -19.03 5.59 -49.43
N ASN D 273 -19.55 6.80 -49.22
CA ASN D 273 -19.22 7.92 -50.08
C ASN D 273 -17.92 8.62 -49.73
N VAL D 274 -17.50 8.60 -48.46
CA VAL D 274 -16.17 9.07 -48.07
C VAL D 274 -15.58 8.01 -47.15
N TRP D 275 -14.49 7.38 -47.61
CA TRP D 275 -13.76 6.42 -46.81
C TRP D 275 -12.84 7.14 -45.85
N LEU D 276 -12.79 6.66 -44.62
CA LEU D 276 -11.87 7.21 -43.63
C LEU D 276 -10.59 6.39 -43.61
N GLY D 277 -9.52 7.02 -43.13
CA GLY D 277 -8.21 6.42 -43.29
C GLY D 277 -7.64 6.76 -44.65
N ARG D 278 -6.75 5.90 -45.14
CA ARG D 278 -5.97 6.14 -46.35
C ARG D 278 -6.77 5.75 -47.58
N PRO D 279 -6.75 6.59 -48.63
CA PRO D 279 -7.44 6.23 -49.87
C PRO D 279 -6.88 4.94 -50.45
N PHE D 280 -7.67 4.34 -51.34
CA PHE D 280 -7.31 3.12 -52.05
C PHE D 280 -8.08 3.10 -53.36
N THR D 281 -7.60 2.29 -54.29
CA THR D 281 -8.38 1.93 -55.47
C THR D 281 -8.39 0.42 -55.57
N LEU D 282 -9.56 -0.13 -55.88
CA LEU D 282 -9.72 -1.56 -55.97
C LEU D 282 -9.00 -2.10 -57.20
N PRO D 283 -8.31 -3.25 -57.08
CA PRO D 283 -7.72 -3.89 -58.26
C PRO D 283 -8.79 -4.32 -59.26
N GLU D 284 -8.40 -4.37 -60.54
CA GLU D 284 -9.35 -4.37 -61.67
C GLU D 284 -10.26 -5.59 -61.78
N PRO D 285 -10.03 -6.71 -61.05
CA PRO D 285 -11.11 -7.69 -60.89
C PRO D 285 -12.31 -7.10 -60.15
N PHE D 286 -12.07 -6.70 -58.89
CA PHE D 286 -13.16 -6.17 -58.06
C PHE D 286 -13.68 -4.84 -58.60
N ALA D 287 -12.80 -4.01 -59.17
CA ALA D 287 -13.19 -2.65 -59.52
C ALA D 287 -14.33 -2.64 -60.52
N GLU D 288 -14.21 -3.44 -61.59
CA GLU D 288 -15.26 -3.44 -62.61
C GLU D 288 -16.58 -3.97 -62.06
N MET D 289 -16.54 -5.04 -61.26
CA MET D 289 -17.77 -5.61 -60.72
C MET D 289 -18.47 -4.64 -59.79
N MET D 290 -17.72 -3.73 -59.15
CA MET D 290 -18.25 -2.78 -58.19
C MET D 290 -18.60 -1.42 -58.80
N LYS D 291 -18.61 -1.30 -60.13
CA LYS D 291 -18.72 0.02 -60.76
C LYS D 291 -20.08 0.67 -60.53
N ASN D 292 -21.10 -0.10 -60.17
CA ASN D 292 -22.43 0.44 -59.95
C ASN D 292 -22.72 0.77 -58.50
N TRP D 293 -21.72 0.65 -57.61
CA TRP D 293 -21.89 0.91 -56.18
C TRP D 293 -21.86 2.42 -55.90
N HIS D 294 -23.00 3.06 -56.13
CA HIS D 294 -23.17 4.48 -55.87
C HIS D 294 -24.65 4.75 -55.61
N VAL D 295 -24.94 5.94 -55.08
CA VAL D 295 -26.28 6.23 -54.56
C VAL D 295 -27.35 6.34 -55.63
N GLU D 296 -27.00 6.32 -56.91
CA GLU D 296 -27.97 6.42 -57.99
C GLU D 296 -28.29 5.08 -58.64
N HIS D 297 -27.60 4.01 -58.24
CA HIS D 297 -27.77 2.71 -58.89
C HIS D 297 -29.23 2.26 -58.90
N LEU D 298 -29.90 2.31 -57.74
CA LEU D 298 -31.27 1.80 -57.65
C LEU D 298 -32.18 2.52 -58.63
N PHE D 299 -32.00 3.82 -58.81
CA PHE D 299 -32.92 4.63 -59.60
C PHE D 299 -32.54 4.68 -61.08
N VAL D 300 -31.25 4.56 -61.39
CA VAL D 300 -30.81 4.57 -62.77
C VAL D 300 -30.96 3.19 -63.42
N ASN D 301 -30.67 2.10 -62.68
CA ASN D 301 -30.58 0.77 -63.28
C ASN D 301 -31.56 -0.23 -62.70
N ILE D 302 -31.66 -0.35 -61.37
CA ILE D 302 -32.44 -1.42 -60.76
C ILE D 302 -33.93 -1.21 -61.01
N ILE D 303 -34.45 -0.06 -60.61
CA ILE D 303 -35.88 0.21 -60.64
C ILE D 303 -36.42 0.33 -62.07
N PRO D 304 -35.63 0.79 -63.05
CA PRO D 304 -36.08 0.62 -64.45
C PRO D 304 -36.19 -0.82 -64.89
N ALA D 305 -35.34 -1.71 -64.40
CA ALA D 305 -35.47 -3.13 -64.75
C ALA D 305 -36.65 -3.77 -64.01
N LEU D 306 -36.93 -3.31 -62.78
CA LEU D 306 -38.10 -3.81 -62.06
C LEU D 306 -39.40 -3.45 -62.78
N LYS D 307 -39.54 -2.18 -63.19
CA LYS D 307 -40.72 -1.76 -63.93
C LYS D 307 -40.91 -2.58 -65.19
N ASN D 308 -39.82 -2.78 -65.95
CA ASN D 308 -39.87 -3.63 -67.14
C ASN D 308 -40.18 -5.08 -66.81
N GLU D 309 -40.16 -5.45 -65.53
CA GLU D 309 -40.48 -6.79 -65.10
C GLU D 309 -41.87 -6.88 -64.49
N GLY D 310 -42.65 -5.80 -64.57
CA GLY D 310 -44.03 -5.78 -64.12
C GLY D 310 -44.29 -4.92 -62.89
N ILE D 311 -43.25 -4.61 -62.12
CA ILE D 311 -43.46 -3.99 -60.80
C ILE D 311 -44.05 -2.59 -60.99
N ARG D 312 -45.15 -2.33 -60.30
CA ARG D 312 -45.92 -1.11 -60.48
C ARG D 312 -45.56 -0.06 -59.44
N ASP D 313 -45.92 1.19 -59.76
CA ASP D 313 -45.52 2.34 -58.94
C ASP D 313 -45.97 2.21 -57.48
N GLU D 314 -47.16 1.61 -57.27
CA GLU D 314 -47.68 1.50 -55.90
C GLU D 314 -46.84 0.57 -55.05
N VAL D 315 -46.23 -0.45 -55.67
CA VAL D 315 -45.35 -1.35 -54.96
C VAL D 315 -44.03 -0.66 -54.62
N LEU D 316 -43.45 0.04 -55.60
CA LEU D 316 -42.23 0.82 -55.36
C LEU D 316 -42.46 1.88 -54.30
N GLU D 317 -43.56 2.65 -54.43
CA GLU D 317 -43.88 3.67 -53.43
C GLU D 317 -44.11 3.07 -52.05
N GLN D 318 -44.59 1.83 -51.99
CA GLN D 318 -44.73 1.16 -50.70
C GLN D 318 -43.36 0.89 -50.07
N MET D 319 -42.39 0.43 -50.86
CA MET D 319 -41.09 0.09 -50.30
C MET D 319 -40.34 1.33 -49.85
N PHE D 320 -40.38 2.40 -50.66
CA PHE D 320 -39.60 3.62 -50.43
C PHE D 320 -40.28 4.65 -49.54
N ILE D 321 -41.61 4.60 -49.38
CA ILE D 321 -42.32 5.63 -48.63
C ILE D 321 -43.18 4.99 -47.55
N GLY D 322 -44.14 4.15 -47.97
CA GLY D 322 -45.00 3.50 -47.00
C GLY D 322 -44.22 2.77 -45.91
N ASN D 323 -43.26 1.92 -46.31
CA ASN D 323 -42.52 1.10 -45.36
C ASN D 323 -41.70 1.91 -44.36
N PRO D 324 -40.89 2.92 -44.75
CA PRO D 324 -40.25 3.74 -43.72
C PRO D 324 -41.25 4.45 -42.81
N ALA D 325 -42.35 4.92 -43.38
CA ALA D 325 -43.33 5.67 -42.60
C ALA D 325 -43.91 4.81 -41.48
N ALA D 326 -44.17 3.53 -41.75
CA ALA D 326 -44.71 2.67 -40.71
C ALA D 326 -43.62 2.17 -39.78
N LEU D 327 -42.40 2.01 -40.30
CA LEU D 327 -41.30 1.51 -39.48
C LEU D 327 -41.05 2.43 -38.29
N PHE D 328 -40.89 3.72 -38.56
CA PHE D 328 -40.65 4.71 -37.52
C PHE D 328 -41.93 5.23 -36.86
N SER D 329 -43.06 4.55 -37.04
CA SER D 329 -44.31 5.03 -36.42
C SER D 329 -44.88 4.05 -35.39
FE FE E . 5.70 9.31 20.27
ZN ZN F . 3.29 9.97 22.49
O OH G . 4.05 8.39 21.30
FE FE H . 14.29 -8.31 46.95
ZN ZN I . 10.98 -8.21 47.00
O OH J . 12.58 -6.88 47.71
FE FE K . 1.87 -2.02 -22.72
ZN ZN L . 1.76 -5.17 -24.25
O OH M . 0.84 -3.85 -22.75
FE FE N . -23.65 -0.54 -43.83
ZN ZN O . -23.55 -3.86 -42.74
O OH P . -22.52 -2.42 -44.08
#